data_2PRR
#
_entry.id   2PRR
#
_cell.length_a   65.105
_cell.length_b   93.953
_cell.length_c   120.898
_cell.angle_alpha   84.260
_cell.angle_beta   81.640
_cell.angle_gamma   77.730
#
_symmetry.space_group_name_H-M   'P 1'
#
loop_
_entity.id
_entity.type
_entity.pdbx_description
1 polymer 'Alkylhydroperoxidase AhpD core: uncharacterized peroxidase-related protein'
2 non-polymer DI(HYDROXYETHYL)ETHER
3 non-polymer 'TRIETHYLENE GLYCOL'
4 water water
#
_entity_poly.entity_id   1
_entity_poly.type   'polypeptide(L)'
_entity_poly.pdbx_seq_one_letter_code
;G(MSE)TRPAHPISRYPVPELAALPDDIRQRILEVQDKAGFVPNVFLTLAHRPDEFRAFFAYHDAL(MSE)LKDGGLTKG
ERE(MSE)IVVATSAANQCLYCVVAHGAILRIYEKKPLVADQVAVNYLKADIPPRQRA(MSE)LDFALKVCKASHEVNEA
DFEALREHGFTDEDAWDIAAITAFFGLSNR(MSE)ANTIG(MSE)RPNDEFFL(MSE)GRVPKSK
;
_entity_poly.pdbx_strand_id   A,B,C,D,E,F,G,H,I,J,K,L
#
# COMPACT_ATOMS: atom_id res chain seq x y z
N ALA A 6 -25.03 2.57 13.61
CA ALA A 6 -25.79 1.71 12.66
C ALA A 6 -24.89 0.65 12.02
N HIS A 7 -25.51 -0.45 11.60
CA HIS A 7 -24.79 -1.52 10.95
C HIS A 7 -24.41 -1.06 9.55
N PRO A 8 -23.19 -1.33 9.10
CA PRO A 8 -22.90 -0.96 7.70
C PRO A 8 -23.81 -1.67 6.68
N ILE A 9 -24.20 -0.98 5.62
CA ILE A 9 -25.10 -1.55 4.63
C ILE A 9 -24.33 -2.17 3.45
N SER A 10 -23.02 -1.99 3.45
CA SER A 10 -22.17 -2.52 2.39
C SER A 10 -20.71 -2.62 2.84
N ARG A 11 -19.95 -3.49 2.20
CA ARG A 11 -18.51 -3.60 2.44
C ARG A 11 -17.77 -2.38 1.82
N TYR A 12 -18.42 -1.83 0.79
CA TYR A 12 -17.92 -0.75 0.01
C TYR A 12 -18.46 0.63 0.42
N PRO A 13 -17.88 1.68 -0.18
CA PRO A 13 -18.36 3.02 0.09
C PRO A 13 -19.79 3.26 -0.40
N VAL A 14 -20.55 4.02 0.40
CA VAL A 14 -21.90 4.43 0.04
C VAL A 14 -21.79 5.93 -0.27
N PRO A 15 -21.89 6.31 -1.56
CA PRO A 15 -21.77 7.72 -1.91
C PRO A 15 -22.88 8.62 -1.36
N GLU A 16 -22.56 9.87 -1.01
CA GLU A 16 -23.57 10.82 -0.53
C GLU A 16 -24.37 11.33 -1.73
N LEU A 17 -25.61 11.76 -1.52
CA LEU A 17 -26.42 12.24 -2.64
C LEU A 17 -25.77 13.35 -3.39
N ALA A 18 -25.36 14.39 -2.67
CA ALA A 18 -24.71 15.56 -3.25
C ALA A 18 -23.60 15.21 -4.21
N ALA A 19 -22.87 14.13 -3.92
CA ALA A 19 -21.77 13.66 -4.74
C ALA A 19 -22.16 12.89 -6.01
N LEU A 20 -23.42 12.47 -6.14
CA LEU A 20 -23.84 11.67 -7.28
C LEU A 20 -24.39 12.45 -8.46
N PRO A 21 -24.23 11.89 -9.69
CA PRO A 21 -24.87 12.43 -10.88
C PRO A 21 -26.35 12.69 -10.62
N ASP A 22 -26.90 13.74 -11.23
CA ASP A 22 -28.25 14.12 -10.89
C ASP A 22 -29.27 13.11 -11.36
N ASP A 23 -29.06 12.47 -12.50
CA ASP A 23 -30.01 11.44 -12.96
C ASP A 23 -30.12 10.27 -11.96
N ILE A 24 -28.97 9.85 -11.45
CA ILE A 24 -28.87 8.80 -10.45
C ILE A 24 -29.53 9.26 -9.18
N ARG A 25 -29.30 10.52 -8.82
CA ARG A 25 -29.90 11.14 -7.63
C ARG A 25 -31.43 11.24 -7.70
N GLN A 26 -31.95 11.40 -8.91
CA GLN A 26 -33.39 11.48 -9.08
C GLN A 26 -34.07 10.12 -8.90
N ARG A 27 -33.48 9.03 -9.39
CA ARG A 27 -34.06 7.72 -9.16
C ARG A 27 -34.08 7.40 -7.68
N ILE A 28 -33.03 7.78 -6.98
CA ILE A 28 -32.91 7.55 -5.56
C ILE A 28 -33.94 8.36 -4.82
N LEU A 29 -34.08 9.63 -5.16
CA LEU A 29 -35.06 10.50 -4.49
C LEU A 29 -36.50 10.13 -4.88
N GLU A 30 -36.69 9.58 -6.08
CA GLU A 30 -38.00 9.11 -6.54
C GLU A 30 -38.49 7.98 -5.67
N VAL A 31 -37.61 7.03 -5.36
CA VAL A 31 -37.99 5.90 -4.50
C VAL A 31 -38.13 6.33 -3.03
N GLN A 32 -37.40 7.36 -2.62
CA GLN A 32 -37.55 7.89 -1.28
C GLN A 32 -38.99 8.31 -1.09
N ASP A 33 -39.58 8.96 -2.09
CA ASP A 33 -40.97 9.40 -2.04
C ASP A 33 -41.92 8.22 -2.14
N LYS A 34 -41.59 7.25 -2.97
CA LYS A 34 -42.46 6.10 -3.19
C LYS A 34 -42.54 5.24 -1.95
N ALA A 35 -41.41 4.96 -1.31
CA ALA A 35 -41.36 4.07 -0.17
C ALA A 35 -41.32 4.72 1.20
N GLY A 36 -40.81 5.94 1.29
CA GLY A 36 -40.63 6.61 2.57
C GLY A 36 -39.25 6.36 3.16
N PHE A 37 -38.40 5.64 2.41
CA PHE A 37 -37.00 5.35 2.77
C PHE A 37 -36.33 4.92 1.48
N VAL A 38 -35.01 4.83 1.46
CA VAL A 38 -34.31 4.36 0.24
C VAL A 38 -33.77 2.94 0.42
N PRO A 39 -34.33 1.98 -0.33
CA PRO A 39 -33.75 0.62 -0.25
C PRO A 39 -32.23 0.62 -0.46
N ASN A 40 -31.50 -0.13 0.35
CA ASN A 40 -30.06 -0.11 0.28
C ASN A 40 -29.51 -0.56 -1.06
N VAL A 41 -30.32 -1.21 -1.89
CA VAL A 41 -29.82 -1.60 -3.23
C VAL A 41 -29.37 -0.38 -4.04
N PHE A 42 -30.17 0.71 -3.93
CA PHE A 42 -29.92 1.97 -4.61
C PHE A 42 -28.65 2.65 -4.13
N LEU A 43 -28.61 2.89 -2.82
CA LEU A 43 -27.51 3.54 -2.15
C LEU A 43 -26.18 2.82 -2.29
N THR A 44 -26.22 1.50 -2.29
CA THR A 44 -24.99 0.72 -2.34
C THR A 44 -24.47 0.52 -3.73
N LEU A 45 -25.34 0.39 -4.73
CA LEU A 45 -24.89 0.22 -6.14
C LEU A 45 -24.46 1.50 -6.81
N ALA A 46 -24.84 2.62 -6.20
CA ALA A 46 -24.48 3.95 -6.64
C ALA A 46 -22.97 4.19 -6.54
N HIS A 47 -22.26 3.33 -5.81
CA HIS A 47 -20.82 3.36 -5.73
C HIS A 47 -20.29 3.24 -7.13
N ARG A 48 -21.00 2.56 -8.03
CA ARG A 48 -20.59 2.44 -9.46
C ARG A 48 -21.73 2.89 -10.37
N PRO A 49 -21.84 4.20 -10.62
CA PRO A 49 -22.94 4.81 -11.39
C PRO A 49 -23.24 4.17 -12.76
N ASP A 50 -22.25 3.74 -13.52
CA ASP A 50 -22.57 3.09 -14.80
C ASP A 50 -23.35 1.78 -14.63
N GLU A 51 -23.06 1.09 -13.55
CA GLU A 51 -23.68 -0.17 -13.25
C GLU A 51 -25.03 0.06 -12.62
N PHE A 52 -25.18 1.11 -11.83
CA PHE A 52 -26.48 1.54 -11.24
C PHE A 52 -27.49 1.73 -12.36
N ARG A 53 -27.03 2.42 -13.41
CA ARG A 53 -27.85 2.70 -14.56
C ARG A 53 -28.24 1.44 -15.33
N ALA A 54 -27.25 0.60 -15.66
CA ALA A 54 -27.50 -0.65 -16.39
C ALA A 54 -28.40 -1.59 -15.56
N PHE A 55 -28.13 -1.65 -14.27
CA PHE A 55 -28.89 -2.46 -13.32
C PHE A 55 -30.36 -2.10 -13.23
N PHE A 56 -30.67 -0.84 -12.95
CA PHE A 56 -32.05 -0.43 -12.77
C PHE A 56 -32.81 -0.33 -14.08
N ALA A 57 -32.09 -0.09 -15.16
CA ALA A 57 -32.68 -0.12 -16.46
C ALA A 57 -33.20 -1.53 -16.70
N TYR A 58 -32.34 -2.52 -16.49
CA TYR A 58 -32.71 -3.94 -16.69
C TYR A 58 -33.83 -4.35 -15.76
N HIS A 59 -33.74 -3.96 -14.49
CA HIS A 59 -34.79 -4.27 -13.53
C HIS A 59 -36.15 -3.78 -14.03
N ASP A 60 -36.19 -2.53 -14.46
CA ASP A 60 -37.44 -1.95 -14.92
C ASP A 60 -37.95 -2.60 -16.21
N ALA A 61 -37.06 -3.11 -17.03
CA ALA A 61 -37.48 -3.78 -18.26
C ALA A 61 -38.24 -5.09 -17.99
N LEU A 62 -38.01 -5.69 -16.83
CA LEU A 62 -38.58 -6.97 -16.46
C LEU A 62 -39.73 -6.86 -15.51
N LEU A 64 -41.51 -4.00 -14.74
CA LEU A 64 -42.50 -3.00 -15.07
C LEU A 64 -43.16 -3.29 -16.41
N LYS A 65 -42.68 -4.26 -17.17
CA LYS A 65 -43.30 -4.54 -18.44
C LYS A 65 -44.72 -5.04 -18.20
N ASP A 66 -45.59 -4.82 -19.18
CA ASP A 66 -46.92 -5.40 -19.16
C ASP A 66 -46.63 -6.79 -19.76
N GLY A 67 -47.22 -7.84 -19.18
CA GLY A 67 -46.99 -9.18 -19.72
C GLY A 67 -47.77 -10.28 -19.03
N GLY A 68 -47.36 -11.52 -19.29
CA GLY A 68 -48.03 -12.68 -18.73
C GLY A 68 -48.00 -12.83 -17.22
N LEU A 69 -46.89 -12.50 -16.58
CA LEU A 69 -46.78 -12.74 -15.14
C LEU A 69 -47.33 -11.59 -14.35
N THR A 70 -48.13 -11.90 -13.33
CA THR A 70 -48.65 -10.84 -12.47
C THR A 70 -47.50 -10.20 -11.72
N LYS A 71 -47.74 -9.03 -11.17
CA LYS A 71 -46.72 -8.34 -10.40
C LYS A 71 -46.30 -9.17 -9.17
N GLY A 72 -47.23 -9.86 -8.54
CA GLY A 72 -46.88 -10.72 -7.39
C GLY A 72 -46.12 -11.97 -7.82
N GLU A 73 -46.48 -12.50 -8.98
CA GLU A 73 -45.83 -13.64 -9.53
C GLU A 73 -44.36 -13.36 -9.82
N ARG A 74 -44.05 -12.17 -10.33
CA ARG A 74 -42.64 -11.77 -10.60
C ARG A 74 -41.84 -11.75 -9.30
N GLU A 75 -42.42 -11.19 -8.24
CA GLU A 75 -41.77 -11.16 -6.92
C GLU A 75 -41.54 -12.56 -6.33
N ILE A 77 -40.91 -15.30 -8.05
CA ILE A 77 -39.72 -15.84 -8.68
C ILE A 77 -38.47 -15.34 -7.98
N VAL A 78 -38.45 -14.05 -7.62
CA VAL A 78 -37.29 -13.45 -6.99
C VAL A 78 -37.04 -14.09 -5.63
N VAL A 79 -38.07 -14.16 -4.78
CA VAL A 79 -37.89 -14.71 -3.42
C VAL A 79 -37.43 -16.18 -3.41
N ALA A 80 -38.02 -17.01 -4.26
CA ALA A 80 -37.66 -18.43 -4.31
C ALA A 80 -36.24 -18.67 -4.82
N THR A 81 -35.86 -17.92 -5.85
CA THR A 81 -34.53 -18.06 -6.44
C THR A 81 -33.52 -17.36 -5.55
N SER A 82 -33.89 -16.25 -4.93
CA SER A 82 -33.00 -15.59 -3.99
C SER A 82 -32.78 -16.50 -2.78
N ALA A 83 -33.83 -17.17 -2.32
CA ALA A 83 -33.72 -18.11 -1.21
C ALA A 83 -32.69 -19.25 -1.48
N ALA A 84 -32.55 -19.64 -2.76
CA ALA A 84 -31.66 -20.72 -3.20
C ALA A 84 -30.18 -20.31 -3.44
N ASN A 85 -29.96 -19.00 -3.66
CA ASN A 85 -28.66 -18.36 -3.63
C ASN A 85 -28.45 -17.73 -2.20
N GLN A 86 -29.29 -18.14 -1.28
CA GLN A 86 -29.24 -17.60 0.10
C GLN A 86 -28.79 -16.19 0.13
N CYS A 87 -29.54 -15.33 -0.54
CA CYS A 87 -29.33 -13.89 -0.57
C CYS A 87 -30.14 -13.22 0.52
N LEU A 88 -29.50 -12.74 1.56
CA LEU A 88 -30.25 -12.13 2.65
C LEU A 88 -31.07 -10.92 2.16
N TYR A 89 -30.40 -10.02 1.45
CA TYR A 89 -31.02 -8.80 1.00
C TYR A 89 -32.27 -9.02 0.16
N CYS A 90 -32.12 -9.72 -0.95
CA CYS A 90 -33.20 -9.93 -1.87
C CYS A 90 -34.35 -10.73 -1.28
N VAL A 91 -34.03 -11.74 -0.47
CA VAL A 91 -35.11 -12.57 0.09
C VAL A 91 -35.98 -11.68 0.95
N VAL A 92 -35.35 -10.88 1.79
CA VAL A 92 -36.07 -10.04 2.75
C VAL A 92 -36.83 -8.88 2.09
N ALA A 93 -36.16 -8.17 1.17
CA ALA A 93 -36.71 -7.05 0.44
C ALA A 93 -37.89 -7.42 -0.45
N HIS A 94 -37.74 -8.48 -1.22
CA HIS A 94 -38.79 -8.89 -2.15
C HIS A 94 -39.88 -9.71 -1.55
N GLY A 95 -39.57 -10.31 -0.40
CA GLY A 95 -40.53 -11.00 0.38
C GLY A 95 -41.54 -9.96 0.82
N ALA A 96 -41.04 -8.80 1.24
CA ALA A 96 -41.90 -7.68 1.67
C ALA A 96 -42.86 -7.24 0.56
N ILE A 97 -42.32 -7.10 -0.63
CA ILE A 97 -43.09 -6.67 -1.79
C ILE A 97 -44.10 -7.76 -2.15
N LEU A 98 -43.64 -9.01 -2.21
CA LEU A 98 -44.53 -10.15 -2.49
C LEU A 98 -45.75 -10.14 -1.57
N ARG A 99 -45.55 -9.89 -0.29
CA ARG A 99 -46.65 -9.84 0.67
C ARG A 99 -47.66 -8.77 0.31
N ILE A 100 -47.16 -7.61 -0.12
N ILE A 100 -47.17 -7.64 -0.14
CA ILE A 100 -48.00 -6.50 -0.50
CA ILE A 100 -48.04 -6.52 -0.49
C ILE A 100 -48.78 -6.84 -1.76
C ILE A 100 -48.78 -6.81 -1.78
N TYR A 101 -48.07 -7.21 -2.82
CA TYR A 101 -48.71 -7.54 -4.11
C TYR A 101 -49.73 -8.67 -4.06
N GLU A 102 -49.47 -9.72 -3.31
CA GLU A 102 -50.44 -10.81 -3.20
C GLU A 102 -51.46 -10.56 -2.09
N LYS A 103 -51.18 -9.62 -1.18
CA LYS A 103 -52.04 -9.38 -0.02
C LYS A 103 -52.19 -10.69 0.77
N LYS A 104 -51.07 -11.39 0.92
CA LYS A 104 -50.96 -12.67 1.62
C LYS A 104 -49.72 -12.60 2.50
N PRO A 105 -49.90 -12.23 3.79
CA PRO A 105 -48.81 -12.03 4.76
C PRO A 105 -47.90 -13.23 5.09
N LEU A 106 -48.33 -14.45 4.72
CA LEU A 106 -47.60 -15.68 5.01
C LEU A 106 -46.81 -16.23 3.83
N VAL A 107 -47.27 -15.93 2.63
CA VAL A 107 -46.74 -16.58 1.42
C VAL A 107 -45.26 -16.37 1.13
N ALA A 108 -44.68 -15.27 1.57
CA ALA A 108 -43.30 -15.00 1.28
C ALA A 108 -42.36 -15.92 2.07
N ASP A 109 -42.64 -16.08 3.36
CA ASP A 109 -41.83 -16.94 4.21
C ASP A 109 -41.95 -18.37 3.76
N GLN A 110 -43.15 -18.75 3.34
CA GLN A 110 -43.42 -20.07 2.82
C GLN A 110 -42.60 -20.32 1.54
N VAL A 111 -42.61 -19.35 0.63
CA VAL A 111 -41.84 -19.48 -0.65
C VAL A 111 -40.29 -19.48 -0.43
N ALA A 112 -39.87 -18.73 0.59
CA ALA A 112 -38.48 -18.59 0.96
C ALA A 112 -37.91 -19.86 1.60
N VAL A 113 -38.74 -20.55 2.36
CA VAL A 113 -38.30 -21.77 3.04
C VAL A 113 -38.51 -23.02 2.20
N ASN A 114 -39.70 -23.13 1.63
CA ASN A 114 -40.09 -24.29 0.84
C ASN A 114 -41.31 -23.96 -0.03
N TYR A 115 -41.07 -23.47 -1.26
CA TYR A 115 -42.15 -23.09 -2.14
C TYR A 115 -43.05 -24.26 -2.43
N LEU A 116 -42.54 -25.47 -2.34
CA LEU A 116 -43.32 -26.67 -2.59
C LEU A 116 -44.48 -26.74 -1.61
N LYS A 117 -44.34 -26.09 -0.46
CA LYS A 117 -45.40 -26.05 0.52
C LYS A 117 -46.01 -24.67 0.78
N ALA A 118 -45.91 -23.75 -0.16
CA ALA A 118 -46.51 -22.42 0.05
C ALA A 118 -47.95 -22.47 -0.37
N ASP A 119 -48.74 -21.50 0.08
CA ASP A 119 -50.17 -21.47 -0.24
C ASP A 119 -50.37 -20.89 -1.63
N ILE A 120 -50.01 -21.66 -2.66
CA ILE A 120 -50.04 -21.15 -4.04
C ILE A 120 -50.61 -22.19 -5.03
N PRO A 121 -51.31 -21.73 -6.06
CA PRO A 121 -51.87 -22.70 -6.99
C PRO A 121 -50.80 -23.51 -7.72
N PRO A 122 -51.18 -24.65 -8.30
CA PRO A 122 -50.27 -25.45 -9.13
C PRO A 122 -49.57 -24.65 -10.23
N ARG A 123 -50.26 -23.67 -10.82
CA ARG A 123 -49.65 -22.78 -11.83
C ARG A 123 -48.40 -22.10 -11.31
N GLN A 124 -48.49 -21.56 -10.10
CA GLN A 124 -47.40 -20.84 -9.49
C GLN A 124 -46.29 -21.78 -9.03
N ARG A 125 -46.63 -23.01 -8.69
CA ARG A 125 -45.63 -24.02 -8.35
C ARG A 125 -44.83 -24.38 -9.60
N ALA A 126 -45.52 -24.64 -10.71
CA ALA A 126 -44.86 -24.97 -11.99
C ALA A 126 -43.95 -23.84 -12.42
N LEU A 128 -42.37 -21.64 -10.57
CA LEU A 128 -41.19 -21.71 -9.72
C LEU A 128 -40.35 -22.97 -9.89
N ASP A 129 -40.93 -24.09 -10.31
CA ASP A 129 -40.12 -25.25 -10.67
C ASP A 129 -39.21 -24.85 -11.77
N PHE A 130 -39.72 -24.15 -12.81
CA PHE A 130 -38.91 -23.71 -14.00
C PHE A 130 -37.86 -22.64 -13.60
N ALA A 131 -38.28 -21.69 -12.76
CA ALA A 131 -37.39 -20.66 -12.24
C ALA A 131 -36.17 -21.29 -11.57
N LEU A 132 -36.41 -22.28 -10.71
CA LEU A 132 -35.33 -22.95 -10.01
C LEU A 132 -34.48 -23.78 -10.93
N LYS A 133 -35.01 -24.24 -12.05
CA LYS A 133 -34.17 -24.96 -13.02
C LYS A 133 -33.22 -24.00 -13.74
N VAL A 134 -33.72 -22.83 -14.12
CA VAL A 134 -32.87 -21.82 -14.74
C VAL A 134 -31.80 -21.35 -13.72
N CYS A 135 -32.25 -21.18 -12.49
CA CYS A 135 -31.42 -20.74 -11.42
C CYS A 135 -30.29 -21.63 -11.08
N LYS A 136 -30.51 -22.95 -11.07
CA LYS A 136 -29.44 -23.89 -10.72
C LYS A 136 -28.99 -24.81 -11.84
N ALA A 137 -29.78 -24.95 -12.91
CA ALA A 137 -29.41 -25.91 -13.96
C ALA A 137 -29.94 -25.50 -15.32
N SER A 138 -29.64 -24.27 -15.72
CA SER A 138 -30.14 -23.73 -16.97
C SER A 138 -29.67 -24.52 -18.17
N HIS A 139 -28.53 -25.19 -18.06
CA HIS A 139 -27.97 -25.95 -19.19
C HIS A 139 -28.82 -27.17 -19.57
N GLU A 140 -29.66 -27.59 -18.63
CA GLU A 140 -30.57 -28.70 -18.85
C GLU A 140 -31.98 -28.29 -19.30
N VAL A 141 -32.20 -27.00 -19.53
CA VAL A 141 -33.50 -26.52 -19.95
C VAL A 141 -33.79 -27.10 -21.36
N ASN A 142 -34.95 -27.75 -21.50
CA ASN A 142 -35.41 -28.41 -22.72
C ASN A 142 -36.89 -28.08 -23.06
N GLU A 143 -37.38 -28.61 -24.18
CA GLU A 143 -38.76 -28.40 -24.62
C GLU A 143 -39.83 -28.92 -23.67
N ALA A 144 -39.53 -29.98 -22.95
CA ALA A 144 -40.46 -30.52 -21.99
C ALA A 144 -40.66 -29.54 -20.85
N ASP A 145 -39.68 -28.67 -20.60
CA ASP A 145 -39.79 -27.63 -19.57
C ASP A 145 -40.84 -26.57 -19.93
N PHE A 146 -40.82 -26.18 -21.22
CA PHE A 146 -41.74 -25.21 -21.80
C PHE A 146 -43.12 -25.81 -21.93
N GLU A 147 -43.16 -27.07 -22.36
CA GLU A 147 -44.42 -27.82 -22.43
C GLU A 147 -45.11 -27.85 -21.08
N ALA A 148 -44.39 -28.12 -20.00
CA ALA A 148 -45.01 -28.11 -18.66
C ALA A 148 -45.60 -26.77 -18.29
N LEU A 149 -44.90 -25.71 -18.68
CA LEU A 149 -45.33 -24.34 -18.38
C LEU A 149 -46.61 -23.96 -19.10
N ARG A 150 -46.67 -24.28 -20.39
CA ARG A 150 -47.83 -24.03 -21.24
C ARG A 150 -49.12 -24.61 -20.72
N GLU A 151 -49.04 -25.77 -20.07
CA GLU A 151 -50.18 -26.44 -19.46
C GLU A 151 -50.87 -25.57 -18.42
N HIS A 152 -50.12 -24.65 -17.80
CA HIS A 152 -50.62 -23.72 -16.75
C HIS A 152 -50.97 -22.30 -17.22
N GLY A 153 -50.80 -22.04 -18.52
CA GLY A 153 -51.12 -20.78 -19.12
C GLY A 153 -49.98 -19.84 -19.42
N PHE A 154 -48.75 -20.32 -19.30
CA PHE A 154 -47.57 -19.51 -19.60
C PHE A 154 -47.16 -19.70 -21.08
N THR A 155 -47.15 -18.64 -21.85
CA THR A 155 -46.70 -18.69 -23.24
C THR A 155 -45.18 -18.78 -23.27
N ASP A 156 -44.59 -18.92 -24.44
CA ASP A 156 -43.14 -18.96 -24.54
C ASP A 156 -42.59 -17.62 -24.17
N GLU A 157 -43.34 -16.57 -24.46
CA GLU A 157 -42.95 -15.23 -24.07
C GLU A 157 -43.05 -15.06 -22.55
N ASP A 158 -43.95 -15.77 -21.89
CA ASP A 158 -44.00 -15.75 -20.41
C ASP A 158 -42.84 -16.57 -19.84
N ALA A 159 -42.48 -17.70 -20.46
CA ALA A 159 -41.35 -18.49 -20.01
C ALA A 159 -40.07 -17.65 -20.08
N TRP A 160 -39.87 -16.91 -21.18
CA TRP A 160 -38.75 -15.97 -21.26
C TRP A 160 -38.81 -15.00 -20.07
N ASP A 161 -39.97 -14.46 -19.72
CA ASP A 161 -40.03 -13.53 -18.61
C ASP A 161 -39.56 -14.17 -17.30
N ILE A 162 -39.96 -15.41 -17.08
CA ILE A 162 -39.58 -16.13 -15.85
C ILE A 162 -38.06 -16.32 -15.83
N ALA A 163 -37.53 -16.89 -16.91
CA ALA A 163 -36.12 -17.10 -17.03
C ALA A 163 -35.33 -15.80 -16.90
N ALA A 164 -35.85 -14.74 -17.50
CA ALA A 164 -35.17 -13.44 -17.53
C ALA A 164 -35.09 -12.87 -16.14
N ILE A 165 -36.20 -12.95 -15.38
CA ILE A 165 -36.20 -12.51 -14.00
C ILE A 165 -35.18 -13.32 -13.23
N THR A 166 -35.27 -14.64 -13.31
CA THR A 166 -34.33 -15.52 -12.61
C THR A 166 -32.88 -15.12 -12.82
N ALA A 167 -32.51 -14.97 -14.10
CA ALA A 167 -31.19 -14.61 -14.54
C ALA A 167 -30.70 -13.28 -14.00
N PHE A 168 -31.50 -12.24 -14.16
CA PHE A 168 -31.16 -10.92 -13.64
C PHE A 168 -31.03 -10.89 -12.10
N PHE A 169 -31.90 -11.57 -11.40
CA PHE A 169 -31.84 -11.56 -9.93
C PHE A 169 -30.74 -12.46 -9.42
N GLY A 170 -30.24 -13.31 -10.31
CA GLY A 170 -29.07 -14.13 -10.01
C GLY A 170 -27.84 -13.24 -10.00
N LEU A 171 -27.89 -12.18 -10.80
CA LEU A 171 -26.83 -11.18 -10.86
C LEU A 171 -26.91 -10.37 -9.58
N SER A 172 -28.10 -9.94 -9.27
CA SER A 172 -28.42 -9.14 -8.09
C SER A 172 -27.99 -9.81 -6.78
N ASN A 173 -28.33 -11.08 -6.63
CA ASN A 173 -27.97 -11.88 -5.47
C ASN A 173 -26.48 -11.92 -5.27
N ARG A 174 -25.76 -12.12 -6.35
CA ARG A 174 -24.35 -12.24 -6.26
C ARG A 174 -23.64 -10.94 -5.91
N ALA A 176 -25.17 -8.50 -4.14
CA ALA A 176 -25.60 -8.31 -2.73
C ALA A 176 -24.73 -9.16 -1.80
N ASN A 177 -24.61 -10.44 -2.14
CA ASN A 177 -23.82 -11.36 -1.36
C ASN A 177 -22.33 -10.98 -1.30
N THR A 178 -21.73 -10.62 -2.44
CA THR A 178 -20.33 -10.21 -2.46
C THR A 178 -20.04 -8.97 -1.60
N ILE A 179 -20.93 -7.97 -1.60
CA ILE A 179 -20.68 -6.72 -0.87
C ILE A 179 -21.32 -6.66 0.52
N GLY A 180 -22.12 -7.63 0.90
CA GLY A 180 -22.75 -7.63 2.20
C GLY A 180 -23.92 -6.66 2.22
N ARG A 182 -26.93 -5.05 2.99
CA ARG A 182 -27.86 -5.24 4.08
C ARG A 182 -29.27 -4.79 3.72
N PRO A 183 -30.32 -5.56 4.13
CA PRO A 183 -31.72 -5.14 3.94
C PRO A 183 -32.19 -4.14 4.96
N ASN A 184 -33.08 -3.23 4.55
CA ASN A 184 -33.56 -2.16 5.39
C ASN A 184 -34.50 -2.68 6.44
N ASP A 185 -34.40 -2.14 7.66
CA ASP A 185 -35.24 -2.60 8.75
C ASP A 185 -36.71 -2.69 8.39
N GLU A 186 -37.14 -1.79 7.52
CA GLU A 186 -38.55 -1.68 7.13
C GLU A 186 -39.10 -2.90 6.40
N PHE A 187 -38.28 -3.54 5.58
CA PHE A 187 -38.74 -4.71 4.82
C PHE A 187 -39.12 -5.92 5.66
N PHE A 188 -38.56 -6.01 6.85
CA PHE A 188 -38.82 -7.14 7.74
C PHE A 188 -40.26 -7.18 8.24
N LEU A 189 -40.85 -6.01 8.47
CA LEU A 189 -42.22 -5.94 9.00
C LEU A 189 -43.29 -5.60 7.96
N GLY A 191 -45.88 -5.48 5.11
CA GLY A 191 -46.80 -6.44 4.53
C GLY A 191 -47.35 -7.54 5.43
N ARG A 192 -46.95 -7.55 6.70
CA ARG A 192 -47.39 -8.58 7.65
C ARG A 192 -48.73 -8.28 8.31
N VAL A 193 -49.06 -7.01 8.47
CA VAL A 193 -50.38 -6.62 8.94
C VAL A 193 -51.00 -5.94 7.74
N PRO A 194 -52.08 -6.53 7.16
CA PRO A 194 -52.68 -5.90 5.98
C PRO A 194 -53.35 -4.52 6.25
N LYS A 195 -53.45 -3.69 5.20
CA LYS A 195 -54.05 -2.34 5.26
C LYS A 195 -55.57 -2.38 5.32
N ALA B 6 -28.81 -24.33 -42.33
CA ALA B 6 -28.24 -23.56 -41.18
C ALA B 6 -29.05 -23.81 -39.91
N HIS B 7 -28.36 -24.13 -38.82
CA HIS B 7 -29.01 -24.43 -37.54
C HIS B 7 -29.62 -23.19 -36.95
N PRO B 8 -30.75 -23.35 -36.26
CA PRO B 8 -31.34 -22.20 -35.59
C PRO B 8 -30.39 -21.68 -34.51
N ILE B 9 -30.36 -20.37 -34.32
CA ILE B 9 -29.47 -19.73 -33.35
C ILE B 9 -30.18 -19.42 -32.02
N SER B 10 -31.50 -19.62 -32.00
CA SER B 10 -32.29 -19.35 -30.81
C SER B 10 -33.52 -20.21 -30.92
N ARG B 11 -34.17 -20.41 -29.79
CA ARG B 11 -35.40 -21.14 -29.71
C ARG B 11 -36.56 -20.16 -29.97
N TYR B 12 -36.25 -18.87 -29.87
CA TYR B 12 -37.20 -17.81 -30.06
C TYR B 12 -36.97 -17.11 -31.41
N PRO B 13 -37.88 -16.22 -31.81
CA PRO B 13 -37.67 -15.48 -33.04
C PRO B 13 -36.41 -14.62 -33.04
N VAL B 14 -35.79 -14.48 -34.22
CA VAL B 14 -34.64 -13.59 -34.41
C VAL B 14 -35.20 -12.52 -35.33
N PRO B 15 -35.31 -11.27 -34.86
CA PRO B 15 -35.89 -10.28 -35.74
C PRO B 15 -34.95 -9.85 -36.84
N GLU B 16 -35.49 -9.36 -37.95
CA GLU B 16 -34.67 -8.83 -39.05
C GLU B 16 -34.20 -7.46 -38.61
N LEU B 17 -32.98 -7.08 -38.96
CA LEU B 17 -32.46 -5.78 -38.48
C LEU B 17 -33.25 -4.58 -39.00
N ALA B 18 -33.87 -4.75 -40.18
CA ALA B 18 -34.78 -3.74 -40.73
C ALA B 18 -35.97 -3.50 -39.82
N ALA B 19 -36.36 -4.52 -39.06
CA ALA B 19 -37.48 -4.42 -38.13
C ALA B 19 -37.15 -3.82 -36.76
N LEU B 20 -35.87 -3.53 -36.50
CA LEU B 20 -35.45 -3.05 -35.17
C LEU B 20 -35.28 -1.54 -35.06
N PRO B 21 -35.37 -1.01 -33.82
CA PRO B 21 -35.07 0.38 -33.53
C PRO B 21 -33.72 0.76 -34.10
N ASP B 22 -33.54 2.02 -34.44
CA ASP B 22 -32.30 2.42 -35.07
C ASP B 22 -31.03 2.24 -34.22
N ASP B 23 -31.12 2.54 -32.92
CA ASP B 23 -29.96 2.39 -32.01
C ASP B 23 -29.51 0.95 -31.89
N ILE B 24 -30.49 0.05 -31.89
CA ILE B 24 -30.21 -1.36 -31.86
C ILE B 24 -29.61 -1.80 -33.17
N ARG B 25 -30.15 -1.36 -34.30
CA ARG B 25 -29.55 -1.73 -35.59
C ARG B 25 -28.11 -1.13 -35.70
N GLN B 26 -27.92 0.05 -35.11
CA GLN B 26 -26.63 0.71 -35.13
C GLN B 26 -25.54 -0.04 -34.37
N ARG B 27 -25.85 -0.48 -33.14
CA ARG B 27 -24.92 -1.27 -32.33
C ARG B 27 -24.56 -2.55 -33.04
N ILE B 28 -25.56 -3.18 -33.62
CA ILE B 28 -25.42 -4.43 -34.35
C ILE B 28 -24.55 -4.26 -35.61
N LEU B 29 -24.65 -3.13 -36.29
CA LEU B 29 -23.79 -2.90 -37.47
C LEU B 29 -22.39 -2.45 -37.06
N GLU B 30 -22.26 -1.80 -35.90
CA GLU B 30 -20.97 -1.37 -35.41
C GLU B 30 -20.10 -2.56 -35.02
N VAL B 31 -20.70 -3.58 -34.40
CA VAL B 31 -19.96 -4.81 -34.09
C VAL B 31 -19.66 -5.61 -35.36
N GLN B 32 -20.54 -5.57 -36.34
CA GLN B 32 -20.28 -6.25 -37.58
C GLN B 32 -19.10 -5.61 -38.30
N ASP B 33 -19.06 -4.28 -38.27
CA ASP B 33 -17.97 -3.53 -38.86
C ASP B 33 -16.70 -4.05 -38.23
N LYS B 34 -16.71 -4.05 -36.90
CA LYS B 34 -15.59 -4.47 -36.07
C LYS B 34 -15.19 -5.92 -36.26
N ALA B 35 -16.14 -6.83 -36.21
CA ALA B 35 -15.83 -8.27 -36.25
C ALA B 35 -15.95 -8.95 -37.60
N GLY B 36 -16.69 -8.37 -38.53
CA GLY B 36 -16.91 -8.98 -39.84
C GLY B 36 -18.06 -9.99 -39.85
N PHE B 37 -18.77 -10.09 -38.73
CA PHE B 37 -19.95 -10.95 -38.58
C PHE B 37 -20.69 -10.48 -37.34
N VAL B 38 -21.91 -10.91 -37.13
CA VAL B 38 -22.64 -10.51 -35.93
C VAL B 38 -22.79 -11.66 -34.94
N PRO B 39 -22.17 -11.54 -33.74
CA PRO B 39 -22.36 -12.53 -32.70
C PRO B 39 -23.83 -12.74 -32.42
N ASN B 40 -24.22 -14.01 -32.33
CA ASN B 40 -25.61 -14.36 -32.11
C ASN B 40 -26.22 -13.82 -30.85
N VAL B 41 -25.42 -13.38 -29.89
CA VAL B 41 -25.96 -12.77 -28.69
C VAL B 41 -26.73 -11.48 -29.02
N PHE B 42 -26.28 -10.76 -30.06
CA PHE B 42 -26.92 -9.51 -30.46
C PHE B 42 -28.30 -9.77 -31.10
N LEU B 43 -28.33 -10.72 -32.03
CA LEU B 43 -29.52 -11.04 -32.81
C LEU B 43 -30.61 -11.71 -31.99
N THR B 44 -30.22 -12.51 -31.03
CA THR B 44 -31.16 -13.29 -30.26
C THR B 44 -31.78 -12.46 -29.18
N LEU B 45 -30.98 -11.61 -28.54
CA LEU B 45 -31.48 -10.70 -27.49
C LEU B 45 -32.27 -9.50 -28.05
N ALA B 46 -32.10 -9.25 -29.35
CA ALA B 46 -32.83 -8.22 -30.11
C ALA B 46 -34.34 -8.45 -30.07
N HIS B 47 -34.72 -9.71 -29.86
CA HIS B 47 -36.10 -10.13 -29.68
C HIS B 47 -36.76 -9.32 -28.57
N ARG B 48 -35.96 -8.87 -27.59
CA ARG B 48 -36.45 -7.99 -26.52
C ARG B 48 -35.61 -6.72 -26.45
N PRO B 49 -35.97 -5.72 -27.27
CA PRO B 49 -35.16 -4.49 -27.28
C PRO B 49 -34.92 -3.81 -25.91
N ASP B 50 -35.88 -3.77 -25.00
CA ASP B 50 -35.58 -3.14 -23.70
C ASP B 50 -34.50 -3.86 -22.93
N GLU B 51 -34.49 -5.18 -23.06
CA GLU B 51 -33.51 -6.04 -22.40
C GLU B 51 -32.18 -6.02 -23.15
N PHE B 52 -32.23 -6.01 -24.47
CA PHE B 52 -31.02 -5.85 -25.31
C PHE B 52 -30.22 -4.63 -24.87
N ARG B 53 -30.91 -3.50 -24.64
CA ARG B 53 -30.27 -2.24 -24.28
C ARG B 53 -29.60 -2.30 -22.92
N ALA B 54 -30.33 -2.73 -21.90
CA ALA B 54 -29.78 -2.85 -20.55
C ALA B 54 -28.67 -3.93 -20.48
N PHE B 55 -28.85 -5.03 -21.21
CA PHE B 55 -27.84 -6.07 -21.28
C PHE B 55 -26.53 -5.51 -21.81
N PHE B 56 -26.54 -4.87 -22.96
CA PHE B 56 -25.29 -4.36 -23.48
C PHE B 56 -24.80 -3.15 -22.77
N ALA B 57 -25.68 -2.41 -22.10
CA ALA B 57 -25.23 -1.29 -21.25
C ALA B 57 -24.42 -1.81 -20.04
N TYR B 58 -24.78 -2.98 -19.51
CA TYR B 58 -24.09 -3.54 -18.33
C TYR B 58 -22.78 -4.12 -18.82
N HIS B 59 -22.86 -4.86 -19.89
CA HIS B 59 -21.68 -5.46 -20.49
C HIS B 59 -20.57 -4.41 -20.67
N ASP B 60 -20.94 -3.28 -21.24
CA ASP B 60 -19.98 -2.21 -21.50
C ASP B 60 -19.47 -1.60 -20.22
N ALA B 61 -20.36 -1.42 -19.24
CA ALA B 61 -19.94 -0.85 -17.97
C ALA B 61 -18.74 -1.56 -17.35
N LEU B 62 -18.67 -2.88 -17.57
CA LEU B 62 -17.64 -3.76 -17.01
C LEU B 62 -16.50 -4.15 -17.91
N LEU B 64 -15.54 -2.62 -20.80
CA LEU B 64 -14.89 -1.53 -21.48
C LEU B 64 -14.23 -0.53 -20.54
N LYS B 65 -14.55 -0.60 -19.25
CA LYS B 65 -14.00 0.29 -18.27
C LYS B 65 -12.48 0.13 -18.19
N ASP B 66 -11.84 1.15 -17.64
CA ASP B 66 -10.43 1.09 -17.34
C ASP B 66 -10.45 0.69 -15.85
N GLY B 67 -9.63 -0.28 -15.48
CA GLY B 67 -9.56 -0.72 -14.08
C GLY B 67 -8.38 -1.65 -13.91
N GLY B 68 -8.31 -2.35 -12.78
CA GLY B 68 -7.20 -3.22 -12.52
C GLY B 68 -7.09 -4.50 -13.34
N LEU B 69 -8.15 -4.95 -14.00
CA LEU B 69 -8.06 -6.20 -14.76
C LEU B 69 -7.76 -5.93 -16.20
N THR B 70 -6.91 -6.74 -16.80
CA THR B 70 -6.60 -6.58 -18.21
C THR B 70 -7.85 -7.07 -18.92
N LYS B 71 -7.89 -6.89 -20.24
CA LYS B 71 -9.03 -7.36 -21.02
C LYS B 71 -9.03 -8.87 -21.10
N GLY B 72 -7.85 -9.47 -21.16
CA GLY B 72 -7.71 -10.94 -21.22
C GLY B 72 -8.22 -11.57 -19.94
N GLU B 73 -7.72 -11.08 -18.81
CA GLU B 73 -8.17 -11.57 -17.50
C GLU B 73 -9.71 -11.53 -17.40
N ARG B 74 -10.33 -10.46 -17.90
CA ARG B 74 -11.81 -10.34 -17.91
C ARG B 74 -12.49 -11.46 -18.67
N GLU B 75 -11.97 -11.79 -19.86
CA GLU B 75 -12.49 -12.90 -20.64
C GLU B 75 -12.27 -14.22 -19.96
N ILE B 77 -12.28 -14.82 -16.84
CA ILE B 77 -13.28 -14.99 -15.77
C ILE B 77 -14.58 -15.51 -16.36
N VAL B 78 -14.90 -15.00 -17.54
CA VAL B 78 -16.12 -15.36 -18.23
C VAL B 78 -16.07 -16.82 -18.63
N VAL B 79 -14.95 -17.24 -19.21
CA VAL B 79 -14.81 -18.63 -19.67
C VAL B 79 -14.80 -19.63 -18.53
N ALA B 80 -14.10 -19.30 -17.45
CA ALA B 80 -14.09 -20.20 -16.29
C ALA B 80 -15.49 -20.35 -15.69
N THR B 81 -16.16 -19.22 -15.47
CA THR B 81 -17.48 -19.23 -14.83
C THR B 81 -18.59 -19.76 -15.75
N SER B 82 -18.47 -19.50 -17.04
CA SER B 82 -19.42 -20.00 -18.04
C SER B 82 -19.40 -21.49 -18.06
N ALA B 83 -18.18 -22.03 -18.20
CA ALA B 83 -17.86 -23.45 -18.15
C ALA B 83 -18.51 -24.17 -16.96
N ALA B 84 -18.52 -23.52 -15.80
CA ALA B 84 -19.18 -24.02 -14.60
C ALA B 84 -20.74 -24.01 -14.66
N ASN B 85 -21.31 -23.06 -15.40
CA ASN B 85 -22.70 -23.02 -15.80
C ASN B 85 -22.98 -23.85 -17.14
N GLN B 86 -21.94 -24.50 -17.64
CA GLN B 86 -22.08 -25.29 -18.88
C GLN B 86 -22.87 -24.51 -19.88
N CYS B 87 -22.34 -23.34 -20.24
CA CYS B 87 -22.93 -22.47 -21.24
C CYS B 87 -22.14 -22.57 -22.53
N LEU B 88 -22.71 -23.26 -23.51
CA LEU B 88 -22.03 -23.48 -24.75
C LEU B 88 -21.65 -22.17 -25.45
N TYR B 89 -22.58 -21.23 -25.55
CA TYR B 89 -22.34 -19.98 -26.23
C TYR B 89 -21.22 -19.17 -25.63
N CYS B 90 -21.35 -18.86 -24.33
CA CYS B 90 -20.36 -18.03 -23.67
C CYS B 90 -18.98 -18.66 -23.59
N VAL B 91 -18.90 -19.94 -23.31
CA VAL B 91 -17.61 -20.61 -23.29
C VAL B 91 -16.91 -20.51 -24.64
N VAL B 92 -17.62 -20.86 -25.70
CA VAL B 92 -17.03 -20.89 -27.06
C VAL B 92 -16.66 -19.50 -27.60
N ALA B 93 -17.58 -18.55 -27.41
CA ALA B 93 -17.43 -17.18 -27.88
C ALA B 93 -16.32 -16.45 -27.15
N HIS B 94 -16.39 -16.46 -25.83
CA HIS B 94 -15.41 -15.75 -25.02
C HIS B 94 -14.11 -16.49 -24.91
N GLY B 95 -14.11 -17.78 -25.17
CA GLY B 95 -12.88 -18.50 -25.26
C GLY B 95 -12.09 -17.92 -26.42
N ALA B 96 -12.77 -17.65 -27.55
CA ALA B 96 -12.15 -17.10 -28.76
C ALA B 96 -11.54 -15.72 -28.48
N ILE B 97 -12.29 -14.89 -27.79
CA ILE B 97 -11.85 -13.55 -27.44
C ILE B 97 -10.63 -13.65 -26.54
N LEU B 98 -10.68 -14.56 -25.56
CA LEU B 98 -9.57 -14.79 -24.61
C LEU B 98 -8.30 -15.18 -25.33
N ARG B 99 -8.42 -16.04 -26.33
CA ARG B 99 -7.26 -16.38 -27.15
C ARG B 99 -6.69 -15.16 -27.87
N ILE B 100 -7.57 -14.29 -28.34
CA ILE B 100 -7.12 -13.10 -29.05
C ILE B 100 -6.36 -12.19 -28.12
N TYR B 101 -7.05 -11.72 -27.09
CA TYR B 101 -6.46 -10.79 -26.15
C TYR B 101 -5.17 -11.23 -25.53
N GLU B 102 -5.05 -12.52 -25.21
CA GLU B 102 -3.86 -13.07 -24.57
C GLU B 102 -2.80 -13.52 -25.54
N LYS B 103 -3.15 -13.71 -26.81
CA LYS B 103 -2.24 -14.27 -27.82
C LYS B 103 -1.73 -15.64 -27.35
N LYS B 104 -2.65 -16.39 -26.71
CA LYS B 104 -2.35 -17.69 -26.13
C LYS B 104 -3.39 -18.70 -26.62
N PRO B 105 -3.17 -19.30 -27.81
CA PRO B 105 -4.07 -20.31 -28.42
C PRO B 105 -4.57 -21.49 -27.59
N LEU B 106 -3.83 -21.88 -26.56
CA LEU B 106 -4.19 -23.04 -25.75
C LEU B 106 -4.95 -22.68 -24.48
N VAL B 107 -4.86 -21.42 -24.08
CA VAL B 107 -5.32 -21.01 -22.75
C VAL B 107 -6.80 -21.13 -22.44
N ALA B 108 -7.65 -20.98 -23.47
CA ALA B 108 -9.09 -20.98 -23.23
C ALA B 108 -9.60 -22.38 -22.99
N ASP B 109 -9.06 -23.33 -23.74
CA ASP B 109 -9.41 -24.73 -23.54
C ASP B 109 -9.08 -25.17 -22.13
N GLN B 110 -7.89 -24.77 -21.68
CA GLN B 110 -7.40 -25.08 -20.36
C GLN B 110 -8.33 -24.51 -19.33
N VAL B 111 -8.66 -23.24 -19.44
CA VAL B 111 -9.56 -22.57 -18.47
C VAL B 111 -10.96 -23.15 -18.51
N ALA B 112 -11.41 -23.52 -19.70
CA ALA B 112 -12.72 -24.12 -19.86
C ALA B 112 -12.89 -25.46 -19.16
N VAL B 113 -11.88 -26.33 -19.31
CA VAL B 113 -11.91 -27.70 -18.76
C VAL B 113 -11.53 -27.81 -17.25
N ASN B 114 -10.41 -27.19 -16.88
CA ASN B 114 -9.90 -27.20 -15.52
C ASN B 114 -8.93 -26.03 -15.33
N TYR B 115 -9.42 -24.88 -14.87
CA TYR B 115 -8.52 -23.72 -14.74
C TYR B 115 -7.33 -23.97 -13.78
N LEU B 116 -7.47 -24.97 -12.92
CA LEU B 116 -6.45 -25.32 -11.96
C LEU B 116 -5.21 -25.84 -12.65
N LYS B 117 -5.31 -26.12 -13.94
CA LYS B 117 -4.21 -26.63 -14.73
C LYS B 117 -3.91 -25.75 -15.97
N ALA B 118 -4.50 -24.56 -16.00
CA ALA B 118 -4.27 -23.63 -17.09
C ALA B 118 -2.90 -23.03 -16.93
N ASP B 119 -2.27 -22.69 -18.06
CA ASP B 119 -0.94 -22.03 -18.08
C ASP B 119 -1.08 -20.56 -17.68
N ILE B 120 -1.28 -20.31 -16.40
CA ILE B 120 -1.51 -18.97 -15.93
C ILE B 120 -0.78 -18.86 -14.62
N PRO B 121 -0.34 -17.65 -14.27
CA PRO B 121 0.35 -17.48 -13.03
C PRO B 121 -0.59 -17.53 -11.82
N PRO B 122 -0.04 -17.68 -10.60
CA PRO B 122 -0.80 -17.70 -9.36
C PRO B 122 -1.78 -16.57 -9.12
N ARG B 123 -1.48 -15.37 -9.63
N ARG B 123 -1.46 -15.37 -9.61
CA ARG B 123 -2.35 -14.19 -9.46
CA ARG B 123 -2.33 -14.21 -9.46
C ARG B 123 -3.67 -14.41 -10.19
C ARG B 123 -3.66 -14.39 -10.19
N GLN B 124 -3.58 -14.90 -11.44
CA GLN B 124 -4.75 -15.17 -12.27
C GLN B 124 -5.54 -16.37 -11.71
N ARG B 125 -4.85 -17.43 -11.28
CA ARG B 125 -5.55 -18.56 -10.63
C ARG B 125 -6.32 -18.09 -9.40
N ALA B 126 -5.76 -17.14 -8.67
CA ALA B 126 -6.38 -16.59 -7.45
C ALA B 126 -7.61 -15.73 -7.73
N LEU B 128 -9.52 -16.21 -10.43
CA LEU B 128 -10.54 -17.21 -10.81
C LEU B 128 -11.12 -17.99 -9.60
N ASP B 129 -10.32 -18.27 -8.59
CA ASP B 129 -10.83 -18.92 -7.38
C ASP B 129 -11.93 -18.07 -6.79
N PHE B 130 -11.71 -16.76 -6.68
CA PHE B 130 -12.72 -15.84 -6.14
C PHE B 130 -13.92 -15.77 -7.08
N ALA B 131 -13.67 -15.81 -8.40
CA ALA B 131 -14.74 -15.77 -9.37
C ALA B 131 -15.65 -16.97 -9.23
N LEU B 132 -15.06 -18.17 -9.21
CA LEU B 132 -15.82 -19.38 -9.02
C LEU B 132 -16.59 -19.34 -7.65
N LYS B 133 -16.05 -18.70 -6.62
CA LYS B 133 -16.79 -18.67 -5.35
C LYS B 133 -18.03 -17.78 -5.48
N VAL B 134 -17.87 -16.58 -6.04
CA VAL B 134 -19.00 -15.68 -6.28
C VAL B 134 -20.01 -16.42 -7.22
N CYS B 135 -19.47 -17.14 -8.19
CA CYS B 135 -20.27 -17.85 -9.10
C CYS B 135 -21.11 -18.94 -8.48
N LYS B 136 -20.52 -19.82 -7.69
CA LYS B 136 -21.31 -20.90 -7.12
C LYS B 136 -21.65 -20.73 -5.63
N ALA B 137 -21.03 -19.80 -4.92
CA ALA B 137 -21.35 -19.67 -3.45
C ALA B 137 -21.12 -18.32 -2.90
N SER B 138 -21.73 -17.32 -3.53
CA SER B 138 -21.55 -15.93 -3.10
C SER B 138 -21.99 -15.65 -1.64
N HIS B 139 -22.93 -16.42 -1.11
CA HIS B 139 -23.42 -16.24 0.27
C HIS B 139 -22.36 -16.52 1.34
N GLU B 140 -21.28 -17.20 0.94
CA GLU B 140 -20.10 -17.51 1.77
C GLU B 140 -18.87 -16.62 1.55
N VAL B 141 -19.02 -15.56 0.77
CA VAL B 141 -17.92 -14.61 0.53
C VAL B 141 -17.59 -13.91 1.84
N ASN B 142 -16.32 -13.93 2.24
CA ASN B 142 -15.92 -13.35 3.52
C ASN B 142 -14.68 -12.47 3.40
N GLU B 143 -14.29 -11.87 4.50
CA GLU B 143 -13.12 -11.00 4.49
C GLU B 143 -11.82 -11.74 4.08
N ALA B 144 -11.74 -13.04 4.35
CA ALA B 144 -10.55 -13.79 4.01
C ALA B 144 -10.39 -14.00 2.51
N ASP B 145 -11.48 -13.94 1.75
CA ASP B 145 -11.40 -14.09 0.28
C ASP B 145 -10.80 -12.81 -0.29
N PHE B 146 -11.17 -11.68 0.29
CA PHE B 146 -10.61 -10.40 -0.10
C PHE B 146 -9.12 -10.34 0.24
N GLU B 147 -8.77 -10.78 1.45
CA GLU B 147 -7.37 -10.82 1.88
C GLU B 147 -6.53 -11.67 0.96
N ALA B 148 -7.09 -12.81 0.54
CA ALA B 148 -6.43 -13.72 -0.41
C ALA B 148 -6.14 -13.02 -1.73
N LEU B 149 -7.05 -12.15 -2.15
CA LEU B 149 -6.87 -11.37 -3.37
C LEU B 149 -5.85 -10.24 -3.16
N ARG B 150 -5.85 -9.60 -1.98
CA ARG B 150 -4.88 -8.56 -1.66
C ARG B 150 -3.43 -9.03 -1.67
N GLU B 151 -3.21 -10.26 -1.22
CA GLU B 151 -1.89 -10.88 -1.21
C GLU B 151 -1.39 -11.04 -2.62
N HIS B 152 -2.31 -11.16 -3.57
CA HIS B 152 -1.93 -11.24 -4.97
C HIS B 152 -1.94 -9.88 -5.68
N GLY B 153 -2.19 -8.82 -4.94
CA GLY B 153 -2.18 -7.47 -5.48
C GLY B 153 -3.49 -6.90 -6.00
N PHE B 154 -4.61 -7.59 -5.79
CA PHE B 154 -5.90 -7.08 -6.26
C PHE B 154 -6.45 -6.14 -5.21
N THR B 155 -7.00 -5.01 -5.65
CA THR B 155 -7.57 -3.98 -4.79
C THR B 155 -9.04 -4.25 -4.49
N ASP B 156 -9.65 -3.48 -3.59
CA ASP B 156 -11.09 -3.62 -3.34
C ASP B 156 -11.91 -3.48 -4.60
N GLU B 157 -11.54 -2.52 -5.43
CA GLU B 157 -12.25 -2.27 -6.68
C GLU B 157 -12.01 -3.37 -7.72
N ASP B 158 -10.86 -4.02 -7.70
CA ASP B 158 -10.55 -5.12 -8.64
C ASP B 158 -11.40 -6.34 -8.30
N ALA B 159 -11.65 -6.54 -6.99
CA ALA B 159 -12.46 -7.62 -6.49
C ALA B 159 -13.88 -7.39 -6.95
N TRP B 160 -14.37 -6.14 -6.81
CA TRP B 160 -15.71 -5.78 -7.29
C TRP B 160 -15.77 -6.09 -8.80
N ASP B 161 -14.77 -5.72 -9.57
CA ASP B 161 -14.81 -6.05 -10.99
C ASP B 161 -14.97 -7.54 -11.22
N ILE B 162 -14.24 -8.37 -10.48
CA ILE B 162 -14.32 -9.82 -10.66
C ILE B 162 -15.70 -10.33 -10.30
N ALA B 163 -16.19 -9.88 -9.16
CA ALA B 163 -17.49 -10.27 -8.72
C ALA B 163 -18.56 -9.78 -9.69
N ALA B 164 -18.37 -8.61 -10.27
CA ALA B 164 -19.40 -8.03 -11.13
C ALA B 164 -19.47 -8.71 -12.49
N ILE B 165 -18.32 -9.10 -13.00
CA ILE B 165 -18.27 -9.77 -14.28
C ILE B 165 -18.93 -11.13 -14.10
N THR B 166 -18.54 -11.81 -13.04
CA THR B 166 -19.08 -13.13 -12.73
C THR B 166 -20.62 -13.09 -12.64
N ALA B 167 -21.12 -12.12 -11.90
CA ALA B 167 -22.55 -11.94 -11.71
C ALA B 167 -23.29 -11.68 -13.01
N PHE B 168 -22.72 -10.80 -13.83
CA PHE B 168 -23.36 -10.43 -15.08
C PHE B 168 -23.28 -11.56 -16.08
N PHE B 169 -22.15 -12.23 -16.19
CA PHE B 169 -22.10 -13.33 -17.12
C PHE B 169 -22.88 -14.58 -16.74
N GLY B 170 -23.30 -14.66 -15.46
CA GLY B 170 -24.16 -15.70 -15.03
C GLY B 170 -25.57 -15.36 -15.45
N LEU B 171 -25.91 -14.07 -15.50
CA LEU B 171 -27.21 -13.67 -16.07
C LEU B 171 -27.18 -14.06 -17.54
N SER B 172 -26.05 -13.83 -18.18
CA SER B 172 -25.88 -14.13 -19.59
C SER B 172 -25.97 -15.61 -19.86
N ASN B 173 -25.32 -16.41 -19.00
CA ASN B 173 -25.29 -17.88 -19.15
C ASN B 173 -26.70 -18.45 -19.09
N ARG B 174 -27.47 -17.98 -18.11
CA ARG B 174 -28.83 -18.46 -17.95
C ARG B 174 -29.76 -18.15 -19.12
N ALA B 176 -28.56 -17.48 -22.27
CA ALA B 176 -28.05 -18.24 -23.42
C ALA B 176 -28.54 -19.70 -23.35
N ASN B 177 -28.50 -20.22 -22.13
CA ASN B 177 -28.91 -21.59 -21.85
C ASN B 177 -30.41 -21.76 -22.00
N THR B 178 -31.21 -20.84 -21.48
CA THR B 178 -32.65 -20.96 -21.62
C THR B 178 -33.14 -20.94 -23.08
N ILE B 179 -32.57 -20.07 -23.93
CA ILE B 179 -33.04 -19.98 -25.31
C ILE B 179 -32.21 -20.78 -26.30
N GLY B 180 -31.24 -21.54 -25.82
CA GLY B 180 -30.45 -22.35 -26.73
C GLY B 180 -29.67 -21.48 -27.71
N ARG B 182 -27.05 -20.15 -29.91
CA ARG B 182 -25.99 -20.85 -30.61
C ARG B 182 -24.78 -19.94 -30.81
N PRO B 183 -23.53 -20.46 -30.62
CA PRO B 183 -22.36 -19.66 -30.95
C PRO B 183 -22.05 -19.80 -32.42
N ASN B 184 -21.53 -18.71 -32.99
CA ASN B 184 -21.25 -18.58 -34.42
C ASN B 184 -20.04 -19.41 -34.75
N ASP B 185 -20.06 -20.00 -35.93
CA ASP B 185 -18.97 -20.85 -36.41
C ASP B 185 -17.62 -20.17 -36.28
N GLU B 186 -17.61 -18.85 -36.37
CA GLU B 186 -16.39 -18.05 -36.33
C GLU B 186 -15.58 -18.16 -35.02
N PHE B 187 -16.27 -18.18 -33.88
CA PHE B 187 -15.59 -18.26 -32.59
C PHE B 187 -14.83 -19.57 -32.37
N PHE B 188 -15.25 -20.65 -33.01
CA PHE B 188 -14.62 -21.95 -32.85
C PHE B 188 -13.17 -22.01 -33.28
N LEU B 189 -12.82 -21.30 -34.33
CA LEU B 189 -11.46 -21.37 -34.88
C LEU B 189 -10.66 -20.09 -34.65
N GLY B 191 -8.45 -17.24 -33.15
CA GLY B 191 -7.39 -17.13 -32.17
C GLY B 191 -6.52 -18.36 -32.02
N ARG B 192 -6.92 -19.47 -32.64
CA ARG B 192 -6.16 -20.72 -32.51
C ARG B 192 -4.87 -20.69 -33.30
N VAL B 193 -4.77 -19.76 -34.24
CA VAL B 193 -3.60 -19.60 -35.10
C VAL B 193 -3.19 -18.12 -35.10
N PRO B 194 -2.00 -17.79 -34.56
CA PRO B 194 -1.60 -16.37 -34.51
C PRO B 194 -1.07 -15.78 -35.82
N LYS B 195 -1.10 -14.44 -35.90
CA LYS B 195 -0.64 -13.65 -37.07
C LYS B 195 -1.34 -14.04 -38.36
N ALA C 6 13.40 0.76 -16.07
CA ALA C 6 12.85 1.78 -15.11
C ALA C 6 13.93 2.28 -14.13
N HIS C 7 13.80 3.54 -13.72
CA HIS C 7 14.73 4.14 -12.76
C HIS C 7 14.38 3.59 -11.39
N PRO C 8 15.37 3.48 -10.48
CA PRO C 8 15.05 3.03 -9.13
C PRO C 8 14.29 4.13 -8.41
N ILE C 9 13.31 3.79 -7.56
CA ILE C 9 12.50 4.78 -6.88
C ILE C 9 13.00 5.12 -5.47
N SER C 10 14.04 4.41 -5.03
CA SER C 10 14.59 4.57 -3.69
C SER C 10 15.96 3.98 -3.73
N ARG C 11 16.73 4.36 -2.72
CA ARG C 11 18.06 3.85 -2.52
C ARG C 11 17.94 2.48 -1.79
N TYR C 12 16.87 2.36 -0.99
CA TYR C 12 16.57 1.19 -0.18
C TYR C 12 15.63 0.19 -0.86
N PRO C 13 15.55 -1.03 -0.32
CA PRO C 13 14.62 -1.99 -0.85
C PRO C 13 13.14 -1.54 -0.85
N VAL C 14 12.41 -1.97 -1.87
CA VAL C 14 10.98 -1.73 -1.97
C VAL C 14 10.27 -3.07 -1.81
N PRO C 15 9.61 -3.27 -0.67
CA PRO C 15 8.93 -4.55 -0.44
C PRO C 15 7.75 -4.84 -1.35
N GLU C 16 7.54 -6.12 -1.65
CA GLU C 16 6.40 -6.60 -2.45
C GLU C 16 5.15 -6.58 -1.57
N LEU C 17 3.98 -6.31 -2.17
CA LEU C 17 2.74 -6.28 -1.43
C LEU C 17 2.53 -7.54 -0.62
N ALA C 18 2.77 -8.67 -1.29
CA ALA C 18 2.69 -9.99 -0.69
C ALA C 18 3.40 -10.05 0.64
N ALA C 19 4.59 -9.45 0.68
CA ALA C 19 5.45 -9.45 1.86
C ALA C 19 5.02 -8.52 2.99
N LEU C 20 4.13 -7.59 2.73
CA LEU C 20 3.77 -6.60 3.76
C LEU C 20 2.65 -6.98 4.68
N PRO C 21 2.63 -6.40 5.90
CA PRO C 21 1.50 -6.61 6.78
C PRO C 21 0.25 -6.18 6.03
N ASP C 22 -0.87 -6.80 6.32
CA ASP C 22 -2.06 -6.56 5.52
C ASP C 22 -2.68 -5.19 5.69
N ASP C 23 -2.62 -4.60 6.87
CA ASP C 23 -3.15 -3.26 7.06
C ASP C 23 -2.38 -2.22 6.20
N ILE C 24 -1.09 -2.46 6.01
CA ILE C 24 -0.28 -1.62 5.18
C ILE C 24 -0.67 -1.81 3.72
N ARG C 25 -0.81 -3.07 3.29
CA ARG C 25 -1.30 -3.40 1.95
C ARG C 25 -2.63 -2.71 1.60
N GLN C 26 -3.53 -2.65 2.57
CA GLN C 26 -4.81 -2.04 2.37
C GLN C 26 -4.67 -0.56 2.10
N ARG C 27 -3.80 0.13 2.83
CA ARG C 27 -3.59 1.56 2.60
C ARG C 27 -2.96 1.79 1.22
N ILE C 28 -2.11 0.88 0.79
CA ILE C 28 -1.46 0.98 -0.50
C ILE C 28 -2.45 0.70 -1.63
N LEU C 29 -3.17 -0.41 -1.53
CA LEU C 29 -4.14 -0.78 -2.55
C LEU C 29 -5.30 0.23 -2.60
N GLU C 30 -5.60 0.89 -1.49
CA GLU C 30 -6.64 1.91 -1.44
C GLU C 30 -6.28 3.10 -2.35
N VAL C 31 -5.04 3.57 -2.28
CA VAL C 31 -4.58 4.68 -3.11
C VAL C 31 -4.37 4.27 -4.57
N GLN C 32 -4.03 3.01 -4.81
CA GLN C 32 -3.91 2.47 -6.17
C GLN C 32 -5.26 2.65 -6.92
N ASP C 33 -6.34 2.40 -6.22
CA ASP C 33 -7.66 2.53 -6.79
C ASP C 33 -7.99 3.98 -7.04
N LYS C 34 -7.74 4.80 -6.04
CA LYS C 34 -8.01 6.24 -6.11
C LYS C 34 -7.24 6.98 -7.22
N ALA C 35 -5.93 6.73 -7.30
CA ALA C 35 -5.09 7.43 -8.25
C ALA C 35 -4.79 6.67 -9.53
N GLY C 36 -4.99 5.35 -9.54
CA GLY C 36 -4.63 4.57 -10.73
C GLY C 36 -3.16 4.19 -10.75
N PHE C 37 -2.46 4.48 -9.66
CA PHE C 37 -1.06 4.11 -9.47
C PHE C 37 -0.79 4.32 -7.99
N VAL C 38 0.33 3.79 -7.50
CA VAL C 38 0.71 3.98 -6.10
C VAL C 38 1.83 5.01 -6.07
N PRO C 39 1.57 6.20 -5.54
CA PRO C 39 2.65 7.17 -5.37
C PRO C 39 3.86 6.56 -4.61
N ASN C 40 5.06 6.77 -5.15
CA ASN C 40 6.27 6.15 -4.57
C ASN C 40 6.54 6.43 -3.06
N VAL C 41 5.90 7.43 -2.45
CA VAL C 41 6.10 7.61 -1.01
C VAL C 41 5.68 6.32 -0.32
N PHE C 42 4.50 5.80 -0.69
CA PHE C 42 3.92 4.58 -0.10
C PHE C 42 4.81 3.37 -0.20
N LEU C 43 5.35 3.10 -1.37
CA LEU C 43 6.15 1.93 -1.59
C LEU C 43 7.50 1.96 -0.92
N THR C 44 8.13 3.13 -0.94
CA THR C 44 9.47 3.27 -0.42
C THR C 44 9.48 3.32 1.11
N LEU C 45 8.43 3.88 1.71
CA LEU C 45 8.36 3.95 3.17
C LEU C 45 7.84 2.65 3.81
N ALA C 46 7.35 1.71 2.99
CA ALA C 46 6.86 0.43 3.50
C ALA C 46 8.04 -0.47 3.93
N HIS C 47 9.27 -0.06 3.59
CA HIS C 47 10.49 -0.73 4.03
C HIS C 47 10.59 -0.71 5.56
N ARG C 48 9.96 0.29 6.21
CA ARG C 48 9.89 0.38 7.68
C ARG C 48 8.44 0.58 8.08
N PRO C 49 7.69 -0.53 8.25
CA PRO C 49 6.28 -0.52 8.56
C PRO C 49 5.81 0.31 9.74
N ASP C 50 6.55 0.35 10.83
CA ASP C 50 6.10 1.14 11.98
C ASP C 50 6.24 2.60 11.65
N GLU C 51 7.20 2.93 10.78
CA GLU C 51 7.39 4.31 10.37
C GLU C 51 6.31 4.67 9.35
N PHE C 52 6.09 3.78 8.38
CA PHE C 52 4.98 3.91 7.44
C PHE C 52 3.69 4.23 8.19
N ARG C 53 3.34 3.40 9.17
CA ARG C 53 2.08 3.63 9.89
C ARG C 53 1.96 5.01 10.51
N ALA C 54 2.96 5.43 11.25
CA ALA C 54 2.94 6.74 11.92
C ALA C 54 3.00 7.92 10.95
N PHE C 55 3.70 7.74 9.85
CA PHE C 55 3.83 8.77 8.80
C PHE C 55 2.47 9.09 8.17
N PHE C 56 1.78 8.07 7.67
CA PHE C 56 0.47 8.29 7.08
C PHE C 56 -0.62 8.62 8.12
N ALA C 57 -0.43 8.20 9.36
CA ALA C 57 -1.35 8.61 10.42
C ALA C 57 -1.22 10.12 10.55
N TYR C 58 0.03 10.61 10.62
CA TYR C 58 0.31 12.04 10.74
C TYR C 58 -0.21 12.79 9.52
N HIS C 59 0.17 12.34 8.33
CA HIS C 59 -0.31 12.98 7.13
C HIS C 59 -1.82 13.17 7.15
N ASP C 60 -2.55 12.08 7.38
CA ASP C 60 -4.00 12.13 7.43
C ASP C 60 -4.53 13.09 8.51
N ALA C 61 -3.92 13.13 9.69
CA ALA C 61 -4.40 14.02 10.77
C ALA C 61 -4.30 15.48 10.32
N LEU C 62 -3.27 15.79 9.55
CA LEU C 62 -3.09 17.16 9.08
C LEU C 62 -3.89 17.47 7.83
N LEU C 64 -6.36 15.77 6.13
CA LEU C 64 -7.76 15.39 5.99
C LEU C 64 -8.65 16.01 7.05
N LYS C 65 -8.09 16.73 8.01
CA LYS C 65 -8.92 17.36 9.07
C LYS C 65 -9.82 18.46 8.55
N ASP C 66 -10.88 18.75 9.28
CA ASP C 66 -11.74 19.89 8.97
C ASP C 66 -10.95 21.03 9.63
N GLY C 67 -10.75 22.14 8.92
CA GLY C 67 -9.98 23.25 9.48
C GLY C 67 -10.07 24.49 8.64
N GLY C 68 -9.38 25.55 9.05
CA GLY C 68 -9.42 26.84 8.34
C GLY C 68 -8.70 26.89 7.01
N LEU C 69 -7.78 25.98 6.77
CA LEU C 69 -7.07 25.98 5.51
C LEU C 69 -7.83 25.22 4.48
N THR C 70 -7.95 25.75 3.26
CA THR C 70 -8.60 24.98 2.19
C THR C 70 -7.70 23.81 1.88
N LYS C 71 -8.21 22.82 1.16
CA LYS C 71 -7.37 21.67 0.83
C LYS C 71 -6.24 22.04 -0.15
N GLY C 72 -6.46 23.00 -1.02
CA GLY C 72 -5.41 23.48 -1.93
C GLY C 72 -4.38 24.36 -1.21
N GLU C 73 -4.84 25.11 -0.21
CA GLU C 73 -3.98 25.93 0.63
C GLU C 73 -2.97 25.06 1.37
N ARG C 74 -3.45 23.91 1.85
CA ARG C 74 -2.62 22.92 2.54
C ARG C 74 -1.49 22.43 1.64
N GLU C 75 -1.81 22.17 0.37
CA GLU C 75 -0.83 21.69 -0.63
C GLU C 75 0.18 22.73 -1.06
N ILE C 77 1.30 25.14 0.80
CA ILE C 77 2.31 25.20 1.85
C ILE C 77 3.37 24.11 1.65
N VAL C 78 2.91 22.92 1.35
CA VAL C 78 3.83 21.82 1.08
C VAL C 78 4.76 22.15 -0.06
N VAL C 79 4.21 22.68 -1.15
CA VAL C 79 5.05 22.93 -2.34
C VAL C 79 6.05 24.06 -2.05
N ALA C 80 5.59 25.07 -1.33
CA ALA C 80 6.47 26.21 -1.07
C ALA C 80 7.67 25.77 -0.24
N THR C 81 7.39 25.00 0.80
CA THR C 81 8.41 24.58 1.73
C THR C 81 9.32 23.50 1.13
N SER C 82 8.71 22.53 0.47
CA SER C 82 9.45 21.47 -0.20
C SER C 82 10.42 22.06 -1.21
N ALA C 83 10.03 23.14 -1.85
CA ALA C 83 10.89 23.86 -2.79
C ALA C 83 12.09 24.42 -2.04
N ALA C 84 11.86 24.94 -0.82
CA ALA C 84 12.92 25.52 0.01
C ALA C 84 13.96 24.48 0.44
N ASN C 85 13.53 23.24 0.62
CA ASN C 85 14.42 22.14 0.93
C ASN C 85 14.86 21.36 -0.31
N GLN C 86 14.47 21.84 -1.48
CA GLN C 86 14.84 21.20 -2.76
C GLN C 86 14.49 19.73 -2.82
N CYS C 87 13.32 19.41 -2.29
CA CYS C 87 12.80 18.06 -2.29
C CYS C 87 12.11 17.77 -3.63
N LEU C 88 12.78 17.00 -4.47
CA LEU C 88 12.25 16.67 -5.78
C LEU C 88 10.93 15.96 -5.73
N TYR C 89 10.83 14.93 -4.93
CA TYR C 89 9.58 14.16 -4.91
C TYR C 89 8.41 14.99 -4.47
N CYS C 90 8.58 15.70 -3.36
CA CYS C 90 7.44 16.44 -2.78
C CYS C 90 6.96 17.64 -3.58
N VAL C 91 7.89 18.36 -4.19
CA VAL C 91 7.53 19.50 -5.03
C VAL C 91 6.67 19.02 -6.23
N VAL C 92 7.17 17.99 -6.91
CA VAL C 92 6.47 17.45 -8.08
C VAL C 92 5.12 16.82 -7.70
N ALA C 93 5.17 15.90 -6.74
CA ALA C 93 3.99 15.19 -6.28
C ALA C 93 2.88 16.11 -5.78
N HIS C 94 3.20 17.04 -4.89
CA HIS C 94 2.17 17.92 -4.31
C HIS C 94 1.78 19.09 -5.20
N GLY C 95 2.64 19.33 -6.22
CA GLY C 95 2.42 20.34 -7.24
C GLY C 95 1.22 19.93 -8.07
N ALA C 96 1.17 18.63 -8.39
CA ALA C 96 0.05 18.00 -9.10
C ALA C 96 -1.23 18.13 -8.31
N ILE C 97 -1.17 17.74 -7.05
CA ILE C 97 -2.34 17.85 -6.19
C ILE C 97 -2.79 19.32 -6.08
N LEU C 98 -1.84 20.26 -5.92
CA LEU C 98 -2.18 21.68 -5.84
C LEU C 98 -2.94 22.15 -7.08
N ARG C 99 -2.43 21.76 -8.26
CA ARG C 99 -3.09 22.09 -9.52
C ARG C 99 -4.55 21.63 -9.59
N ILE C 100 -4.80 20.42 -9.10
CA ILE C 100 -6.11 19.82 -9.08
C ILE C 100 -7.03 20.54 -8.08
N TYR C 101 -6.56 20.78 -6.86
CA TYR C 101 -7.43 21.42 -5.88
C TYR C 101 -7.76 22.84 -6.24
N GLU C 102 -6.74 23.67 -6.49
CA GLU C 102 -6.96 25.06 -6.86
C GLU C 102 -7.54 25.24 -8.25
N LYS C 103 -7.53 24.19 -9.08
CA LYS C 103 -8.00 24.27 -10.45
C LYS C 103 -7.23 25.42 -11.11
N LYS C 104 -5.89 25.40 -10.95
CA LYS C 104 -5.00 26.42 -11.49
C LYS C 104 -3.74 25.75 -11.97
N PRO C 105 -3.70 25.40 -13.27
CA PRO C 105 -2.58 24.73 -13.93
C PRO C 105 -1.22 25.39 -13.82
N LEU C 106 -1.17 26.68 -13.54
CA LEU C 106 0.10 27.40 -13.47
C LEU C 106 0.66 27.62 -12.07
N VAL C 107 -0.21 27.67 -11.06
CA VAL C 107 0.23 28.06 -9.72
C VAL C 107 1.29 27.18 -9.06
N ALA C 108 1.27 25.87 -9.27
CA ALA C 108 2.26 25.02 -8.60
C ALA C 108 3.67 25.42 -8.97
N ASP C 109 3.95 25.57 -10.27
CA ASP C 109 5.26 26.02 -10.76
C ASP C 109 5.65 27.37 -10.21
N GLN C 110 4.68 28.26 -10.08
CA GLN C 110 4.93 29.58 -9.53
C GLN C 110 5.32 29.54 -8.05
N VAL C 111 4.60 28.72 -7.27
CA VAL C 111 4.85 28.60 -5.82
C VAL C 111 6.21 27.92 -5.60
N ALA C 112 6.59 27.03 -6.51
CA ALA C 112 7.82 26.28 -6.40
C ALA C 112 9.04 27.12 -6.68
N VAL C 113 8.94 27.95 -7.73
CA VAL C 113 10.06 28.77 -8.15
C VAL C 113 10.13 30.06 -7.36
N ASN C 114 9.01 30.76 -7.24
CA ASN C 114 9.00 32.01 -6.49
C ASN C 114 7.58 32.39 -6.05
N TYR C 115 7.17 31.88 -4.89
CA TYR C 115 5.82 32.14 -4.44
C TYR C 115 5.47 33.62 -4.35
N LEU C 116 6.48 34.48 -4.24
CA LEU C 116 6.28 35.92 -4.18
C LEU C 116 5.62 36.45 -5.44
N LYS C 117 5.92 35.82 -6.57
CA LYS C 117 5.33 36.17 -7.83
C LYS C 117 4.31 35.12 -8.32
N ALA C 118 3.59 34.48 -7.40
CA ALA C 118 2.60 33.48 -7.78
C ALA C 118 1.25 34.17 -7.83
N ASP C 119 0.33 33.65 -8.63
CA ASP C 119 -1.01 34.26 -8.82
C ASP C 119 -1.89 33.87 -7.65
N ILE C 120 -1.63 34.44 -6.49
CA ILE C 120 -2.38 34.10 -5.26
C ILE C 120 -2.68 35.36 -4.47
N PRO C 121 -3.76 35.37 -3.67
CA PRO C 121 -4.00 36.55 -2.88
C PRO C 121 -2.96 36.84 -1.78
N PRO C 122 -3.01 38.06 -1.21
CA PRO C 122 -2.24 38.48 -0.03
C PRO C 122 -2.34 37.47 1.12
N ARG C 123 -3.56 36.99 1.37
CA ARG C 123 -3.82 35.98 2.42
C ARG C 123 -2.95 34.73 2.24
N GLN C 124 -2.80 34.28 0.99
CA GLN C 124 -2.02 33.10 0.75
C GLN C 124 -0.54 33.43 0.75
N ARG C 125 -0.17 34.67 0.46
CA ARG C 125 1.23 35.06 0.51
C ARG C 125 1.62 35.15 1.97
N ALA C 126 0.76 35.73 2.80
CA ALA C 126 1.04 35.82 4.25
C ALA C 126 1.21 34.42 4.83
N LEU C 128 2.18 31.56 3.30
CA LEU C 128 3.46 31.03 2.88
C LEU C 128 4.65 31.76 3.53
N ASP C 129 4.47 33.03 3.89
CA ASP C 129 5.51 33.76 4.60
C ASP C 129 5.76 33.12 5.95
N PHE C 130 4.69 32.81 6.67
CA PHE C 130 4.79 32.15 7.98
C PHE C 130 5.33 30.72 7.81
N ALA C 131 4.83 30.01 6.81
CA ALA C 131 5.29 28.66 6.57
C ALA C 131 6.83 28.63 6.40
N LEU C 132 7.35 29.49 5.52
CA LEU C 132 8.78 29.56 5.26
C LEU C 132 9.55 29.93 6.50
N LYS C 133 8.96 30.74 7.37
CA LYS C 133 9.62 31.08 8.64
C LYS C 133 9.72 29.81 9.47
N VAL C 134 8.58 29.18 9.77
CA VAL C 134 8.56 27.90 10.53
C VAL C 134 9.59 26.93 9.89
N CYS C 135 9.58 26.85 8.56
CA CYS C 135 10.48 26.00 7.83
C CYS C 135 11.96 26.28 8.06
N LYS C 136 12.36 27.55 8.10
CA LYS C 136 13.80 27.87 8.15
C LYS C 136 14.24 28.61 9.38
N ALA C 137 13.34 29.24 10.11
CA ALA C 137 13.80 30.01 11.22
C ALA C 137 12.77 30.00 12.31
N SER C 138 12.29 28.80 12.61
CA SER C 138 11.24 28.56 13.59
C SER C 138 11.54 29.16 14.96
N HIS C 139 12.82 29.23 15.34
CA HIS C 139 13.22 29.79 16.67
C HIS C 139 12.87 31.27 16.88
N GLU C 140 12.71 31.96 15.76
CA GLU C 140 12.37 33.38 15.73
C GLU C 140 10.87 33.66 15.67
N VAL C 141 10.03 32.63 15.78
CA VAL C 141 8.60 32.82 15.68
C VAL C 141 8.20 33.54 16.93
N ASN C 142 7.39 34.58 16.75
CA ASN C 142 6.91 35.43 17.84
C ASN C 142 5.50 35.85 17.55
N GLU C 143 4.91 36.60 18.46
CA GLU C 143 3.53 37.07 18.33
C GLU C 143 3.26 37.88 17.10
N ALA C 144 4.22 38.70 16.69
CA ALA C 144 4.07 39.46 15.47
C ALA C 144 3.73 38.56 14.26
N ASP C 145 4.24 37.34 14.27
CA ASP C 145 3.99 36.41 13.17
C ASP C 145 2.55 35.93 13.21
N PHE C 146 2.01 35.73 14.41
CA PHE C 146 0.63 35.30 14.54
C PHE C 146 -0.33 36.46 14.22
N GLU C 147 0.01 37.65 14.67
CA GLU C 147 -0.82 38.83 14.39
C GLU C 147 -0.91 39.05 12.89
N ALA C 148 0.22 38.94 12.22
CA ALA C 148 0.25 39.11 10.77
C ALA C 148 -0.79 38.22 10.11
N LEU C 149 -0.83 36.94 10.50
CA LEU C 149 -1.79 35.97 9.96
C LEU C 149 -3.22 36.24 10.38
N ARG C 150 -3.46 36.68 11.62
CA ARG C 150 -4.83 36.99 12.01
C ARG C 150 -5.48 38.00 11.05
N GLU C 151 -4.76 39.04 10.67
CA GLU C 151 -5.23 40.04 9.70
C GLU C 151 -5.88 39.46 8.46
N HIS C 152 -5.34 38.33 8.00
CA HIS C 152 -5.86 37.63 6.84
C HIS C 152 -6.89 36.56 7.17
N GLY C 153 -7.30 36.52 8.44
CA GLY C 153 -8.33 35.59 8.91
C GLY C 153 -7.87 34.17 9.18
N PHE C 154 -6.65 34.05 9.70
CA PHE C 154 -6.12 32.76 10.13
C PHE C 154 -6.10 32.79 11.66
N THR C 155 -6.99 32.04 12.29
CA THR C 155 -7.02 31.96 13.75
C THR C 155 -5.74 31.30 14.22
N ASP C 156 -5.52 31.33 15.53
CA ASP C 156 -4.35 30.70 16.13
C ASP C 156 -4.32 29.21 15.81
N GLU C 157 -5.52 28.62 15.74
CA GLU C 157 -5.68 27.24 15.37
C GLU C 157 -5.24 27.04 13.93
N ASP C 158 -5.59 27.97 13.03
CA ASP C 158 -5.12 27.83 11.63
C ASP C 158 -3.60 27.97 11.56
N ALA C 159 -3.04 28.82 12.44
CA ALA C 159 -1.59 29.03 12.49
C ALA C 159 -0.88 27.73 12.83
N TRP C 160 -1.39 27.03 13.85
CA TRP C 160 -0.93 25.70 14.25
C TRP C 160 -0.90 24.78 13.03
N ASP C 161 -1.97 24.74 12.26
CA ASP C 161 -2.06 23.87 11.06
C ASP C 161 -1.00 24.15 10.00
N ILE C 162 -0.71 25.42 9.80
CA ILE C 162 0.31 25.85 8.84
C ILE C 162 1.66 25.32 9.30
N ALA C 163 1.90 25.49 10.60
CA ALA C 163 3.14 25.09 11.21
C ALA C 163 3.28 23.56 11.22
N ALA C 164 2.16 22.90 11.50
CA ALA C 164 2.13 21.47 11.56
C ALA C 164 2.43 20.90 10.18
N ILE C 165 1.70 21.37 9.17
CA ILE C 165 1.95 20.90 7.81
C ILE C 165 3.42 21.09 7.53
N THR C 166 3.91 22.32 7.72
CA THR C 166 5.33 22.62 7.49
C THR C 166 6.31 21.72 8.25
N ALA C 167 6.05 21.46 9.53
CA ALA C 167 6.93 20.59 10.33
C ALA C 167 6.94 19.13 9.84
N PHE C 168 5.76 18.61 9.54
CA PHE C 168 5.62 17.26 9.08
C PHE C 168 6.25 17.10 7.70
N PHE C 169 6.08 18.05 6.80
CA PHE C 169 6.65 17.89 5.43
C PHE C 169 8.14 18.12 5.35
N GLY C 170 8.70 18.69 6.42
CA GLY C 170 10.14 18.83 6.56
C GLY C 170 10.72 17.43 6.79
N LEU C 171 10.06 16.66 7.66
CA LEU C 171 10.40 15.26 7.90
C LEU C 171 10.31 14.50 6.57
N SER C 172 9.15 14.63 5.97
CA SER C 172 8.86 14.03 4.68
C SER C 172 9.94 14.38 3.65
N ASN C 173 10.37 15.64 3.58
CA ASN C 173 11.44 16.05 2.61
C ASN C 173 12.82 15.44 2.87
N ARG C 174 13.12 15.30 4.17
CA ARG C 174 14.40 14.80 4.61
C ARG C 174 14.57 13.32 4.34
N ALA C 176 12.81 11.73 1.84
CA ALA C 176 12.78 11.62 0.39
C ALA C 176 14.12 11.95 -0.21
N ASN C 177 14.74 13.03 0.28
CA ASN C 177 16.07 13.43 -0.17
C ASN C 177 17.14 12.39 0.15
N THR C 178 17.13 11.89 1.38
CA THR C 178 18.13 10.92 1.82
C THR C 178 18.07 9.61 1.03
N ILE C 179 16.86 9.11 0.78
CA ILE C 179 16.75 7.82 0.11
C ILE C 179 16.64 7.92 -1.42
N GLY C 180 16.65 9.12 -1.97
CA GLY C 180 16.49 9.30 -3.40
C GLY C 180 15.08 8.99 -3.86
N ARG C 182 11.84 8.83 -5.61
CA ARG C 182 11.57 9.28 -6.98
C ARG C 182 10.11 9.60 -7.22
N PRO C 183 9.83 10.74 -7.89
CA PRO C 183 8.41 11.04 -8.18
C PRO C 183 7.88 10.25 -9.37
N ASN C 184 6.65 9.75 -9.26
CA ASN C 184 6.03 8.96 -10.31
C ASN C 184 5.82 9.88 -11.50
N ASP C 185 6.01 9.30 -12.70
CA ASP C 185 5.85 10.03 -13.95
C ASP C 185 4.49 10.72 -14.05
N GLU C 186 3.46 10.03 -13.60
CA GLU C 186 2.11 10.59 -13.62
C GLU C 186 2.02 12.02 -13.05
N PHE C 187 2.79 12.29 -12.00
CA PHE C 187 2.72 13.59 -11.34
C PHE C 187 3.15 14.77 -12.17
N PHE C 188 4.09 14.56 -13.09
CA PHE C 188 4.65 15.64 -13.90
C PHE C 188 3.63 16.30 -14.82
N LEU C 189 2.66 15.52 -15.27
CA LEU C 189 1.68 16.01 -16.22
C LEU C 189 0.33 16.25 -15.61
N GLY C 191 -2.87 17.50 -13.71
CA GLY C 191 -3.44 18.83 -13.38
C GLY C 191 -3.11 19.99 -14.33
N ARG C 192 -2.29 19.75 -15.34
CA ARG C 192 -1.88 20.78 -16.28
C ARG C 192 -2.95 21.13 -17.31
N VAL C 193 -3.76 20.14 -17.69
CA VAL C 193 -4.90 20.34 -18.61
C VAL C 193 -6.20 20.21 -17.78
N PRO C 194 -6.98 21.32 -17.63
CA PRO C 194 -8.19 21.39 -16.76
C PRO C 194 -9.10 20.15 -16.62
N ARG D 4 -63.70 -17.50 6.30
CA ARG D 4 -62.29 -17.97 6.17
C ARG D 4 -62.12 -19.37 6.77
N PRO D 5 -62.27 -20.44 5.94
CA PRO D 5 -62.02 -21.79 6.47
C PRO D 5 -60.51 -22.02 6.59
N ALA D 6 -60.11 -22.56 7.74
CA ALA D 6 -58.71 -22.77 8.04
C ALA D 6 -58.06 -23.80 7.11
N HIS D 7 -56.78 -23.61 6.83
CA HIS D 7 -55.99 -24.55 6.03
C HIS D 7 -55.72 -25.80 6.87
N PRO D 8 -55.56 -26.96 6.22
CA PRO D 8 -55.24 -28.16 6.99
C PRO D 8 -53.87 -28.02 7.68
N ILE D 9 -53.71 -28.59 8.87
CA ILE D 9 -52.44 -28.50 9.62
C ILE D 9 -51.57 -29.76 9.49
N SER D 10 -52.12 -30.83 8.92
CA SER D 10 -51.43 -32.10 8.76
C SER D 10 -52.08 -32.83 7.61
N ARG D 11 -51.37 -33.75 6.96
CA ARG D 11 -52.02 -34.61 5.96
C ARG D 11 -52.70 -35.78 6.69
N TYR D 12 -52.40 -35.92 8.00
CA TYR D 12 -52.93 -36.97 8.88
C TYR D 12 -54.03 -36.45 9.76
N PRO D 13 -54.86 -37.35 10.31
CA PRO D 13 -55.93 -36.92 11.20
C PRO D 13 -55.44 -36.17 12.44
N VAL D 14 -56.22 -35.22 12.88
CA VAL D 14 -55.91 -34.44 14.06
C VAL D 14 -56.97 -34.78 15.08
N PRO D 15 -56.57 -35.32 16.24
CA PRO D 15 -57.57 -35.67 17.24
C PRO D 15 -58.17 -34.46 17.92
N GLU D 16 -59.37 -34.65 18.47
CA GLU D 16 -60.04 -33.65 19.26
C GLU D 16 -59.37 -33.64 20.62
N LEU D 17 -59.17 -32.45 21.17
CA LEU D 17 -58.58 -32.29 22.49
C LEU D 17 -59.32 -33.18 23.50
N ALA D 18 -60.63 -33.27 23.37
CA ALA D 18 -61.44 -34.11 24.25
C ALA D 18 -61.14 -35.63 24.17
N ALA D 19 -60.89 -36.16 22.97
CA ALA D 19 -60.63 -37.61 22.80
C ALA D 19 -59.20 -38.08 23.15
N LEU D 20 -58.50 -37.33 23.98
CA LEU D 20 -57.10 -37.62 24.29
C LEU D 20 -56.83 -37.90 25.78
N PRO D 21 -55.77 -38.69 26.03
CA PRO D 21 -55.27 -38.98 27.37
C PRO D 21 -55.10 -37.71 28.16
N ASP D 22 -55.44 -37.76 29.44
CA ASP D 22 -55.42 -36.56 30.30
C ASP D 22 -54.04 -35.91 30.44
N ASP D 23 -52.98 -36.73 30.42
CA ASP D 23 -51.59 -36.21 30.52
C ASP D 23 -51.24 -35.32 29.33
N ILE D 24 -51.61 -35.81 28.14
CA ILE D 24 -51.45 -35.10 26.87
C ILE D 24 -52.37 -33.88 26.87
N ARG D 25 -53.64 -34.07 27.20
CA ARG D 25 -54.57 -32.93 27.28
C ARG D 25 -54.04 -31.83 28.20
N GLN D 26 -53.41 -32.21 29.32
CA GLN D 26 -52.90 -31.23 30.30
C GLN D 26 -51.67 -30.47 29.76
N ARG D 27 -50.82 -31.15 28.99
CA ARG D 27 -49.66 -30.48 28.41
C ARG D 27 -50.12 -29.46 27.38
N ILE D 28 -51.12 -29.84 26.57
CA ILE D 28 -51.71 -28.95 25.56
C ILE D 28 -52.39 -27.75 26.24
N LEU D 29 -53.11 -27.98 27.33
CA LEU D 29 -53.77 -26.87 28.03
C LEU D 29 -52.78 -25.91 28.68
N GLU D 30 -51.70 -26.46 29.21
CA GLU D 30 -50.64 -25.68 29.87
C GLU D 30 -49.97 -24.73 28.86
N VAL D 31 -49.73 -25.23 27.63
CA VAL D 31 -49.15 -24.42 26.55
C VAL D 31 -50.17 -23.43 26.00
N GLN D 32 -51.43 -23.82 25.95
CA GLN D 32 -52.46 -22.91 25.50
C GLN D 32 -52.64 -21.78 26.50
N ASP D 33 -52.88 -22.16 27.76
CA ASP D 33 -53.09 -21.17 28.83
C ASP D 33 -51.86 -20.24 29.03
N LYS D 34 -50.75 -20.52 28.34
CA LYS D 34 -49.53 -19.71 28.38
C LYS D 34 -49.15 -19.05 27.06
N ALA D 35 -49.79 -19.44 25.96
CA ALA D 35 -49.50 -18.86 24.62
C ALA D 35 -50.70 -18.20 23.95
N GLY D 36 -51.91 -18.61 24.33
CA GLY D 36 -53.15 -18.09 23.74
C GLY D 36 -53.59 -18.95 22.57
N PHE D 37 -52.80 -19.97 22.24
CA PHE D 37 -53.12 -20.83 21.13
C PHE D 37 -52.27 -22.06 21.30
N VAL D 38 -52.66 -23.13 20.64
CA VAL D 38 -51.91 -24.36 20.72
C VAL D 38 -51.09 -24.51 19.46
N PRO D 39 -49.75 -24.41 19.61
CA PRO D 39 -48.88 -24.66 18.47
C PRO D 39 -49.29 -25.98 17.84
N ASN D 40 -49.28 -26.03 16.52
CA ASN D 40 -49.77 -27.21 15.81
C ASN D 40 -48.97 -28.49 16.00
N VAL D 41 -47.74 -28.39 16.47
CA VAL D 41 -46.91 -29.59 16.67
C VAL D 41 -47.58 -30.50 17.72
N PHE D 42 -48.20 -29.90 18.75
CA PHE D 42 -48.86 -30.69 19.79
C PHE D 42 -50.08 -31.45 19.27
N LEU D 43 -50.90 -30.77 18.49
CA LEU D 43 -52.12 -31.36 17.99
C LEU D 43 -51.86 -32.38 16.90
N THR D 44 -50.88 -32.13 16.06
CA THR D 44 -50.58 -33.06 14.96
C THR D 44 -49.92 -34.34 15.46
N LEU D 45 -48.98 -34.20 16.39
CA LEU D 45 -48.30 -35.38 16.97
C LEU D 45 -49.22 -36.16 17.92
N ALA D 46 -50.27 -35.53 18.44
CA ALA D 46 -51.25 -36.18 19.33
C ALA D 46 -51.99 -37.36 18.62
N HIS D 47 -51.84 -37.47 17.29
CA HIS D 47 -52.33 -38.60 16.49
C HIS D 47 -51.63 -39.91 16.92
N ARG D 48 -50.38 -39.82 17.37
CA ARG D 48 -49.65 -40.97 17.88
C ARG D 48 -49.16 -40.64 19.31
N PRO D 49 -50.06 -40.75 20.33
CA PRO D 49 -49.81 -40.38 21.77
C PRO D 49 -48.48 -40.85 22.39
N ASP D 50 -48.07 -42.08 22.15
CA ASP D 50 -46.80 -42.56 22.66
C ASP D 50 -45.60 -41.83 22.09
N GLU D 51 -45.69 -41.38 20.85
CA GLU D 51 -44.59 -40.65 20.20
C GLU D 51 -44.63 -39.21 20.71
N PHE D 52 -45.83 -38.68 20.84
CA PHE D 52 -46.05 -37.38 21.45
C PHE D 52 -45.34 -37.31 22.81
N ARG D 53 -45.56 -38.30 23.66
CA ARG D 53 -44.97 -38.26 25.01
C ARG D 53 -43.45 -38.31 24.94
N ALA D 54 -42.92 -39.16 24.07
CA ALA D 54 -41.49 -39.32 23.93
C ALA D 54 -40.82 -38.09 23.27
N PHE D 55 -41.54 -37.44 22.37
CA PHE D 55 -41.05 -36.26 21.67
C PHE D 55 -40.90 -35.12 22.67
N PHE D 56 -41.99 -34.80 23.36
CA PHE D 56 -41.94 -33.66 24.26
C PHE D 56 -41.02 -33.88 25.45
N ALA D 57 -40.90 -35.09 25.91
CA ALA D 57 -39.95 -35.38 26.97
C ALA D 57 -38.53 -35.16 26.49
N TYR D 58 -38.23 -35.53 25.24
CA TYR D 58 -36.90 -35.33 24.71
C TYR D 58 -36.72 -33.84 24.51
N HIS D 59 -37.73 -33.18 23.95
CA HIS D 59 -37.66 -31.74 23.75
C HIS D 59 -37.34 -30.98 25.05
N ASP D 60 -38.08 -31.31 26.10
CA ASP D 60 -37.91 -30.69 27.40
C ASP D 60 -36.53 -30.96 27.97
N ALA D 61 -35.99 -32.16 27.75
CA ALA D 61 -34.65 -32.49 28.27
C ALA D 61 -33.49 -31.63 27.73
N LEU D 62 -33.66 -31.11 26.52
CA LEU D 62 -32.63 -30.31 25.88
C LEU D 62 -32.90 -28.82 25.98
N LEU D 64 -35.00 -27.31 28.17
CA LEU D 64 -35.31 -26.80 29.50
C LEU D 64 -34.20 -27.01 30.55
N LYS D 65 -33.20 -27.82 30.26
CA LYS D 65 -32.11 -28.06 31.20
C LYS D 65 -31.31 -26.82 31.55
N ASP D 66 -30.48 -26.93 32.58
CA ASP D 66 -29.54 -25.86 32.91
C ASP D 66 -28.38 -26.18 31.95
N GLY D 67 -27.74 -25.17 31.39
CA GLY D 67 -26.68 -25.43 30.42
C GLY D 67 -25.86 -24.24 29.94
N GLY D 68 -24.79 -24.55 29.22
CA GLY D 68 -23.92 -23.51 28.71
C GLY D 68 -24.55 -22.67 27.60
N LEU D 69 -25.65 -23.14 27.03
CA LEU D 69 -26.32 -22.39 25.99
C LEU D 69 -27.50 -21.62 26.53
N THR D 70 -27.66 -20.37 26.10
CA THR D 70 -28.80 -19.57 26.57
C THR D 70 -30.04 -20.05 25.85
N LYS D 71 -31.20 -19.62 26.28
CA LYS D 71 -32.45 -20.06 25.64
C LYS D 71 -32.54 -19.57 24.18
N GLY D 72 -32.08 -18.35 23.91
CA GLY D 72 -32.07 -17.83 22.56
C GLY D 72 -31.12 -18.57 21.63
N GLU D 73 -29.95 -18.91 22.16
CA GLU D 73 -28.94 -19.65 21.43
C GLU D 73 -29.43 -21.01 20.99
N ARG D 74 -30.17 -21.67 21.87
CA ARG D 74 -30.75 -22.97 21.56
C ARG D 74 -31.73 -22.86 20.40
N GLU D 75 -32.56 -21.80 20.41
CA GLU D 75 -33.52 -21.54 19.33
C GLU D 75 -32.82 -21.15 18.04
N ILE D 77 -29.95 -22.32 17.08
CA ILE D 77 -29.52 -23.60 16.51
C ILE D 77 -30.67 -24.25 15.71
N VAL D 78 -31.88 -24.19 16.26
CA VAL D 78 -33.01 -24.79 15.59
C VAL D 78 -33.33 -24.11 14.28
N VAL D 79 -33.22 -22.79 14.29
CA VAL D 79 -33.56 -22.05 13.10
C VAL D 79 -32.58 -22.33 11.91
N ALA D 80 -31.27 -22.40 12.19
CA ALA D 80 -30.28 -22.60 11.11
C ALA D 80 -30.33 -24.00 10.54
N THR D 81 -30.52 -24.98 11.41
CA THR D 81 -30.56 -26.39 11.03
C THR D 81 -31.85 -26.72 10.29
N SER D 82 -32.94 -26.13 10.75
CA SER D 82 -34.28 -26.24 10.15
C SER D 82 -34.35 -25.58 8.81
N ALA D 83 -33.69 -24.44 8.73
CA ALA D 83 -33.59 -23.71 7.49
C ALA D 83 -32.85 -24.62 6.48
N ALA D 84 -31.77 -25.28 6.89
CA ALA D 84 -30.99 -26.25 6.00
C ALA D 84 -31.79 -27.45 5.48
N ASN D 85 -32.73 -27.91 6.31
CA ASN D 85 -33.67 -28.98 6.00
C ASN D 85 -34.93 -28.46 5.33
N GLN D 86 -35.02 -27.14 5.17
CA GLN D 86 -36.19 -26.50 4.60
C GLN D 86 -37.45 -26.94 5.28
N CYS D 87 -37.43 -26.88 6.61
CA CYS D 87 -38.61 -27.20 7.39
C CYS D 87 -39.37 -25.92 7.65
N LEU D 88 -40.51 -25.82 6.98
CA LEU D 88 -41.36 -24.66 7.11
C LEU D 88 -41.91 -24.48 8.54
N TYR D 89 -42.49 -25.52 9.15
CA TYR D 89 -43.04 -25.36 10.54
C TYR D 89 -41.97 -24.86 11.49
N CYS D 90 -40.84 -25.55 11.54
CA CYS D 90 -39.78 -25.24 12.50
C CYS D 90 -39.09 -23.92 12.34
N VAL D 91 -38.75 -23.58 11.11
CA VAL D 91 -38.12 -22.31 10.83
C VAL D 91 -39.02 -21.16 11.33
N VAL D 92 -40.30 -21.24 10.97
CA VAL D 92 -41.27 -20.22 11.29
C VAL D 92 -41.60 -20.17 12.80
N ALA D 93 -41.84 -21.33 13.38
CA ALA D 93 -42.18 -21.46 14.81
C ALA D 93 -41.03 -21.02 15.70
N HIS D 94 -39.84 -21.55 15.45
CA HIS D 94 -38.67 -21.21 16.24
C HIS D 94 -38.00 -19.89 15.90
N GLY D 95 -38.39 -19.28 14.79
CA GLY D 95 -37.90 -17.94 14.49
C GLY D 95 -38.62 -16.99 15.43
N ALA D 96 -39.90 -17.23 15.61
CA ALA D 96 -40.73 -16.41 16.49
C ALA D 96 -40.19 -16.42 17.90
N ILE D 97 -39.88 -17.61 18.38
CA ILE D 97 -39.37 -17.83 19.72
C ILE D 97 -37.96 -17.25 19.86
N LEU D 98 -37.14 -17.39 18.82
CA LEU D 98 -35.79 -16.79 18.81
C LEU D 98 -35.86 -15.26 18.93
N ARG D 99 -36.76 -14.64 18.17
CA ARG D 99 -36.96 -13.18 18.21
C ARG D 99 -37.40 -12.71 19.58
N ILE D 100 -38.31 -13.44 20.18
CA ILE D 100 -38.81 -13.14 21.52
C ILE D 100 -37.70 -13.25 22.57
N TYR D 101 -36.95 -14.34 22.56
CA TYR D 101 -35.88 -14.56 23.55
C TYR D 101 -34.73 -13.58 23.44
N GLU D 102 -34.28 -13.31 22.21
CA GLU D 102 -33.18 -12.40 22.01
C GLU D 102 -33.56 -10.92 22.04
N LYS D 103 -34.86 -10.64 21.89
CA LYS D 103 -35.38 -9.29 21.77
C LYS D 103 -34.70 -8.61 20.56
N LYS D 104 -34.67 -9.31 19.43
CA LYS D 104 -34.02 -8.85 18.19
C LYS D 104 -34.85 -9.32 17.00
N PRO D 105 -35.81 -8.49 16.54
CA PRO D 105 -36.76 -8.82 15.47
C PRO D 105 -36.18 -9.28 14.14
N LEU D 106 -34.93 -8.91 13.90
CA LEU D 106 -34.28 -9.20 12.63
C LEU D 106 -33.47 -10.47 12.58
N VAL D 107 -32.98 -10.90 13.75
CA VAL D 107 -32.02 -12.02 13.87
C VAL D 107 -32.47 -13.37 13.34
N ALA D 108 -33.74 -13.73 13.56
CA ALA D 108 -34.24 -15.01 13.10
C ALA D 108 -34.33 -15.11 11.60
N ASP D 109 -34.69 -14.04 10.94
CA ASP D 109 -34.73 -14.07 9.45
C ASP D 109 -33.33 -14.20 8.85
N GLN D 110 -32.34 -13.59 9.48
CA GLN D 110 -30.94 -13.63 9.04
C GLN D 110 -30.34 -15.02 9.17
N VAL D 111 -30.67 -15.62 10.28
CA VAL D 111 -30.24 -16.97 10.61
C VAL D 111 -30.91 -17.98 9.69
N ALA D 112 -32.16 -17.75 9.31
CA ALA D 112 -32.86 -18.65 8.43
C ALA D 112 -32.34 -18.55 6.99
N VAL D 113 -31.95 -17.36 6.55
CA VAL D 113 -31.51 -17.16 5.16
C VAL D 113 -30.03 -17.46 4.97
N ASN D 114 -29.19 -16.87 5.81
CA ASN D 114 -27.75 -17.10 5.74
C ASN D 114 -27.06 -16.62 7.00
N TYR D 115 -27.07 -17.46 8.05
CA TYR D 115 -26.50 -17.16 9.40
C TYR D 115 -25.09 -16.58 9.35
N LEU D 116 -24.34 -16.82 8.26
CA LEU D 116 -23.01 -16.24 8.10
C LEU D 116 -23.01 -14.71 8.12
N LYS D 117 -24.13 -14.10 7.76
CA LYS D 117 -24.30 -12.66 7.75
C LYS D 117 -25.30 -12.19 8.82
N ALA D 118 -25.60 -13.04 9.78
CA ALA D 118 -26.53 -12.66 10.83
C ALA D 118 -25.81 -11.74 11.78
N ASP D 119 -26.58 -10.88 12.45
CA ASP D 119 -26.02 -9.92 13.40
C ASP D 119 -25.70 -10.60 14.74
N ILE D 120 -24.69 -11.47 14.73
CA ILE D 120 -24.31 -12.26 15.89
C ILE D 120 -22.80 -12.25 16.04
N PRO D 121 -22.30 -12.41 17.28
CA PRO D 121 -20.85 -12.48 17.52
C PRO D 121 -20.21 -13.73 16.98
N PRO D 122 -18.90 -13.71 16.71
CA PRO D 122 -18.20 -14.91 16.18
C PRO D 122 -18.32 -16.18 17.02
N ARG D 123 -18.61 -16.03 18.32
CA ARG D 123 -18.83 -17.15 19.24
C ARG D 123 -20.08 -17.92 18.77
N GLN D 124 -21.16 -17.17 18.51
CA GLN D 124 -22.40 -17.75 18.01
C GLN D 124 -22.28 -18.26 16.56
N ARG D 125 -21.51 -17.56 15.72
CA ARG D 125 -21.32 -18.04 14.35
C ARG D 125 -20.60 -19.40 14.41
N ALA D 126 -19.62 -19.52 15.34
CA ALA D 126 -18.87 -20.76 15.55
C ALA D 126 -19.77 -21.93 15.99
N LEU D 128 -22.90 -22.19 15.38
CA LEU D 128 -23.76 -22.62 14.30
C LEU D 128 -22.95 -23.35 13.25
N ASP D 129 -21.66 -23.03 13.08
CA ASP D 129 -20.81 -23.79 12.12
C ASP D 129 -20.83 -25.28 12.52
N PHE D 130 -20.73 -25.53 13.82
CA PHE D 130 -20.69 -26.87 14.36
C PHE D 130 -22.03 -27.54 14.15
N ALA D 131 -23.09 -26.89 14.64
CA ALA D 131 -24.47 -27.34 14.42
C ALA D 131 -24.71 -27.76 12.96
N LEU D 132 -24.27 -26.94 12.01
CA LEU D 132 -24.46 -27.28 10.60
C LEU D 132 -23.72 -28.50 10.17
N LYS D 133 -22.54 -28.73 10.75
CA LYS D 133 -21.73 -29.94 10.46
C LYS D 133 -22.40 -31.22 11.01
N VAL D 134 -22.92 -31.13 12.23
CA VAL D 134 -23.63 -32.21 12.83
C VAL D 134 -24.87 -32.47 11.97
N CYS D 135 -25.56 -31.39 11.61
CA CYS D 135 -26.77 -31.45 10.83
C CYS D 135 -26.56 -32.16 9.50
N LYS D 136 -25.55 -31.78 8.73
CA LYS D 136 -25.33 -32.37 7.38
C LYS D 136 -24.11 -33.29 7.15
N ALA D 137 -23.15 -33.32 8.06
CA ALA D 137 -22.01 -34.20 7.89
C ALA D 137 -21.43 -34.62 9.22
N SER D 138 -22.30 -35.17 10.08
CA SER D 138 -21.92 -35.61 11.43
C SER D 138 -20.81 -36.65 11.38
N HIS D 139 -20.83 -37.52 10.36
CA HIS D 139 -19.81 -38.55 10.25
C HIS D 139 -18.40 -37.97 10.10
N GLU D 140 -18.31 -36.67 9.80
CA GLU D 140 -17.02 -36.03 9.62
C GLU D 140 -16.56 -35.27 10.84
N VAL D 141 -17.39 -35.25 11.88
CA VAL D 141 -17.03 -34.54 13.09
C VAL D 141 -15.77 -35.14 13.71
N ASN D 142 -14.79 -34.29 13.97
CA ASN D 142 -13.49 -34.68 14.54
C ASN D 142 -13.09 -33.81 15.76
N GLU D 143 -11.89 -34.02 16.28
CA GLU D 143 -11.41 -33.27 17.46
C GLU D 143 -11.18 -31.78 17.20
N ALA D 144 -10.84 -31.43 15.96
CA ALA D 144 -10.63 -30.05 15.58
C ALA D 144 -11.93 -29.27 15.65
N ASP D 145 -13.07 -29.93 15.47
CA ASP D 145 -14.35 -29.24 15.56
C ASP D 145 -14.62 -28.90 17.02
N PHE D 146 -14.23 -29.77 17.94
CA PHE D 146 -14.40 -29.48 19.36
C PHE D 146 -13.43 -28.39 19.78
N GLU D 147 -12.17 -28.46 19.32
CA GLU D 147 -11.14 -27.42 19.59
C GLU D 147 -11.62 -26.03 19.20
N ALA D 148 -12.19 -25.93 18.00
CA ALA D 148 -12.70 -24.65 17.50
C ALA D 148 -13.74 -24.04 18.40
N LEU D 149 -14.64 -24.85 18.94
CA LEU D 149 -15.64 -24.34 19.85
C LEU D 149 -15.02 -23.87 21.18
N ARG D 150 -14.00 -24.62 21.61
CA ARG D 150 -13.32 -24.30 22.86
C ARG D 150 -12.58 -22.97 22.76
N GLU D 151 -12.04 -22.69 21.56
CA GLU D 151 -11.36 -21.43 21.25
C GLU D 151 -12.25 -20.23 21.52
N HIS D 152 -13.57 -20.41 21.39
CA HIS D 152 -14.56 -19.36 21.67
C HIS D 152 -15.18 -19.46 23.06
N GLY D 153 -14.59 -20.24 23.96
CA GLY D 153 -15.09 -20.34 25.34
C GLY D 153 -16.14 -21.39 25.64
N PHE D 154 -16.33 -22.34 24.72
CA PHE D 154 -17.28 -23.42 24.95
C PHE D 154 -16.52 -24.59 25.55
N THR D 155 -17.26 -25.40 26.30
CA THR D 155 -16.74 -26.61 26.92
C THR D 155 -17.25 -27.75 26.06
N ASP D 156 -16.70 -28.94 26.20
CA ASP D 156 -17.23 -30.04 25.44
C ASP D 156 -18.65 -30.42 25.86
N GLU D 157 -19.06 -30.09 27.07
CA GLU D 157 -20.44 -30.32 27.48
C GLU D 157 -21.38 -29.43 26.65
N ASP D 158 -20.96 -28.20 26.33
CA ASP D 158 -21.73 -27.29 25.47
C ASP D 158 -21.75 -27.92 24.03
N ALA D 159 -20.63 -28.45 23.59
CA ALA D 159 -20.59 -29.09 22.29
C ALA D 159 -21.67 -30.20 22.18
N TRP D 160 -21.91 -30.94 23.26
CA TRP D 160 -22.94 -32.01 23.28
C TRP D 160 -24.36 -31.40 23.21
N ASP D 161 -24.56 -30.29 23.89
CA ASP D 161 -25.84 -29.60 23.87
C ASP D 161 -26.22 -29.13 22.47
N ILE D 162 -25.24 -28.56 21.75
CA ILE D 162 -25.43 -28.10 20.36
C ILE D 162 -25.86 -29.27 19.49
N ALA D 163 -25.01 -30.30 19.48
CA ALA D 163 -25.21 -31.52 18.73
C ALA D 163 -26.54 -32.22 19.07
N ALA D 164 -26.92 -32.26 20.34
CA ALA D 164 -28.17 -32.88 20.74
C ALA D 164 -29.39 -32.14 20.14
N ILE D 165 -29.39 -30.83 20.30
CA ILE D 165 -30.46 -29.96 19.75
C ILE D 165 -30.52 -30.16 18.22
N THR D 166 -29.38 -30.09 17.58
CA THR D 166 -29.36 -30.34 16.13
C THR D 166 -30.06 -31.70 15.90
N ALA D 167 -29.61 -32.74 16.61
CA ALA D 167 -30.12 -34.10 16.43
C ALA D 167 -31.62 -34.24 16.61
N PHE D 168 -32.15 -33.67 17.68
CA PHE D 168 -33.56 -33.79 17.93
C PHE D 168 -34.44 -32.98 16.98
N PHE D 169 -34.05 -31.79 16.62
CA PHE D 169 -34.79 -31.03 15.65
C PHE D 169 -34.60 -31.54 14.17
N GLY D 170 -33.64 -32.37 13.95
CA GLY D 170 -33.50 -33.06 12.64
C GLY D 170 -34.62 -34.11 12.61
N LEU D 171 -34.97 -34.67 13.79
CA LEU D 171 -36.10 -35.61 13.92
C LEU D 171 -37.40 -34.82 13.68
N SER D 172 -37.56 -33.78 14.49
CA SER D 172 -38.70 -32.89 14.40
C SER D 172 -38.95 -32.38 12.96
N ASN D 173 -37.89 -31.90 12.31
CA ASN D 173 -37.98 -31.43 10.94
C ASN D 173 -38.58 -32.45 10.03
N ARG D 174 -38.00 -33.65 10.08
CA ARG D 174 -38.41 -34.78 9.26
C ARG D 174 -39.86 -35.22 9.45
N ALA D 176 -42.22 -33.11 10.66
CA ALA D 176 -42.88 -31.89 10.24
C ALA D 176 -43.12 -31.85 8.77
N ASN D 177 -42.05 -32.17 8.03
CA ASN D 177 -42.08 -32.16 6.60
C ASN D 177 -42.86 -33.31 6.06
N THR D 178 -42.76 -34.48 6.68
CA THR D 178 -43.48 -35.64 6.16
C THR D 178 -44.99 -35.50 6.27
N ILE D 179 -45.48 -34.98 7.39
CA ILE D 179 -46.93 -34.86 7.62
C ILE D 179 -47.57 -33.54 7.12
N GLY D 180 -46.74 -32.59 6.68
CA GLY D 180 -47.21 -31.31 6.21
C GLY D 180 -47.59 -30.45 7.38
N ARG D 182 -48.20 -27.61 9.68
CA ARG D 182 -48.40 -26.20 9.33
C ARG D 182 -48.18 -25.24 10.49
N PRO D 183 -47.27 -24.26 10.30
CA PRO D 183 -47.04 -23.28 11.33
C PRO D 183 -48.26 -22.38 11.56
N ASN D 184 -48.53 -22.09 12.82
CA ASN D 184 -49.64 -21.24 13.20
C ASN D 184 -49.42 -19.83 12.72
N ASP D 185 -50.52 -19.11 12.47
CA ASP D 185 -50.49 -17.75 11.97
C ASP D 185 -49.78 -16.81 12.92
N GLU D 186 -49.92 -17.07 14.21
CA GLU D 186 -49.37 -16.21 15.24
C GLU D 186 -47.85 -16.15 15.22
N PHE D 187 -47.21 -17.25 14.85
CA PHE D 187 -45.75 -17.27 14.81
C PHE D 187 -45.13 -16.30 13.81
N PHE D 188 -45.77 -16.15 12.64
CA PHE D 188 -45.25 -15.31 11.53
C PHE D 188 -45.02 -13.85 11.95
N LEU D 189 -45.90 -13.33 12.80
CA LEU D 189 -45.82 -11.93 13.24
C LEU D 189 -45.20 -11.70 14.64
N GLY D 191 -42.88 -11.39 17.80
CA GLY D 191 -41.49 -10.96 18.01
C GLY D 191 -40.90 -9.97 17.00
N ARG D 192 -41.68 -9.57 16.00
CA ARG D 192 -41.22 -8.63 14.99
C ARG D 192 -41.34 -7.16 15.42
N VAL D 193 -42.16 -6.89 16.42
CA VAL D 193 -42.35 -5.55 16.94
C VAL D 193 -41.83 -5.56 18.37
N PRO D 194 -40.69 -4.86 18.63
CA PRO D 194 -40.00 -4.85 19.95
C PRO D 194 -40.85 -4.97 21.25
N ALA E 6 -8.48 -52.22 25.32
CA ALA E 6 -9.87 -51.88 24.89
C ALA E 6 -9.93 -50.49 24.25
N HIS E 7 -10.51 -50.40 23.04
CA HIS E 7 -10.67 -49.12 22.38
C HIS E 7 -11.75 -48.35 23.10
N PRO E 8 -11.60 -47.02 23.21
CA PRO E 8 -12.62 -46.21 23.88
C PRO E 8 -13.90 -46.28 23.08
N ILE E 9 -15.04 -46.30 23.78
CA ILE E 9 -16.32 -46.46 23.11
C ILE E 9 -17.01 -45.14 22.82
N SER E 10 -16.47 -44.08 23.38
CA SER E 10 -17.02 -42.77 23.23
C SER E 10 -15.91 -41.76 23.39
N ARG E 11 -16.23 -40.55 23.00
CA ARG E 11 -15.34 -39.43 23.14
C ARG E 11 -15.63 -38.80 24.51
N TYR E 12 -16.80 -39.06 25.07
CA TYR E 12 -17.22 -38.49 26.35
C TYR E 12 -17.11 -39.48 27.49
N PRO E 13 -17.15 -38.99 28.74
CA PRO E 13 -17.19 -39.92 29.85
C PRO E 13 -18.30 -40.98 29.77
N VAL E 14 -17.91 -42.23 29.99
CA VAL E 14 -18.82 -43.37 30.05
C VAL E 14 -18.94 -43.68 31.55
N PRO E 15 -20.11 -43.40 32.15
CA PRO E 15 -20.28 -43.60 33.59
C PRO E 15 -20.28 -45.04 34.04
N GLU E 16 -20.06 -45.24 35.35
CA GLU E 16 -20.08 -46.57 35.95
C GLU E 16 -21.50 -46.97 36.25
N LEU E 17 -21.82 -48.23 35.97
CA LEU E 17 -23.17 -48.73 36.18
C LEU E 17 -23.64 -48.44 37.60
N ALA E 18 -22.71 -48.51 38.55
CA ALA E 18 -22.96 -48.23 39.96
C ALA E 18 -23.26 -46.78 40.27
N ALA E 19 -22.77 -45.87 39.44
CA ALA E 19 -23.00 -44.44 39.63
C ALA E 19 -24.34 -43.99 39.05
N LEU E 20 -24.96 -44.84 38.24
CA LEU E 20 -26.19 -44.47 37.56
C LEU E 20 -27.41 -44.66 38.43
N PRO E 21 -28.48 -43.89 38.15
CA PRO E 21 -29.73 -44.10 38.87
C PRO E 21 -30.27 -45.48 38.57
N ASP E 22 -31.11 -45.97 39.46
CA ASP E 22 -31.61 -47.34 39.41
C ASP E 22 -32.37 -47.74 38.16
N ASP E 23 -33.32 -46.92 37.74
CA ASP E 23 -34.13 -47.22 36.53
C ASP E 23 -33.29 -47.36 35.28
N ILE E 24 -32.27 -46.51 35.15
CA ILE E 24 -31.32 -46.57 34.05
C ILE E 24 -30.50 -47.83 34.18
N ARG E 25 -30.11 -48.11 35.41
CA ARG E 25 -29.31 -49.28 35.72
C ARG E 25 -30.08 -50.55 35.37
N GLN E 26 -31.38 -50.58 35.70
CA GLN E 26 -32.24 -51.71 35.37
C GLN E 26 -32.39 -51.94 33.90
N ARG E 27 -32.57 -50.88 33.12
CA ARG E 27 -32.70 -51.03 31.68
C ARG E 27 -31.40 -51.60 31.13
N ILE E 28 -30.28 -51.11 31.62
CA ILE E 28 -29.00 -51.62 31.16
C ILE E 28 -28.81 -53.12 31.46
N LEU E 29 -29.11 -53.53 32.68
CA LEU E 29 -28.98 -54.93 33.10
C LEU E 29 -29.97 -55.81 32.37
N GLU E 30 -31.21 -55.33 32.23
CA GLU E 30 -32.23 -56.07 31.50
C GLU E 30 -31.81 -56.35 30.05
N VAL E 31 -31.04 -55.46 29.45
CA VAL E 31 -30.53 -55.64 28.10
C VAL E 31 -29.34 -56.60 28.07
N GLN E 32 -28.54 -56.58 29.13
CA GLN E 32 -27.40 -57.46 29.25
C GLN E 32 -27.89 -58.88 29.34
N ASP E 33 -28.94 -59.08 30.12
CA ASP E 33 -29.57 -60.38 30.30
C ASP E 33 -30.01 -60.97 28.95
N LYS E 34 -30.80 -60.21 28.21
CA LYS E 34 -31.29 -60.66 26.91
C LYS E 34 -30.15 -60.81 25.91
N ALA E 35 -29.35 -59.77 25.75
CA ALA E 35 -28.29 -59.76 24.74
C ALA E 35 -27.03 -60.52 25.07
N GLY E 36 -26.66 -60.51 26.35
CA GLY E 36 -25.43 -61.14 26.79
C GLY E 36 -24.33 -60.12 27.00
N PHE E 37 -24.59 -58.87 26.64
CA PHE E 37 -23.65 -57.77 26.78
C PHE E 37 -24.46 -56.51 26.71
N VAL E 38 -23.86 -55.38 27.06
CA VAL E 38 -24.54 -54.08 26.98
C VAL E 38 -24.08 -53.34 25.72
N PRO E 39 -24.97 -53.19 24.72
CA PRO E 39 -24.61 -52.39 23.57
C PRO E 39 -24.10 -51.01 24.01
N ASN E 40 -23.07 -50.51 23.35
CA ASN E 40 -22.45 -49.25 23.77
C ASN E 40 -23.34 -48.00 23.77
N VAL E 41 -24.47 -48.01 23.10
CA VAL E 41 -25.40 -46.88 23.12
C VAL E 41 -25.93 -46.63 24.51
N PHE E 42 -26.15 -47.69 25.27
CA PHE E 42 -26.69 -47.57 26.62
C PHE E 42 -25.72 -46.83 27.51
N LEU E 43 -24.49 -47.31 27.50
CA LEU E 43 -23.42 -46.82 28.35
C LEU E 43 -23.01 -45.40 28.03
N THR E 44 -22.88 -45.12 26.75
CA THR E 44 -22.40 -43.83 26.25
C THR E 44 -23.42 -42.70 26.43
N LEU E 45 -24.71 -43.00 26.21
CA LEU E 45 -25.74 -42.00 26.40
C LEU E 45 -26.11 -41.79 27.88
N ALA E 46 -25.66 -42.69 28.76
CA ALA E 46 -25.93 -42.60 30.21
C ALA E 46 -25.13 -41.47 30.82
N HIS E 47 -24.19 -40.91 30.07
CA HIS E 47 -23.48 -39.72 30.48
C HIS E 47 -24.47 -38.58 30.74
N ARG E 48 -25.59 -38.60 30.00
CA ARG E 48 -26.70 -37.65 30.17
C ARG E 48 -28.00 -38.42 30.49
N PRO E 49 -28.24 -38.73 31.77
CA PRO E 49 -29.42 -39.51 32.18
C PRO E 49 -30.77 -39.10 31.60
N ASP E 50 -31.08 -37.82 31.56
CA ASP E 50 -32.40 -37.34 31.08
C ASP E 50 -32.64 -37.60 29.60
N GLU E 51 -31.54 -37.57 28.84
CA GLU E 51 -31.56 -37.83 27.41
C GLU E 51 -31.62 -39.35 27.17
N PHE E 52 -30.87 -40.11 27.97
CA PHE E 52 -30.90 -41.57 27.94
C PHE E 52 -32.37 -42.01 28.12
N ARG E 53 -33.03 -41.47 29.14
CA ARG E 53 -34.42 -41.83 29.38
C ARG E 53 -35.34 -41.53 28.18
N ALA E 54 -35.21 -40.35 27.58
CA ALA E 54 -36.03 -39.96 26.43
C ALA E 54 -35.65 -40.71 25.15
N PHE E 55 -34.38 -40.94 24.98
CA PHE E 55 -33.88 -41.66 23.78
C PHE E 55 -34.50 -43.05 23.67
N PHE E 56 -34.37 -43.84 24.74
CA PHE E 56 -34.91 -45.20 24.76
C PHE E 56 -36.43 -45.26 24.85
N ALA E 57 -37.04 -44.26 25.49
CA ALA E 57 -38.48 -44.14 25.49
C ALA E 57 -38.99 -44.01 24.06
N TYR E 58 -38.38 -43.09 23.31
CA TYR E 58 -38.74 -42.88 21.90
C TYR E 58 -38.45 -44.15 21.11
N HIS E 59 -37.27 -44.71 21.32
CA HIS E 59 -36.85 -45.93 20.62
C HIS E 59 -37.87 -47.05 20.74
N ASP E 60 -38.30 -47.29 21.98
CA ASP E 60 -39.26 -48.31 22.31
C ASP E 60 -40.59 -48.03 21.65
N ALA E 61 -41.07 -46.79 21.75
CA ALA E 61 -42.35 -46.39 21.19
C ALA E 61 -42.46 -46.74 19.71
N LEU E 62 -41.35 -46.74 18.98
CA LEU E 62 -41.38 -47.04 17.56
C LEU E 62 -41.05 -48.47 17.21
N LEU E 64 -40.97 -51.25 19.35
CA LEU E 64 -41.73 -52.28 20.06
C LEU E 64 -43.22 -52.28 19.76
N LYS E 65 -43.80 -51.17 19.29
CA LYS E 65 -45.22 -51.06 18.96
C LYS E 65 -45.74 -52.15 18.00
N ASP E 66 -47.04 -52.44 18.07
CA ASP E 66 -47.69 -53.34 17.13
C ASP E 66 -47.82 -52.43 15.88
N GLY E 67 -47.51 -52.97 14.70
CA GLY E 67 -47.54 -52.16 13.50
C GLY E 67 -47.48 -52.94 12.21
N GLY E 68 -47.66 -52.24 11.11
CA GLY E 68 -47.68 -52.84 9.80
C GLY E 68 -46.33 -53.27 9.31
N LEU E 69 -45.30 -52.68 9.89
CA LEU E 69 -43.91 -53.02 9.59
C LEU E 69 -43.48 -54.15 10.47
N THR E 70 -42.84 -55.14 9.89
CA THR E 70 -42.37 -56.25 10.71
C THR E 70 -41.15 -55.74 11.44
N LYS E 71 -40.80 -56.39 12.55
CA LYS E 71 -39.62 -56.01 13.32
C LYS E 71 -38.35 -56.01 12.44
N GLY E 72 -38.25 -56.96 11.51
CA GLY E 72 -37.10 -57.00 10.60
C GLY E 72 -37.03 -55.79 9.71
N GLU E 73 -38.17 -55.44 9.12
CA GLU E 73 -38.30 -54.29 8.22
C GLU E 73 -37.95 -52.98 8.88
N ARG E 74 -38.28 -52.86 10.17
CA ARG E 74 -37.94 -51.68 10.94
C ARG E 74 -36.46 -51.50 11.04
N GLU E 75 -35.74 -52.59 11.31
CA GLU E 75 -34.28 -52.53 11.42
C GLU E 75 -33.68 -52.28 10.04
N ILE E 77 -34.95 -50.43 7.72
CA ILE E 77 -35.04 -48.98 7.54
C ILE E 77 -33.84 -48.30 8.21
N VAL E 78 -33.61 -48.63 9.49
CA VAL E 78 -32.47 -48.11 10.25
C VAL E 78 -31.11 -48.36 9.58
N VAL E 79 -30.92 -49.49 8.91
CA VAL E 79 -29.64 -49.80 8.25
C VAL E 79 -29.42 -48.95 7.02
N ALA E 80 -30.46 -48.81 6.18
CA ALA E 80 -30.33 -48.06 4.90
C ALA E 80 -30.12 -46.58 5.11
N THR E 81 -30.77 -46.04 6.13
CA THR E 81 -30.66 -44.65 6.41
C THR E 81 -29.34 -44.30 7.16
N SER E 82 -28.92 -45.20 8.06
CA SER E 82 -27.67 -45.07 8.78
C SER E 82 -26.47 -45.14 7.80
N ALA E 83 -26.63 -45.94 6.75
CA ALA E 83 -25.59 -46.05 5.66
C ALA E 83 -25.44 -44.71 4.99
N ALA E 84 -26.58 -44.12 4.64
CA ALA E 84 -26.64 -42.81 4.02
C ALA E 84 -25.94 -41.72 4.84
N ASN E 85 -26.09 -41.78 6.17
CA ASN E 85 -25.43 -40.88 7.10
C ASN E 85 -24.05 -41.36 7.53
N GLN E 86 -23.56 -42.41 6.88
CA GLN E 86 -22.29 -43.01 7.17
C GLN E 86 -22.07 -43.19 8.68
N CYS E 87 -23.08 -43.69 9.39
CA CYS E 87 -23.07 -43.91 10.83
C CYS E 87 -22.64 -45.34 11.23
N LEU E 88 -21.35 -45.48 11.60
CA LEU E 88 -20.70 -46.78 11.92
C LEU E 88 -21.42 -47.65 12.94
N TYR E 89 -21.77 -47.05 14.07
CA TYR E 89 -22.47 -47.79 15.08
C TYR E 89 -23.79 -48.34 14.59
N CYS E 90 -24.70 -47.46 14.17
CA CYS E 90 -26.03 -47.85 13.77
C CYS E 90 -26.07 -48.78 12.59
N VAL E 91 -25.19 -48.59 11.63
CA VAL E 91 -25.18 -49.55 10.53
C VAL E 91 -24.88 -50.93 11.11
N VAL E 92 -23.78 -51.02 11.86
CA VAL E 92 -23.30 -52.30 12.38
C VAL E 92 -24.21 -52.95 13.43
N ALA E 93 -24.69 -52.16 14.37
CA ALA E 93 -25.56 -52.68 15.42
C ALA E 93 -26.87 -53.24 14.86
N HIS E 94 -27.54 -52.48 13.99
CA HIS E 94 -28.84 -52.86 13.44
C HIS E 94 -28.74 -53.78 12.27
N GLY E 95 -27.57 -53.83 11.65
CA GLY E 95 -27.34 -54.80 10.58
C GLY E 95 -27.45 -56.20 11.16
N ALA E 96 -26.91 -56.37 12.37
CA ALA E 96 -26.92 -57.66 13.07
C ALA E 96 -28.32 -58.13 13.43
N ILE E 97 -29.06 -57.20 14.03
CA ILE E 97 -30.42 -57.43 14.42
C ILE E 97 -31.25 -57.76 13.19
N LEU E 98 -31.05 -56.99 12.13
CA LEU E 98 -31.76 -57.26 10.88
C LEU E 98 -31.57 -58.71 10.50
N ARG E 99 -30.31 -59.14 10.46
CA ARG E 99 -29.92 -60.52 10.09
C ARG E 99 -30.61 -61.59 10.94
N ILE E 100 -30.74 -61.29 12.23
CA ILE E 100 -31.37 -62.18 13.19
C ILE E 100 -32.86 -62.26 12.97
N TYR E 101 -33.50 -61.10 12.99
CA TYR E 101 -34.93 -60.96 12.79
C TYR E 101 -35.47 -61.52 11.49
N GLU E 102 -34.74 -61.43 10.39
CA GLU E 102 -35.22 -62.01 9.13
C GLU E 102 -34.52 -63.31 8.73
N LYS E 103 -33.53 -63.74 9.52
CA LYS E 103 -32.76 -64.94 9.24
C LYS E 103 -32.18 -64.90 7.81
N LYS E 104 -31.63 -63.74 7.44
CA LYS E 104 -31.00 -63.53 6.13
C LYS E 104 -29.61 -62.94 6.42
N PRO E 105 -28.56 -63.79 6.41
CA PRO E 105 -27.20 -63.37 6.72
C PRO E 105 -26.54 -62.36 5.76
N LEU E 106 -26.94 -62.38 4.50
CA LEU E 106 -26.39 -61.49 3.48
C LEU E 106 -27.09 -60.13 3.36
N VAL E 107 -28.35 -60.04 3.74
CA VAL E 107 -29.20 -58.86 3.44
C VAL E 107 -28.79 -57.52 4.02
N ALA E 108 -28.27 -57.49 5.24
CA ALA E 108 -27.88 -56.24 5.87
C ALA E 108 -26.68 -55.61 5.16
N ASP E 109 -25.75 -56.43 4.73
CA ASP E 109 -24.60 -55.96 4.00
C ASP E 109 -25.03 -55.27 2.73
N GLN E 110 -25.90 -55.94 1.99
CA GLN E 110 -26.44 -55.41 0.76
C GLN E 110 -27.20 -54.09 0.97
N VAL E 111 -28.07 -54.03 1.96
CA VAL E 111 -28.82 -52.80 2.23
C VAL E 111 -27.88 -51.62 2.59
N ALA E 112 -26.76 -51.91 3.23
CA ALA E 112 -25.82 -50.90 3.64
C ALA E 112 -24.94 -50.41 2.48
N VAL E 113 -24.55 -51.30 1.58
CA VAL E 113 -23.67 -50.94 0.45
C VAL E 113 -24.46 -50.37 -0.71
N ASN E 114 -25.56 -51.02 -1.06
CA ASN E 114 -26.41 -50.54 -2.11
C ASN E 114 -27.76 -51.27 -2.07
N TYR E 115 -28.73 -50.69 -1.36
CA TYR E 115 -30.06 -51.31 -1.20
C TYR E 115 -30.82 -51.47 -2.47
N LEU E 116 -30.43 -50.71 -3.48
CA LEU E 116 -31.01 -50.83 -4.80
C LEU E 116 -30.77 -52.21 -5.39
N LYS E 117 -29.67 -52.85 -4.99
CA LYS E 117 -29.30 -54.21 -5.40
C LYS E 117 -29.39 -55.29 -4.29
N ALA E 118 -30.02 -54.98 -3.16
CA ALA E 118 -30.24 -55.99 -2.11
C ALA E 118 -31.32 -57.00 -2.48
N ASP E 119 -31.18 -58.24 -2.01
CA ASP E 119 -32.13 -59.32 -2.29
C ASP E 119 -33.36 -59.13 -1.40
N ILE E 120 -34.22 -58.17 -1.74
CA ILE E 120 -35.44 -57.88 -1.02
C ILE E 120 -36.55 -57.67 -2.03
N PRO E 121 -37.82 -57.85 -1.60
CA PRO E 121 -38.93 -57.64 -2.53
C PRO E 121 -39.27 -56.15 -2.78
N PRO E 122 -39.90 -55.83 -3.95
CA PRO E 122 -40.43 -54.51 -4.32
C PRO E 122 -41.13 -53.73 -3.21
N ARG E 123 -41.91 -54.43 -2.39
CA ARG E 123 -42.60 -53.77 -1.28
C ARG E 123 -41.60 -53.17 -0.31
N GLN E 124 -40.51 -53.91 -0.05
CA GLN E 124 -39.44 -53.45 0.85
C GLN E 124 -38.55 -52.39 0.21
N ARG E 125 -38.25 -52.56 -1.08
CA ARG E 125 -37.47 -51.58 -1.81
C ARG E 125 -38.18 -50.23 -1.80
N ALA E 126 -39.47 -50.24 -2.12
CA ALA E 126 -40.27 -49.04 -2.11
C ALA E 126 -40.36 -48.47 -0.68
N LEU E 128 -38.01 -48.56 1.54
CA LEU E 128 -36.73 -47.88 1.72
C LEU E 128 -36.60 -46.61 0.91
N ASP E 129 -37.04 -46.66 -0.37
CA ASP E 129 -37.13 -45.46 -1.19
C ASP E 129 -37.78 -44.29 -0.45
N PHE E 130 -38.90 -44.57 0.20
CA PHE E 130 -39.59 -43.52 1.00
C PHE E 130 -38.68 -43.10 2.16
N ALA E 131 -38.10 -44.07 2.84
CA ALA E 131 -37.19 -43.81 3.96
C ALA E 131 -36.02 -42.95 3.55
N LEU E 132 -35.39 -43.25 2.40
CA LEU E 132 -34.29 -42.43 1.92
C LEU E 132 -34.72 -41.02 1.58
N LYS E 133 -35.94 -40.86 1.06
CA LYS E 133 -36.48 -39.53 0.78
C LYS E 133 -36.73 -38.76 2.08
N VAL E 134 -37.33 -39.39 3.09
CA VAL E 134 -37.52 -38.72 4.39
C VAL E 134 -36.17 -38.37 5.02
N CYS E 135 -35.18 -39.22 4.74
CA CYS E 135 -33.87 -39.04 5.30
C CYS E 135 -33.17 -37.80 4.74
N LYS E 136 -32.96 -37.82 3.41
CA LYS E 136 -32.21 -36.81 2.71
C LYS E 136 -33.00 -35.65 2.11
N ALA E 137 -34.33 -35.77 2.02
CA ALA E 137 -35.10 -34.72 1.38
C ALA E 137 -36.54 -34.68 1.75
N SER E 138 -36.84 -34.66 3.06
CA SER E 138 -38.22 -34.71 3.52
C SER E 138 -39.01 -33.53 3.05
N HIS E 139 -38.33 -32.41 2.77
CA HIS E 139 -39.02 -31.20 2.33
C HIS E 139 -39.81 -31.44 1.04
N GLU E 140 -39.39 -32.44 0.24
CA GLU E 140 -40.06 -32.80 -1.01
C GLU E 140 -41.08 -33.92 -0.88
N VAL E 141 -41.44 -34.35 0.34
CA VAL E 141 -42.43 -35.43 0.50
C VAL E 141 -43.82 -34.92 0.08
N ASN E 142 -44.44 -35.64 -0.86
CA ASN E 142 -45.72 -35.23 -1.44
C ASN E 142 -46.65 -36.41 -1.53
N GLU E 143 -47.86 -36.18 -2.00
CA GLU E 143 -48.87 -37.26 -2.06
C GLU E 143 -48.53 -38.42 -2.98
N ALA E 144 -47.76 -38.19 -4.03
CA ALA E 144 -47.37 -39.27 -4.92
C ALA E 144 -46.51 -40.27 -4.15
N ASP E 145 -45.79 -39.78 -3.14
CA ASP E 145 -44.90 -40.60 -2.33
C ASP E 145 -45.67 -41.60 -1.52
N PHE E 146 -46.80 -41.16 -0.96
CA PHE E 146 -47.68 -42.01 -0.21
C PHE E 146 -48.42 -42.95 -1.15
N GLU E 147 -48.82 -42.44 -2.32
CA GLU E 147 -49.49 -43.28 -3.32
C GLU E 147 -48.61 -44.45 -3.67
N ALA E 148 -47.31 -44.20 -3.87
CA ALA E 148 -46.33 -45.26 -4.23
C ALA E 148 -46.28 -46.35 -3.19
N LEU E 149 -46.31 -45.98 -1.90
CA LEU E 149 -46.36 -46.99 -0.84
C LEU E 149 -47.69 -47.81 -0.85
N ARG E 150 -48.83 -47.15 -1.05
CA ARG E 150 -50.11 -47.83 -1.12
C ARG E 150 -50.21 -48.79 -2.31
N GLU E 151 -49.57 -48.44 -3.43
CA GLU E 151 -49.47 -49.37 -4.56
C GLU E 151 -48.91 -50.74 -4.10
N HIS E 152 -48.07 -50.75 -3.06
CA HIS E 152 -47.54 -52.00 -2.47
C HIS E 152 -48.26 -52.48 -1.19
N GLY E 153 -49.42 -51.94 -0.87
CA GLY E 153 -50.18 -52.46 0.26
C GLY E 153 -49.93 -51.81 1.60
N PHE E 154 -49.10 -50.78 1.62
CA PHE E 154 -48.88 -50.07 2.84
C PHE E 154 -50.08 -49.14 3.05
N THR E 155 -50.36 -48.83 4.29
CA THR E 155 -51.36 -47.86 4.64
C THR E 155 -50.59 -46.56 4.96
N ASP E 156 -51.30 -45.45 5.06
CA ASP E 156 -50.64 -44.20 5.40
C ASP E 156 -50.08 -44.28 6.80
N GLU E 157 -50.66 -45.11 7.65
CA GLU E 157 -50.13 -45.29 8.99
C GLU E 157 -48.77 -46.03 8.91
N ASP E 158 -48.60 -46.92 7.94
CA ASP E 158 -47.31 -47.57 7.74
C ASP E 158 -46.29 -46.50 7.30
N ALA E 159 -46.76 -45.52 6.52
CA ALA E 159 -45.92 -44.44 6.03
C ALA E 159 -45.37 -43.68 7.20
N TRP E 160 -46.27 -43.22 8.08
CA TRP E 160 -45.88 -42.54 9.30
C TRP E 160 -44.79 -43.35 10.00
N ASP E 161 -45.01 -44.67 10.12
CA ASP E 161 -44.05 -45.54 10.78
C ASP E 161 -42.66 -45.55 10.14
N ILE E 162 -42.61 -45.63 8.81
CA ILE E 162 -41.34 -45.61 8.08
C ILE E 162 -40.68 -44.26 8.32
N ALA E 163 -41.47 -43.18 8.26
CA ALA E 163 -41.00 -41.80 8.50
C ALA E 163 -40.48 -41.58 9.92
N ALA E 164 -41.25 -42.00 10.91
CA ALA E 164 -40.82 -41.87 12.32
C ALA E 164 -39.52 -42.65 12.65
N ILE E 165 -39.37 -43.84 12.10
CA ILE E 165 -38.14 -44.59 12.33
C ILE E 165 -36.96 -43.87 11.70
N THR E 166 -37.19 -43.28 10.53
CA THR E 166 -36.13 -42.58 9.80
C THR E 166 -35.73 -41.32 10.54
N ALA E 167 -36.74 -40.62 11.03
CA ALA E 167 -36.55 -39.42 11.79
C ALA E 167 -35.72 -39.69 13.02
N PHE E 168 -36.15 -40.64 13.85
CA PHE E 168 -35.49 -40.91 15.15
C PHE E 168 -34.09 -41.50 14.95
N PHE E 169 -33.89 -42.34 13.96
CA PHE E 169 -32.53 -42.87 13.76
C PHE E 169 -31.59 -41.84 13.11
N GLY E 170 -32.14 -40.70 12.71
CA GLY E 170 -31.34 -39.58 12.28
C GLY E 170 -30.82 -38.92 13.53
N LEU E 171 -31.68 -38.82 14.56
CA LEU E 171 -31.28 -38.26 15.84
C LEU E 171 -30.14 -39.11 16.40
N SER E 172 -30.32 -40.40 16.33
CA SER E 172 -29.38 -41.37 16.81
C SER E 172 -28.06 -41.43 16.00
N ASN E 173 -28.14 -41.37 14.67
CA ASN E 173 -26.90 -41.33 13.85
C ASN E 173 -26.04 -40.12 14.16
N ARG E 174 -26.67 -38.97 14.28
CA ARG E 174 -25.98 -37.71 14.58
C ARG E 174 -25.30 -37.76 15.95
N ALA E 176 -24.43 -40.53 17.57
CA ALA E 176 -23.40 -41.55 17.52
C ALA E 176 -22.18 -41.05 16.80
N ASN E 177 -22.34 -40.44 15.63
CA ASN E 177 -21.20 -39.84 14.93
C ASN E 177 -20.56 -38.73 15.72
N THR E 178 -21.35 -37.86 16.36
CA THR E 178 -20.72 -36.77 17.11
C THR E 178 -19.82 -37.24 18.26
N ILE E 179 -20.22 -38.32 18.95
CA ILE E 179 -19.45 -38.79 20.10
C ILE E 179 -18.56 -39.96 19.79
N GLY E 180 -18.48 -40.38 18.52
CA GLY E 180 -17.64 -41.53 18.15
C GLY E 180 -18.06 -42.85 18.80
N ARG E 182 -18.82 -46.33 19.58
CA ARG E 182 -18.21 -47.51 18.97
C ARG E 182 -19.13 -48.73 19.01
N PRO E 183 -19.32 -49.39 17.86
CA PRO E 183 -20.13 -50.61 17.91
C PRO E 183 -19.39 -51.79 18.59
N ASN E 184 -20.07 -52.48 19.51
CA ASN E 184 -19.55 -53.64 20.22
C ASN E 184 -19.10 -54.73 19.22
N ASP E 185 -18.04 -55.46 19.54
CA ASP E 185 -17.51 -56.53 18.67
C ASP E 185 -18.57 -57.56 18.34
N GLU E 186 -19.42 -57.87 19.33
CA GLU E 186 -20.50 -58.85 19.19
C GLU E 186 -21.37 -58.64 17.94
N PHE E 187 -21.69 -57.40 17.64
CA PHE E 187 -22.55 -57.10 16.51
C PHE E 187 -21.94 -57.47 15.16
N PHE E 188 -20.62 -57.40 15.04
CA PHE E 188 -20.00 -57.63 13.73
C PHE E 188 -20.17 -59.04 13.14
N LEU E 189 -20.35 -60.02 14.02
CA LEU E 189 -20.49 -61.42 13.59
C LEU E 189 -21.89 -61.99 13.81
N GLY E 191 -25.60 -63.06 13.69
CA GLY E 191 -26.58 -63.31 12.63
C GLY E 191 -26.01 -63.80 11.32
N ARG E 192 -24.70 -63.97 11.25
CA ARG E 192 -24.05 -64.35 9.99
C ARG E 192 -24.01 -65.83 9.76
N VAL E 193 -24.08 -66.60 10.85
CA VAL E 193 -24.10 -68.06 10.80
C VAL E 193 -25.47 -68.53 11.34
N PRO E 194 -26.33 -69.11 10.47
CA PRO E 194 -27.67 -69.53 10.92
C PRO E 194 -27.73 -70.67 11.96
N LYS E 195 -28.96 -71.02 12.36
CA LYS E 195 -29.25 -72.10 13.32
C LYS E 195 -28.67 -71.85 14.71
N ALA F 6 34.94 69.76 8.62
CA ALA F 6 35.52 68.37 8.64
C ALA F 6 34.48 67.30 9.02
N HIS F 7 34.53 66.15 8.33
CA HIS F 7 33.65 65.01 8.62
C HIS F 7 33.92 64.50 10.04
N PRO F 8 32.89 63.99 10.74
CA PRO F 8 33.17 63.52 12.09
C PRO F 8 33.92 62.17 12.03
N ILE F 9 34.93 62.00 12.90
CA ILE F 9 35.77 60.80 12.91
C ILE F 9 35.24 59.65 13.76
N SER F 10 34.22 59.96 14.56
CA SER F 10 33.59 59.00 15.44
C SER F 10 32.18 59.50 15.73
N ARG F 11 31.35 58.57 16.18
CA ARG F 11 29.98 58.85 16.60
C ARG F 11 29.99 59.34 18.05
N TYR F 12 31.07 59.04 18.77
CA TYR F 12 31.23 59.40 20.18
C TYR F 12 32.16 60.60 20.37
N PRO F 13 32.23 61.14 21.60
CA PRO F 13 33.14 62.26 21.82
C PRO F 13 34.62 61.95 21.58
N VAL F 14 35.35 62.97 21.15
CA VAL F 14 36.78 62.83 20.94
C VAL F 14 37.43 63.85 21.88
N PRO F 15 38.27 63.39 22.81
CA PRO F 15 38.86 64.31 23.77
C PRO F 15 40.03 65.09 23.20
N GLU F 16 40.37 66.19 23.87
CA GLU F 16 41.51 66.99 23.46
C GLU F 16 42.74 66.36 24.09
N LEU F 17 43.81 66.27 23.30
CA LEU F 17 45.05 65.62 23.71
C LEU F 17 45.69 66.10 25.00
N ALA F 18 45.63 67.40 25.27
CA ALA F 18 46.23 67.95 26.47
C ALA F 18 45.52 67.48 27.75
N ALA F 19 44.22 67.20 27.64
CA ALA F 19 43.39 66.75 28.78
C ALA F 19 43.67 65.30 29.21
N LEU F 20 44.17 64.51 28.28
CA LEU F 20 44.40 63.08 28.52
C LEU F 20 45.55 62.74 29.48
N PRO F 21 45.52 61.54 30.09
CA PRO F 21 46.62 61.07 30.91
C PRO F 21 47.95 61.08 30.16
N ASP F 22 49.03 61.30 30.90
CA ASP F 22 50.39 61.40 30.35
C ASP F 22 50.80 60.24 29.49
N ASP F 23 50.52 59.03 29.94
CA ASP F 23 50.90 57.82 29.17
C ASP F 23 50.13 57.66 27.87
N ILE F 24 48.87 58.06 27.88
CA ILE F 24 48.01 58.02 26.70
C ILE F 24 48.47 59.10 25.71
N ARG F 25 48.58 60.34 26.20
CA ARG F 25 49.05 61.45 25.40
C ARG F 25 50.42 61.19 24.82
N GLN F 26 51.29 60.55 25.59
CA GLN F 26 52.61 60.17 25.18
C GLN F 26 52.63 59.26 24.00
N ARG F 27 51.76 58.29 24.02
CA ARG F 27 51.65 57.34 22.92
C ARG F 27 51.17 58.07 21.67
N ILE F 28 50.18 58.94 21.86
CA ILE F 28 49.60 59.71 20.76
C ILE F 28 50.63 60.67 20.15
N LEU F 29 51.45 61.32 20.97
CA LEU F 29 52.43 62.23 20.41
C LEU F 29 53.52 61.47 19.68
N GLU F 30 53.84 60.26 20.14
CA GLU F 30 54.89 59.46 19.48
C GLU F 30 54.45 58.98 18.08
N VAL F 31 53.16 58.73 17.90
CA VAL F 31 52.66 58.34 16.58
C VAL F 31 52.60 59.57 15.64
N GLN F 32 52.24 60.73 16.19
CA GLN F 32 52.30 61.99 15.43
C GLN F 32 53.73 62.20 14.90
N ASP F 33 54.71 62.02 15.77
CA ASP F 33 56.10 62.22 15.40
C ASP F 33 56.55 61.27 14.30
N LYS F 34 56.12 60.03 14.39
CA LYS F 34 56.46 58.98 13.42
C LYS F 34 55.68 59.09 12.11
N ALA F 35 54.37 59.35 12.21
CA ALA F 35 53.47 59.39 11.04
C ALA F 35 53.24 60.75 10.40
N GLY F 36 53.31 61.81 11.19
CA GLY F 36 53.01 63.14 10.70
C GLY F 36 51.55 63.50 10.91
N PHE F 37 50.78 62.54 11.42
CA PHE F 37 49.38 62.76 11.79
C PHE F 37 49.06 61.74 12.85
N VAL F 38 47.90 61.87 13.49
CA VAL F 38 47.45 60.94 14.51
C VAL F 38 46.30 60.10 13.94
N PRO F 39 46.54 58.80 13.60
CA PRO F 39 45.46 57.97 13.07
C PRO F 39 44.22 58.02 13.97
N ASN F 40 43.03 58.03 13.38
CA ASN F 40 41.80 58.23 14.15
C ASN F 40 41.46 57.19 15.21
N VAL F 41 42.11 56.02 15.14
CA VAL F 41 41.92 54.95 16.13
C VAL F 41 42.31 55.43 17.55
N PHE F 42 43.39 56.19 17.64
CA PHE F 42 43.92 56.74 18.89
C PHE F 42 42.99 57.80 19.43
N LEU F 43 42.58 58.70 18.55
CA LEU F 43 41.74 59.84 18.95
C LEU F 43 40.40 59.39 19.50
N THR F 44 39.80 58.41 18.85
CA THR F 44 38.45 57.92 19.18
C THR F 44 38.35 56.97 20.37
N LEU F 45 39.29 56.05 20.47
CA LEU F 45 39.35 55.12 21.58
C LEU F 45 39.76 55.80 22.89
N ALA F 46 40.50 56.92 22.77
CA ALA F 46 40.96 57.72 23.91
C ALA F 46 39.79 58.18 24.77
N HIS F 47 38.60 58.18 24.17
CA HIS F 47 37.34 58.44 24.86
C HIS F 47 37.18 57.51 26.08
N ARG F 48 37.78 56.32 25.97
CA ARG F 48 37.80 55.32 27.05
C ARG F 48 39.24 54.93 27.40
N PRO F 49 39.93 55.75 28.23
CA PRO F 49 41.35 55.58 28.60
C PRO F 49 41.82 54.17 28.96
N ASP F 50 41.06 53.50 29.80
CA ASP F 50 41.37 52.14 30.24
C ASP F 50 41.35 51.12 29.09
N GLU F 51 40.40 51.30 28.18
CA GLU F 51 40.25 50.43 27.00
C GLU F 51 41.33 50.78 25.98
N PHE F 52 41.63 52.06 25.85
CA PHE F 52 42.74 52.55 24.99
C PHE F 52 44.03 51.84 25.39
N ARG F 53 44.34 51.84 26.68
CA ARG F 53 45.57 51.25 27.15
C ARG F 53 45.64 49.75 26.85
N ALA F 54 44.56 49.03 27.14
CA ALA F 54 44.49 47.59 26.88
C ALA F 54 44.58 47.28 25.39
N PHE F 55 43.81 48.04 24.61
CA PHE F 55 43.78 47.91 23.15
C PHE F 55 45.16 48.02 22.57
N PHE F 56 45.90 49.08 22.89
CA PHE F 56 47.24 49.27 22.30
C PHE F 56 48.37 48.36 22.84
N ALA F 57 48.21 47.95 24.09
CA ALA F 57 49.08 46.96 24.70
C ALA F 57 48.94 45.64 23.92
N TYR F 58 47.69 45.27 23.59
CA TYR F 58 47.44 44.04 22.82
C TYR F 58 48.01 44.22 21.41
N HIS F 59 47.80 45.39 20.82
CA HIS F 59 48.30 45.67 19.47
C HIS F 59 49.81 45.48 19.44
N ASP F 60 50.47 46.05 20.45
CA ASP F 60 51.92 45.99 20.58
C ASP F 60 52.37 44.55 20.69
N ALA F 61 51.77 43.82 21.63
CA ALA F 61 52.04 42.40 21.84
C ALA F 61 52.08 41.61 20.55
N LEU F 62 51.12 41.85 19.67
CA LEU F 62 50.99 41.09 18.43
C LEU F 62 51.76 41.62 17.23
N LEU F 64 54.32 44.11 17.25
CA LEU F 64 55.72 44.53 17.48
C LEU F 64 56.69 43.40 17.91
N LYS F 65 56.14 42.25 18.31
CA LYS F 65 56.93 41.09 18.71
C LYS F 65 57.78 40.58 17.56
N ASP F 66 58.90 39.95 17.90
CA ASP F 66 59.73 39.28 16.92
C ASP F 66 58.98 37.96 16.73
N GLY F 67 58.87 37.49 15.49
CA GLY F 67 58.10 36.28 15.18
C GLY F 67 58.34 35.79 13.77
N GLY F 68 57.66 34.70 13.41
CA GLY F 68 57.81 34.11 12.09
C GLY F 68 57.09 34.80 10.95
N LEU F 69 56.21 35.74 11.30
CA LEU F 69 55.47 36.51 10.33
C LEU F 69 56.16 37.86 10.14
N THR F 70 56.32 38.27 8.88
CA THR F 70 56.90 39.56 8.56
C THR F 70 55.87 40.63 8.86
N LYS F 71 56.31 41.87 9.05
CA LYS F 71 55.41 42.97 9.37
C LYS F 71 54.35 43.09 8.27
N GLY F 72 54.74 42.89 7.02
CA GLY F 72 53.82 42.99 5.91
C GLY F 72 52.77 41.92 5.96
N GLU F 73 53.19 40.69 6.23
CA GLU F 73 52.29 39.55 6.34
C GLU F 73 51.27 39.73 7.43
N ARG F 74 51.67 40.39 8.50
CA ARG F 74 50.78 40.62 9.61
C ARG F 74 49.69 41.62 9.22
N GLU F 75 50.06 42.64 8.44
CA GLU F 75 49.12 43.63 7.89
C GLU F 75 48.24 43.00 6.79
N ILE F 77 47.07 39.98 6.83
CA ILE F 77 45.99 39.34 7.63
C ILE F 77 44.90 40.34 8.04
N VAL F 78 45.30 41.53 8.49
CA VAL F 78 44.35 42.55 8.96
C VAL F 78 43.43 43.02 7.83
N VAL F 79 44.00 43.17 6.64
CA VAL F 79 43.26 43.61 5.49
C VAL F 79 42.32 42.52 5.01
N ALA F 80 42.81 41.29 4.86
CA ALA F 80 41.95 40.22 4.39
C ALA F 80 40.79 40.00 5.37
N THR F 81 41.07 39.97 6.69
CA THR F 81 39.99 39.78 7.69
C THR F 81 39.08 41.01 7.87
N SER F 82 39.63 42.23 7.83
CA SER F 82 38.77 43.43 7.93
C SER F 82 37.88 43.55 6.70
N ALA F 83 38.37 43.12 5.52
CA ALA F 83 37.56 43.15 4.32
C ALA F 83 36.33 42.23 4.51
N ALA F 84 36.56 41.05 5.07
CA ALA F 84 35.50 40.11 5.43
C ALA F 84 34.55 40.70 6.47
N ASN F 85 35.01 41.61 7.31
CA ASN F 85 34.10 42.26 8.29
C ASN F 85 33.55 43.58 7.76
N GLN F 86 33.90 43.89 6.49
CA GLN F 86 33.50 45.11 5.81
C GLN F 86 33.76 46.31 6.71
N CYS F 87 34.97 46.37 7.24
CA CYS F 87 35.33 47.48 8.14
C CYS F 87 36.20 48.52 7.40
N LEU F 88 35.61 49.68 7.14
CA LEU F 88 36.21 50.79 6.38
C LEU F 88 37.53 51.32 6.90
N TYR F 89 37.56 51.65 8.19
CA TYR F 89 38.78 52.13 8.83
C TYR F 89 39.97 51.17 8.70
N CYS F 90 39.77 49.90 9.05
CA CYS F 90 40.89 48.99 9.12
C CYS F 90 41.37 48.58 7.74
N VAL F 91 40.46 48.47 6.79
CA VAL F 91 40.86 48.10 5.43
C VAL F 91 41.73 49.21 4.86
N VAL F 92 41.21 50.42 4.91
CA VAL F 92 41.91 51.59 4.41
C VAL F 92 43.22 51.87 5.13
N ALA F 93 43.18 51.88 6.47
CA ALA F 93 44.36 52.17 7.29
C ALA F 93 45.51 51.14 7.19
N HIS F 94 45.18 49.86 7.13
CA HIS F 94 46.20 48.81 7.06
C HIS F 94 46.54 48.48 5.64
N GLY F 95 45.67 48.81 4.70
CA GLY F 95 45.97 48.63 3.30
C GLY F 95 47.17 49.51 3.05
N ALA F 96 47.13 50.74 3.59
CA ALA F 96 48.24 51.68 3.47
C ALA F 96 49.54 51.13 4.03
N ILE F 97 49.49 50.72 5.29
CA ILE F 97 50.65 50.17 5.98
C ILE F 97 51.18 48.94 5.25
N LEU F 98 50.29 48.06 4.79
CA LEU F 98 50.69 46.89 3.98
C LEU F 98 51.45 47.29 2.72
N ARG F 99 50.96 48.26 1.95
CA ARG F 99 51.64 48.69 0.71
C ARG F 99 53.07 49.21 0.96
N ILE F 100 53.26 49.83 2.12
CA ILE F 100 54.54 50.34 2.54
C ILE F 100 55.44 49.19 2.93
N TYR F 101 54.97 48.34 3.86
CA TYR F 101 55.78 47.25 4.34
C TYR F 101 56.18 46.29 3.23
N GLU F 102 55.25 45.97 2.36
CA GLU F 102 55.52 45.09 1.25
C GLU F 102 56.14 45.80 0.08
N LYS F 103 56.10 47.13 0.03
CA LYS F 103 56.63 47.89 -1.12
C LYS F 103 55.95 47.40 -2.41
N LYS F 104 54.65 47.18 -2.30
CA LYS F 104 53.82 46.69 -3.38
C LYS F 104 52.53 47.51 -3.40
N PRO F 105 52.46 48.50 -4.30
CA PRO F 105 51.33 49.38 -4.35
C PRO F 105 50.00 48.75 -4.72
N LEU F 106 50.02 47.62 -5.42
CA LEU F 106 48.80 46.95 -5.90
C LEU F 106 48.20 45.93 -4.94
N VAL F 107 49.04 45.38 -4.05
CA VAL F 107 48.67 44.23 -3.21
C VAL F 107 47.54 44.37 -2.18
N ALA F 108 47.46 45.50 -1.53
CA ALA F 108 46.43 45.71 -0.49
C ALA F 108 45.05 45.74 -1.11
N ASP F 109 44.94 46.24 -2.35
CA ASP F 109 43.64 46.35 -3.04
C ASP F 109 43.18 45.00 -3.48
N GLN F 110 44.13 44.13 -3.81
CA GLN F 110 43.84 42.78 -4.24
C GLN F 110 43.39 41.99 -3.03
N VAL F 111 44.18 42.08 -1.96
CA VAL F 111 43.87 41.39 -0.71
C VAL F 111 42.50 41.78 -0.21
N ALA F 112 42.21 43.08 -0.19
CA ALA F 112 40.91 43.61 0.26
C ALA F 112 39.70 43.20 -0.58
N VAL F 113 39.87 43.10 -1.91
CA VAL F 113 38.76 42.75 -2.78
C VAL F 113 38.63 41.25 -2.89
N ASN F 114 39.70 40.58 -3.30
CA ASN F 114 39.66 39.14 -3.35
C ASN F 114 41.06 38.57 -3.20
N TYR F 115 41.42 38.27 -1.95
CA TYR F 115 42.78 37.78 -1.68
C TYR F 115 43.17 36.53 -2.47
N LEU F 116 42.19 35.78 -2.95
CA LEU F 116 42.44 34.58 -3.71
C LEU F 116 43.07 34.87 -5.07
N LYS F 117 43.09 36.13 -5.48
CA LYS F 117 43.71 36.53 -6.75
C LYS F 117 44.80 37.61 -6.58
N ALA F 118 45.24 37.80 -5.34
CA ALA F 118 46.29 38.74 -5.01
C ALA F 118 47.64 38.22 -5.54
N ASP F 119 48.58 39.12 -5.75
CA ASP F 119 49.90 38.77 -6.25
C ASP F 119 50.81 38.30 -5.12
N ILE F 120 50.42 37.22 -4.45
CA ILE F 120 51.14 36.66 -3.28
C ILE F 120 51.47 35.16 -3.50
N PRO F 121 52.57 34.66 -2.89
CA PRO F 121 52.89 33.23 -2.99
C PRO F 121 51.91 32.32 -2.25
N PRO F 122 51.78 31.04 -2.70
CA PRO F 122 50.90 30.05 -2.08
C PRO F 122 50.99 29.96 -0.56
N ARG F 123 52.17 30.23 -0.02
CA ARG F 123 52.40 30.23 1.41
C ARG F 123 51.58 31.32 2.11
N GLN F 124 51.60 32.54 1.56
CA GLN F 124 50.81 33.67 2.13
C GLN F 124 49.32 33.43 1.86
N ARG F 125 48.96 32.82 0.72
CA ARG F 125 47.56 32.48 0.48
C ARG F 125 47.04 31.52 1.57
N ALA F 126 47.87 30.52 1.90
CA ALA F 126 47.56 29.53 2.93
C ALA F 126 47.40 30.18 4.27
N LEU F 128 46.45 33.22 4.81
CA LEU F 128 45.16 33.94 4.74
C LEU F 128 43.94 33.01 4.74
N ASP F 129 44.08 31.83 4.12
CA ASP F 129 42.99 30.85 4.17
C ASP F 129 42.68 30.49 5.65
N PHE F 130 43.73 30.32 6.45
CA PHE F 130 43.61 29.96 7.88
C PHE F 130 43.06 31.14 8.66
N ALA F 131 43.55 32.34 8.37
CA ALA F 131 43.06 33.55 9.02
C ALA F 131 41.57 33.70 8.78
N LEU F 132 41.13 33.48 7.54
CA LEU F 132 39.69 33.61 7.25
C LEU F 132 38.73 32.58 7.90
N LYS F 133 39.24 31.39 8.20
CA LYS F 133 38.52 30.35 8.91
C LYS F 133 38.41 30.73 10.39
N VAL F 134 39.48 31.28 10.98
CA VAL F 134 39.46 31.73 12.38
C VAL F 134 38.53 32.92 12.49
N CYS F 135 38.55 33.73 11.47
CA CYS F 135 37.68 34.90 11.37
C CYS F 135 36.18 34.56 11.31
N LYS F 136 35.82 33.67 10.36
CA LYS F 136 34.42 33.33 10.07
C LYS F 136 33.87 32.00 10.66
N ALA F 137 34.75 31.04 10.95
CA ALA F 137 34.36 29.72 11.48
C ALA F 137 35.43 29.12 12.39
N SER F 138 35.84 29.86 13.43
CA SER F 138 36.91 29.37 14.31
C SER F 138 36.55 28.05 14.98
N HIS F 139 35.26 27.87 15.26
CA HIS F 139 34.78 26.63 15.90
C HIS F 139 35.07 25.34 15.11
N GLU F 140 35.43 25.46 13.83
CA GLU F 140 35.75 24.31 12.99
C GLU F 140 37.25 24.13 12.81
N VAL F 141 38.05 24.98 13.46
CA VAL F 141 39.49 24.90 13.34
C VAL F 141 39.90 23.53 13.86
N ASN F 142 40.68 22.81 13.07
CA ASN F 142 41.10 21.49 13.48
C ASN F 142 42.57 21.23 13.23
N GLU F 143 43.04 20.03 13.54
CA GLU F 143 44.46 19.70 13.38
C GLU F 143 44.91 19.67 11.94
N ALA F 144 43.99 19.42 11.02
CA ALA F 144 44.32 19.44 9.60
C ALA F 144 44.63 20.85 9.12
N ASP F 145 44.09 21.87 9.81
CA ASP F 145 44.34 23.26 9.46
C ASP F 145 45.76 23.62 9.80
N PHE F 146 46.15 23.36 11.05
CA PHE F 146 47.56 23.53 11.49
C PHE F 146 48.56 22.81 10.56
N GLU F 147 48.18 21.64 10.06
CA GLU F 147 49.03 20.80 9.20
C GLU F 147 49.22 21.36 7.80
N ALA F 148 48.19 22.09 7.35
CA ALA F 148 48.18 22.72 6.04
C ALA F 148 49.24 23.80 6.01
N LEU F 149 49.34 24.52 7.13
CA LEU F 149 50.32 25.57 7.36
C LEU F 149 51.72 24.99 7.47
N ARG F 150 51.89 23.89 8.18
CA ARG F 150 53.23 23.28 8.33
C ARG F 150 53.80 22.85 7.00
N GLU F 151 52.93 22.40 6.10
CA GLU F 151 53.36 22.03 4.75
C GLU F 151 53.94 23.22 4.00
N HIS F 152 53.49 24.43 4.37
CA HIS F 152 54.03 25.67 3.75
C HIS F 152 55.23 26.27 4.49
N GLY F 153 55.76 25.55 5.45
CA GLY F 153 56.91 26.00 6.20
C GLY F 153 56.55 26.80 7.41
N PHE F 154 55.28 26.87 7.79
CA PHE F 154 54.95 27.59 9.01
C PHE F 154 55.20 26.67 10.18
N THR F 155 55.14 27.26 11.38
CA THR F 155 55.29 26.54 12.63
C THR F 155 54.01 26.78 13.40
N ASP F 156 53.77 26.02 14.45
CA ASP F 156 52.53 26.19 15.23
C ASP F 156 52.51 27.52 15.95
N GLU F 157 53.68 28.07 16.22
CA GLU F 157 53.73 29.36 16.92
C GLU F 157 53.28 30.47 15.97
N ASP F 158 53.66 30.32 14.71
CA ASP F 158 53.20 31.16 13.63
C ASP F 158 51.69 31.07 13.43
N ALA F 159 51.14 29.87 13.54
CA ALA F 159 49.69 29.70 13.45
C ALA F 159 48.98 30.40 14.63
N TRP F 160 49.56 30.37 15.82
CA TRP F 160 48.99 31.08 17.00
C TRP F 160 48.88 32.55 16.59
N ASP F 161 50.02 33.10 16.17
CA ASP F 161 50.13 34.47 15.68
C ASP F 161 49.09 34.85 14.61
N ILE F 162 48.88 34.00 13.61
CA ILE F 162 47.88 34.31 12.60
C ILE F 162 46.52 34.46 13.28
N ALA F 163 46.21 33.49 14.12
CA ALA F 163 44.95 33.49 14.81
C ALA F 163 44.77 34.59 15.82
N ALA F 164 45.83 34.99 16.51
CA ALA F 164 45.73 36.05 17.51
C ALA F 164 45.48 37.41 16.83
N ILE F 165 46.18 37.62 15.70
CA ILE F 165 46.03 38.83 14.91
C ILE F 165 44.62 38.89 14.38
N THR F 166 44.16 37.78 13.80
CA THR F 166 42.79 37.67 13.30
C THR F 166 41.80 37.94 14.44
N ALA F 167 41.98 37.27 15.57
CA ALA F 167 41.12 37.48 16.74
C ALA F 167 41.09 38.94 17.18
N PHE F 168 42.25 39.56 17.36
CA PHE F 168 42.33 40.96 17.82
C PHE F 168 41.75 41.98 16.86
N PHE F 169 42.06 41.82 15.59
CA PHE F 169 41.50 42.69 14.60
C PHE F 169 40.06 42.55 14.35
N GLY F 170 39.52 41.40 14.64
CA GLY F 170 38.09 41.22 14.67
C GLY F 170 37.48 42.13 15.76
N LEU F 171 38.17 42.34 16.88
CA LEU F 171 37.68 43.24 17.96
C LEU F 171 37.77 44.69 17.46
N SER F 172 38.90 44.98 16.83
CA SER F 172 39.15 46.28 16.26
C SER F 172 38.08 46.53 15.21
N ASN F 173 37.97 45.64 14.22
CA ASN F 173 36.93 45.77 13.21
C ASN F 173 35.55 46.16 13.83
N ARG F 174 35.14 45.46 14.89
CA ARG F 174 33.82 45.65 15.52
C ARG F 174 33.64 46.94 16.30
N ALA F 176 35.51 49.74 15.60
CA ALA F 176 35.49 50.72 14.47
C ALA F 176 34.11 50.84 13.85
N ASN F 177 33.56 49.70 13.47
CA ASN F 177 32.26 49.65 12.85
C ASN F 177 31.13 50.20 13.73
N THR F 178 31.15 49.92 15.02
CA THR F 178 30.10 50.44 15.91
C THR F 178 30.15 51.96 16.03
N ILE F 179 31.33 52.51 16.31
CA ILE F 179 31.48 53.97 16.44
C ILE F 179 31.66 54.71 15.12
N GLY F 180 31.79 54.01 13.99
CA GLY F 180 31.92 54.69 12.69
C GLY F 180 33.18 55.52 12.66
N ARG F 182 36.55 56.79 11.37
CA ARG F 182 36.81 57.25 10.01
C ARG F 182 38.28 57.15 9.63
N PRO F 183 38.59 56.49 8.49
CA PRO F 183 40.00 56.43 8.12
C PRO F 183 40.54 57.79 7.68
N ASN F 184 41.66 58.19 8.28
CA ASN F 184 42.38 59.42 7.95
C ASN F 184 42.64 59.50 6.45
N ASP F 185 42.49 60.70 5.90
CA ASP F 185 42.71 60.92 4.47
C ASP F 185 44.04 60.42 3.93
N GLU F 186 45.09 60.51 4.73
CA GLU F 186 46.44 60.15 4.31
C GLU F 186 46.59 58.70 3.89
N PHE F 187 45.90 57.83 4.60
CA PHE F 187 45.96 56.40 4.34
C PHE F 187 45.57 56.01 2.92
N PHE F 188 44.61 56.72 2.35
CA PHE F 188 44.10 56.47 1.01
C PHE F 188 45.13 56.49 -0.10
N LEU F 189 46.10 57.39 -0.04
CA LEU F 189 47.10 57.52 -1.09
C LEU F 189 48.46 56.93 -0.69
N GLY F 191 51.59 54.94 0.06
CA GLY F 191 52.15 53.67 -0.42
C GLY F 191 51.85 53.32 -1.86
N ARG F 192 51.04 54.14 -2.52
CA ARG F 192 50.66 53.88 -3.91
C ARG F 192 51.73 54.30 -4.90
N VAL F 193 52.49 55.32 -4.53
CA VAL F 193 53.57 55.82 -5.35
C VAL F 193 54.89 55.49 -4.65
N PRO F 194 55.76 54.69 -5.30
CA PRO F 194 57.07 54.33 -4.76
C PRO F 194 57.87 55.56 -4.30
N LYS F 195 58.62 55.39 -3.20
CA LYS F 195 59.41 56.48 -2.61
C LYS F 195 60.75 56.62 -3.30
N ALA G 6 3.29 30.77 37.41
CA ALA G 6 4.33 29.96 36.70
C ALA G 6 4.42 30.31 35.21
N HIS G 7 5.60 30.15 34.62
CA HIS G 7 5.80 30.47 33.19
C HIS G 7 4.91 29.51 32.39
N PRO G 8 4.19 30.02 31.36
CA PRO G 8 3.38 29.06 30.60
C PRO G 8 4.28 28.05 29.90
N ILE G 9 3.74 26.87 29.66
CA ILE G 9 4.49 25.82 28.99
C ILE G 9 4.25 25.80 27.47
N SER G 10 3.27 26.58 27.03
CA SER G 10 2.92 26.69 25.62
C SER G 10 2.19 27.99 25.40
N ARG G 11 2.25 28.42 24.13
CA ARG G 11 1.54 29.57 23.62
C ARG G 11 0.04 29.24 23.48
N TYR G 12 -0.25 27.95 23.32
CA TYR G 12 -1.59 27.40 23.11
C TYR G 12 -2.21 26.76 24.35
N PRO G 13 -3.52 26.44 24.27
CA PRO G 13 -4.18 25.76 25.39
C PRO G 13 -3.53 24.42 25.73
N VAL G 14 -3.49 24.15 27.02
CA VAL G 14 -2.97 22.91 27.57
C VAL G 14 -4.16 22.22 28.26
N PRO G 15 -4.62 21.08 27.71
CA PRO G 15 -5.77 20.42 28.29
C PRO G 15 -5.52 19.79 29.65
N GLU G 16 -6.59 19.65 30.44
CA GLU G 16 -6.58 18.93 31.72
C GLU G 16 -6.60 17.44 31.38
N LEU G 17 -5.98 16.60 32.21
CA LEU G 17 -5.96 15.14 31.95
C LEU G 17 -7.39 14.56 31.90
N ALA G 18 -8.26 15.13 32.74
CA ALA G 18 -9.68 14.77 32.82
C ALA G 18 -10.39 14.86 31.47
N ALA G 19 -10.04 15.87 30.68
CA ALA G 19 -10.68 16.09 29.39
C ALA G 19 -10.06 15.27 28.25
N LEU G 20 -9.07 14.43 28.53
CA LEU G 20 -8.38 13.68 27.47
C LEU G 20 -8.84 12.25 27.22
N PRO G 21 -8.76 11.79 25.95
CA PRO G 21 -9.07 10.40 25.62
C PRO G 21 -8.33 9.47 26.57
N ASP G 22 -9.05 8.44 27.00
CA ASP G 22 -8.52 7.50 27.97
C ASP G 22 -7.13 6.94 27.60
N ASP G 23 -6.86 6.73 26.32
CA ASP G 23 -5.56 6.18 25.88
C ASP G 23 -4.41 7.18 25.97
N ILE G 24 -4.74 8.45 25.74
CA ILE G 24 -3.78 9.53 25.81
C ILE G 24 -3.47 9.74 27.29
N ARG G 25 -4.55 9.84 28.06
CA ARG G 25 -4.49 9.99 29.52
C ARG G 25 -3.63 8.84 30.13
N GLN G 26 -3.70 7.66 29.50
CA GLN G 26 -2.94 6.47 29.92
C GLN G 26 -1.46 6.64 29.66
N ARG G 27 -1.10 6.95 28.42
CA ARG G 27 0.30 7.17 28.01
C ARG G 27 0.97 8.19 28.89
N ILE G 28 0.20 9.18 29.30
CA ILE G 28 0.70 10.21 30.16
C ILE G 28 0.97 9.64 31.56
N LEU G 29 0.00 8.92 32.14
CA LEU G 29 0.18 8.30 33.48
C LEU G 29 1.40 7.33 33.46
N GLU G 30 1.60 6.66 32.34
CA GLU G 30 2.73 5.75 32.21
C GLU G 30 4.07 6.49 32.38
N VAL G 31 4.22 7.66 31.75
CA VAL G 31 5.47 8.43 31.89
C VAL G 31 5.55 9.17 33.24
N GLN G 32 4.41 9.61 33.75
CA GLN G 32 4.37 10.25 35.08
C GLN G 32 4.99 9.33 36.12
N ASP G 33 4.59 8.07 36.11
CA ASP G 33 5.14 7.06 37.02
C ASP G 33 6.64 6.87 36.80
N LYS G 34 7.02 6.47 35.59
CA LYS G 34 8.42 6.22 35.28
C LYS G 34 9.32 7.42 35.56
N ALA G 35 8.96 8.60 35.05
CA ALA G 35 9.79 9.79 35.18
C ALA G 35 9.57 10.60 36.47
N GLY G 36 8.37 10.54 37.06
CA GLY G 36 8.10 11.31 38.28
C GLY G 36 7.53 12.70 38.04
N PHE G 37 7.23 12.98 36.77
CA PHE G 37 6.66 14.26 36.33
C PHE G 37 6.39 14.01 34.86
N VAL G 38 5.57 14.86 34.25
CA VAL G 38 5.28 14.69 32.83
C VAL G 38 5.97 15.74 31.96
N PRO G 39 6.94 15.32 31.10
CA PRO G 39 7.57 16.25 30.15
C PRO G 39 6.51 17.04 29.39
N ASN G 40 6.70 18.36 29.28
CA ASN G 40 5.71 19.26 28.66
C ASN G 40 5.33 18.94 27.26
N VAL G 41 6.16 18.21 26.52
CA VAL G 41 5.79 17.79 25.18
C VAL G 41 4.47 17.02 25.15
N PHE G 42 4.29 16.11 26.09
CA PHE G 42 3.08 15.31 26.19
C PHE G 42 1.83 16.18 26.41
N LEU G 43 1.92 17.13 27.33
CA LEU G 43 0.77 17.96 27.72
C LEU G 43 0.39 19.00 26.68
N THR G 44 1.41 19.57 26.07
CA THR G 44 1.23 20.60 25.05
C THR G 44 0.61 20.06 23.77
N LEU G 45 1.19 18.98 23.24
CA LEU G 45 0.65 18.34 22.02
C LEU G 45 -0.73 17.68 22.20
N ALA G 46 -1.15 17.46 23.45
CA ALA G 46 -2.44 16.86 23.77
C ALA G 46 -3.57 17.74 23.31
N HIS G 47 -3.26 18.99 23.05
CA HIS G 47 -4.19 19.95 22.49
C HIS G 47 -4.72 19.45 21.13
N ARG G 48 -3.90 18.66 20.43
CA ARG G 48 -4.23 18.06 19.13
C ARG G 48 -4.01 16.51 19.16
N PRO G 49 -4.96 15.78 19.79
CA PRO G 49 -4.92 14.32 19.94
C PRO G 49 -4.53 13.47 18.70
N ASP G 50 -5.06 13.76 17.53
CA ASP G 50 -4.68 12.97 16.36
C ASP G 50 -3.19 13.11 16.06
N GLU G 51 -2.64 14.29 16.33
CA GLU G 51 -1.23 14.60 16.07
C GLU G 51 -0.34 13.98 17.16
N PHE G 52 -0.79 14.16 18.40
CA PHE G 52 -0.19 13.54 19.56
C PHE G 52 0.05 12.05 19.30
N ARG G 53 -1.01 11.35 18.92
CA ARG G 53 -0.93 9.92 18.70
C ARG G 53 0.08 9.58 17.64
N ALA G 54 -0.02 10.27 16.50
CA ALA G 54 0.90 10.05 15.39
C ALA G 54 2.35 10.45 15.75
N PHE G 55 2.46 11.50 16.54
CA PHE G 55 3.73 12.05 16.96
C PHE G 55 4.50 11.01 17.78
N PHE G 56 3.87 10.57 18.86
CA PHE G 56 4.45 9.59 19.75
C PHE G 56 4.52 8.21 19.14
N ALA G 57 3.65 7.90 18.21
CA ALA G 57 3.81 6.63 17.49
C ALA G 57 5.12 6.67 16.69
N TYR G 58 5.39 7.80 16.03
CA TYR G 58 6.61 7.92 15.18
C TYR G 58 7.85 7.92 16.08
N HIS G 59 7.78 8.63 17.21
CA HIS G 59 8.85 8.66 18.20
C HIS G 59 9.22 7.26 18.65
N ASP G 60 8.22 6.52 19.09
CA ASP G 60 8.44 5.17 19.57
C ASP G 60 9.01 4.24 18.50
N ALA G 61 8.54 4.40 17.27
CA ALA G 61 9.03 3.60 16.16
C ALA G 61 10.53 3.72 15.98
N LEU G 62 11.07 4.91 16.20
CA LEU G 62 12.50 5.21 16.02
C LEU G 62 13.33 5.05 17.29
N LEU G 64 12.51 3.41 20.29
CA LEU G 64 12.44 2.18 21.07
C LEU G 64 12.81 0.93 20.27
N LYS G 65 13.04 1.07 18.97
CA LYS G 65 13.42 -0.06 18.15
C LYS G 65 14.78 -0.60 18.58
N ASP G 66 15.01 -1.90 18.40
CA ASP G 66 16.31 -2.50 18.72
C ASP G 66 17.15 -2.47 17.41
N GLY G 67 18.06 -1.51 17.34
CA GLY G 67 18.87 -1.31 16.14
C GLY G 67 20.35 -1.14 16.44
N GLY G 68 21.08 -0.66 15.43
CA GLY G 68 22.51 -0.51 15.53
C GLY G 68 23.02 0.73 16.22
N LEU G 69 22.10 1.66 16.52
CA LEU G 69 22.43 2.88 17.23
C LEU G 69 21.95 2.72 18.66
N THR G 70 22.78 3.08 19.63
CA THR G 70 22.43 2.88 21.03
C THR G 70 21.45 3.94 21.47
N LYS G 71 20.81 3.74 22.61
CA LYS G 71 19.86 4.69 23.10
C LYS G 71 20.56 6.04 23.26
N GLY G 72 21.80 6.03 23.74
CA GLY G 72 22.56 7.27 23.97
C GLY G 72 22.96 7.99 22.70
N GLU G 73 23.35 7.22 21.69
CA GLU G 73 23.72 7.73 20.37
C GLU G 73 22.54 8.43 19.67
N ARG G 74 21.35 7.87 19.82
CA ARG G 74 20.13 8.45 19.26
C ARG G 74 19.75 9.79 19.90
N GLU G 75 20.09 9.97 21.19
CA GLU G 75 19.83 11.24 21.86
C GLU G 75 20.86 12.26 21.43
N ILE G 77 22.02 12.55 18.57
CA ILE G 77 21.53 13.04 17.27
C ILE G 77 20.48 14.12 17.52
N VAL G 78 19.58 13.85 18.45
CA VAL G 78 18.56 14.83 18.78
C VAL G 78 19.18 16.15 19.24
N VAL G 79 20.21 16.08 20.08
CA VAL G 79 20.81 17.30 20.66
C VAL G 79 21.62 18.06 19.60
N ALA G 80 22.41 17.35 18.82
CA ALA G 80 23.18 18.01 17.78
C ALA G 80 22.24 18.80 16.84
N THR G 81 21.20 18.14 16.34
CA THR G 81 20.25 18.73 15.39
C THR G 81 19.29 19.77 16.03
N SER G 82 18.91 19.57 17.28
CA SER G 82 18.03 20.51 17.96
C SER G 82 18.77 21.83 18.17
N ALA G 83 20.03 21.72 18.54
CA ALA G 83 20.90 22.87 18.74
C ALA G 83 21.03 23.64 17.44
N ALA G 84 21.22 22.92 16.32
CA ALA G 84 21.26 23.55 15.00
C ALA G 84 19.96 24.29 14.69
N ASN G 85 18.83 23.79 15.16
CA ASN G 85 17.54 24.44 14.96
C ASN G 85 17.23 25.42 16.13
N GLN G 86 18.17 25.61 17.01
CA GLN G 86 17.98 26.46 18.22
C GLN G 86 16.67 26.18 18.93
N CYS G 87 16.38 24.88 19.10
CA CYS G 87 15.16 24.46 19.76
C CYS G 87 15.42 24.36 21.26
N LEU G 88 14.83 25.25 22.04
CA LEU G 88 15.09 25.25 23.46
C LEU G 88 14.62 23.94 24.10
N TYR G 89 13.34 23.66 23.98
CA TYR G 89 12.73 22.46 24.53
C TYR G 89 13.58 21.21 24.35
N CYS G 90 13.90 20.88 23.10
CA CYS G 90 14.60 19.66 22.73
C CYS G 90 16.08 19.54 23.11
N VAL G 91 16.79 20.66 23.05
CA VAL G 91 18.18 20.68 23.45
C VAL G 91 18.24 20.41 24.96
N VAL G 92 17.44 21.10 25.75
CA VAL G 92 17.46 20.85 27.20
C VAL G 92 16.99 19.42 27.53
N ALA G 93 15.77 19.08 27.10
CA ALA G 93 15.16 17.79 27.42
C ALA G 93 16.04 16.57 27.12
N HIS G 94 16.49 16.49 25.88
CA HIS G 94 17.28 15.36 25.41
C HIS G 94 18.75 15.38 25.80
N GLY G 95 19.23 16.55 26.23
CA GLY G 95 20.57 16.66 26.78
C GLY G 95 20.52 15.89 28.10
N ALA G 96 19.50 16.17 28.92
CA ALA G 96 19.27 15.40 30.19
C ALA G 96 19.31 13.89 29.93
N ILE G 97 18.47 13.45 29.01
CA ILE G 97 18.36 12.04 28.68
C ILE G 97 19.66 11.51 28.08
N LEU G 98 20.40 12.36 27.39
CA LEU G 98 21.67 11.94 26.77
C LEU G 98 22.72 11.71 27.84
N ARG G 99 22.73 12.59 28.83
CA ARG G 99 23.62 12.49 29.97
C ARG G 99 23.38 11.19 30.69
N ILE G 100 22.12 10.92 30.99
CA ILE G 100 21.73 9.70 31.70
C ILE G 100 22.18 8.46 30.94
N TYR G 101 21.80 8.34 29.67
CA TYR G 101 22.16 7.15 28.90
C TYR G 101 23.65 6.91 28.73
N GLU G 102 24.40 7.95 28.45
CA GLU G 102 25.86 7.83 28.32
C GLU G 102 26.57 7.84 29.69
N LYS G 103 25.87 8.29 30.72
CA LYS G 103 26.42 8.40 32.08
C LYS G 103 27.54 9.49 32.16
N LYS G 104 27.72 10.24 31.06
CA LYS G 104 28.71 11.31 30.92
C LYS G 104 28.02 12.67 31.07
N PRO G 105 28.20 13.35 32.22
CA PRO G 105 27.50 14.62 32.46
C PRO G 105 27.92 15.84 31.64
N LEU G 106 29.08 15.78 30.98
CA LEU G 106 29.56 16.91 30.19
C LEU G 106 29.08 16.87 28.73
N VAL G 107 29.06 15.67 28.15
CA VAL G 107 28.83 15.48 26.68
C VAL G 107 27.61 16.12 26.01
N ALA G 108 26.53 16.35 26.75
CA ALA G 108 25.36 16.96 26.14
C ALA G 108 25.68 18.42 25.85
N ASP G 109 26.18 19.15 26.87
CA ASP G 109 26.56 20.56 26.69
C ASP G 109 27.54 20.74 25.52
N GLN G 110 28.50 19.83 25.40
CA GLN G 110 29.51 19.85 24.32
C GLN G 110 28.89 19.65 22.92
N VAL G 111 27.98 18.69 22.83
CA VAL G 111 27.26 18.39 21.58
C VAL G 111 26.29 19.54 21.25
N ALA G 112 25.67 20.16 22.26
CA ALA G 112 24.76 21.26 21.97
C ALA G 112 25.49 22.54 21.49
N VAL G 113 26.74 22.74 21.92
CA VAL G 113 27.49 23.95 21.58
C VAL G 113 28.35 23.74 20.34
N ASN G 114 29.15 22.69 20.33
CA ASN G 114 29.99 22.42 19.18
C ASN G 114 30.32 20.94 19.25
N TYR G 115 29.46 20.14 18.66
CA TYR G 115 29.67 18.74 18.64
C TYR G 115 31.07 18.38 18.15
N LEU G 116 31.68 19.21 17.32
CA LEU G 116 33.02 18.90 16.78
C LEU G 116 34.08 18.79 17.86
N LYS G 117 33.77 19.32 19.05
CA LYS G 117 34.67 19.30 20.21
C LYS G 117 34.09 18.54 21.41
N ALA G 118 33.09 17.71 21.15
CA ALA G 118 32.52 16.83 22.15
C ALA G 118 33.49 15.69 22.43
N ASP G 119 33.42 15.15 23.66
CA ASP G 119 34.25 14.02 24.11
C ASP G 119 33.63 12.73 23.58
N ILE G 120 33.79 12.45 22.28
CA ILE G 120 33.16 11.30 21.66
C ILE G 120 34.14 10.79 20.60
N PRO G 121 34.11 9.50 20.26
CA PRO G 121 35.03 8.93 19.26
C PRO G 121 34.68 9.23 17.81
N PRO G 122 35.65 9.11 16.88
CA PRO G 122 35.42 9.44 15.48
C PRO G 122 34.15 8.87 14.86
N ARG G 123 33.76 7.66 15.25
CA ARG G 123 32.56 7.00 14.76
C ARG G 123 31.27 7.77 15.11
N GLN G 124 31.16 8.17 16.37
CA GLN G 124 30.04 8.96 16.82
C GLN G 124 30.03 10.34 16.21
N ARG G 125 31.20 10.85 15.83
CA ARG G 125 31.31 12.16 15.22
C ARG G 125 30.94 12.05 13.74
N ALA G 126 31.39 10.99 13.07
CA ALA G 126 31.01 10.74 11.69
C ALA G 126 29.49 10.56 11.54
N LEU G 128 27.20 12.09 13.50
CA LEU G 128 26.68 13.45 13.59
C LEU G 128 27.01 14.30 12.37
N ASP G 129 28.16 14.08 11.75
CA ASP G 129 28.44 14.76 10.48
C ASP G 129 27.24 14.49 9.55
N PHE G 130 26.84 13.22 9.43
CA PHE G 130 25.73 12.81 8.58
C PHE G 130 24.38 13.38 8.96
N ALA G 131 24.08 13.43 10.26
CA ALA G 131 22.81 13.94 10.69
C ALA G 131 22.70 15.40 10.35
N LEU G 132 23.78 16.16 10.56
CA LEU G 132 23.76 17.58 10.27
C LEU G 132 23.58 17.80 8.79
N LYS G 133 24.19 16.95 7.95
CA LYS G 133 23.97 17.04 6.54
C LYS G 133 22.51 16.73 6.16
N VAL G 134 21.81 15.87 6.91
CA VAL G 134 20.40 15.56 6.63
C VAL G 134 19.51 16.67 7.18
N CYS G 135 19.99 17.23 8.28
CA CYS G 135 19.33 18.30 8.94
C CYS G 135 19.30 19.55 8.08
N LYS G 136 20.45 20.05 7.67
CA LYS G 136 20.50 21.31 6.94
C LYS G 136 20.62 21.23 5.45
N ALA G 137 20.98 20.08 4.87
CA ALA G 137 21.22 20.01 3.41
C ALA G 137 20.99 18.62 2.86
N SER G 138 19.79 18.12 3.11
CA SER G 138 19.44 16.76 2.70
C SER G 138 19.46 16.53 1.20
N HIS G 139 19.18 17.55 0.39
CA HIS G 139 19.12 17.40 -1.08
C HIS G 139 20.48 17.08 -1.63
N GLU G 140 21.50 17.35 -0.83
CA GLU G 140 22.88 17.09 -1.20
C GLU G 140 23.40 15.71 -0.82
N VAL G 141 22.64 14.97 0.00
CA VAL G 141 23.00 13.62 0.43
C VAL G 141 23.32 12.76 -0.80
N ASN G 142 24.48 12.14 -0.78
CA ASN G 142 24.95 11.33 -1.90
C ASN G 142 25.59 10.03 -1.44
N GLU G 143 26.06 9.25 -2.40
CA GLU G 143 26.69 7.98 -2.07
C GLU G 143 27.98 8.12 -1.28
N ALA G 144 28.71 9.22 -1.42
CA ALA G 144 29.94 9.39 -0.65
C ALA G 144 29.66 9.49 0.86
N ASP G 145 28.46 9.92 1.20
CA ASP G 145 28.07 10.06 2.60
C ASP G 145 27.83 8.73 3.27
N PHE G 146 27.24 7.79 2.51
CA PHE G 146 26.96 6.45 3.02
C PHE G 146 28.28 5.72 3.15
N GLU G 147 29.14 5.88 2.15
CA GLU G 147 30.44 5.26 2.17
C GLU G 147 31.26 5.70 3.37
N ALA G 148 31.22 6.98 3.69
CA ALA G 148 31.92 7.49 4.86
C ALA G 148 31.34 6.93 6.16
N LEU G 149 30.07 6.59 6.15
CA LEU G 149 29.45 5.94 7.33
C LEU G 149 29.87 4.47 7.39
N ARG G 150 30.01 3.82 6.24
CA ARG G 150 30.46 2.43 6.20
C ARG G 150 31.90 2.24 6.72
N GLU G 151 32.76 3.22 6.51
CA GLU G 151 34.12 3.20 7.04
C GLU G 151 34.14 3.16 8.56
N HIS G 152 33.10 3.68 9.20
CA HIS G 152 32.98 3.63 10.65
C HIS G 152 32.02 2.57 11.10
N GLY G 153 31.68 1.64 10.21
CA GLY G 153 30.81 0.51 10.54
C GLY G 153 29.32 0.73 10.75
N PHE G 154 28.76 1.77 10.15
CA PHE G 154 27.32 1.95 10.17
C PHE G 154 26.79 1.30 8.92
N THR G 155 25.72 0.54 9.08
CA THR G 155 25.06 -0.17 7.99
C THR G 155 24.10 0.75 7.27
N ASP G 156 23.50 0.26 6.19
CA ASP G 156 22.47 1.04 5.52
C ASP G 156 21.31 1.36 6.47
N GLU G 157 20.88 0.38 7.24
CA GLU G 157 19.75 0.58 8.16
C GLU G 157 20.07 1.55 9.25
N ASP G 158 21.34 1.58 9.64
CA ASP G 158 21.83 2.55 10.64
C ASP G 158 21.71 3.97 10.08
N ALA G 159 22.15 4.11 8.82
CA ALA G 159 22.08 5.36 8.07
C ALA G 159 20.66 5.87 7.97
N TRP G 160 19.72 4.96 7.74
CA TRP G 160 18.31 5.27 7.69
C TRP G 160 17.88 5.73 9.09
N ASP G 161 18.35 5.05 10.13
CA ASP G 161 18.00 5.47 11.51
C ASP G 161 18.52 6.88 11.84
N ILE G 162 19.75 7.22 11.44
CA ILE G 162 20.30 8.56 11.71
C ILE G 162 19.40 9.60 11.05
N ALA G 163 19.20 9.38 9.75
CA ALA G 163 18.39 10.21 8.90
C ALA G 163 16.96 10.37 9.39
N ALA G 164 16.36 9.25 9.78
CA ALA G 164 14.97 9.23 10.25
C ALA G 164 14.78 9.90 11.61
N ILE G 165 15.78 9.80 12.47
CA ILE G 165 15.70 10.46 13.79
C ILE G 165 15.84 11.99 13.61
N THR G 166 16.71 12.38 12.67
CA THR G 166 16.93 13.77 12.29
C THR G 166 15.68 14.38 11.61
N ALA G 167 15.05 13.59 10.75
CA ALA G 167 13.86 14.03 10.04
C ALA G 167 12.73 14.23 11.05
N PHE G 168 12.58 13.25 11.95
CA PHE G 168 11.51 13.34 12.92
C PHE G 168 11.69 14.45 13.95
N PHE G 169 12.90 14.65 14.45
CA PHE G 169 13.11 15.71 15.46
C PHE G 169 13.12 17.10 14.89
N GLY G 170 13.32 17.19 13.57
CA GLY G 170 13.18 18.44 12.89
C GLY G 170 11.72 18.89 12.96
N LEU G 171 10.78 17.97 12.74
CA LEU G 171 9.34 18.23 12.89
C LEU G 171 9.08 18.65 14.33
N SER G 172 9.71 17.93 15.24
CA SER G 172 9.55 18.17 16.67
C SER G 172 9.99 19.60 17.04
N ASN G 173 11.21 19.95 16.67
CA ASN G 173 11.68 21.32 16.90
C ASN G 173 10.82 22.44 16.33
N ARG G 174 10.34 22.24 15.11
CA ARG G 174 9.47 23.22 14.52
C ARG G 174 8.20 23.41 15.33
N ALA G 176 7.83 22.60 18.61
CA ALA G 176 8.31 23.16 19.89
C ALA G 176 8.56 24.68 19.83
N ASN G 177 9.32 25.07 18.81
CA ASN G 177 9.63 26.46 18.53
C ASN G 177 8.41 27.28 18.17
N THR G 178 7.46 26.71 17.43
CA THR G 178 6.28 27.45 17.02
C THR G 178 5.34 27.80 18.17
N ILE G 179 5.09 26.85 19.06
CA ILE G 179 4.17 27.07 20.20
C ILE G 179 4.84 27.53 21.48
N GLY G 180 6.17 27.61 21.45
CA GLY G 180 6.95 28.05 22.60
C GLY G 180 6.89 27.05 23.72
N ARG G 182 7.97 24.87 26.59
CA ARG G 182 8.93 25.10 27.65
C ARG G 182 9.51 23.80 28.18
N PRO G 183 10.86 23.73 28.33
CA PRO G 183 11.42 22.50 28.88
C PRO G 183 11.24 22.50 30.38
N ASN G 184 10.91 21.35 30.95
CA ASN G 184 10.64 21.24 32.37
C ASN G 184 11.89 21.47 33.24
N ASP G 185 11.72 22.06 34.42
CA ASP G 185 12.85 22.37 35.31
C ASP G 185 13.81 21.20 35.60
N GLU G 186 13.26 19.99 35.72
CA GLU G 186 14.03 18.81 36.05
C GLU G 186 15.06 18.44 34.98
N PHE G 187 14.76 18.74 33.74
CA PHE G 187 15.68 18.44 32.66
C PHE G 187 16.99 19.22 32.79
N PHE G 188 16.89 20.44 33.31
CA PHE G 188 18.08 21.27 33.42
C PHE G 188 19.21 20.71 34.26
N LEU G 189 18.87 19.91 35.28
CA LEU G 189 19.88 19.31 36.19
C LEU G 189 20.05 17.80 36.02
N GLY G 191 21.00 14.33 35.40
CA GLY G 191 22.16 13.64 34.82
C GLY G 191 23.48 14.35 34.97
N ARG G 192 23.46 15.54 35.55
CA ARG G 192 24.67 16.33 35.76
C ARG G 192 25.44 15.84 36.99
N VAL G 193 24.70 15.56 38.06
CA VAL G 193 25.28 15.07 39.32
C VAL G 193 24.95 13.56 39.52
N PRO G 194 25.88 12.64 39.12
CA PRO G 194 25.60 11.20 39.24
C PRO G 194 25.81 10.68 40.66
N ALA H 6 -30.41 -70.26 -6.56
CA ALA H 6 -29.24 -69.54 -7.12
C ALA H 6 -29.69 -68.26 -7.82
N HIS H 7 -29.32 -67.10 -7.25
CA HIS H 7 -29.59 -65.81 -7.85
C HIS H 7 -28.62 -65.63 -9.02
N PRO H 8 -28.99 -64.85 -10.05
CA PRO H 8 -28.02 -64.66 -11.14
C PRO H 8 -26.84 -63.78 -10.69
N ILE H 9 -25.68 -63.99 -11.30
CA ILE H 9 -24.46 -63.28 -10.93
C ILE H 9 -24.10 -62.15 -11.89
N SER H 10 -24.92 -62.00 -12.93
CA SER H 10 -24.70 -60.99 -13.94
C SER H 10 -26.05 -60.75 -14.62
N ARG H 11 -26.16 -59.61 -15.26
CA ARG H 11 -27.31 -59.25 -16.06
C ARG H 11 -27.07 -59.75 -17.51
N TYR H 12 -25.83 -60.11 -17.80
CA TYR H 12 -25.43 -60.57 -19.11
C TYR H 12 -25.15 -62.07 -19.10
N PRO H 13 -25.04 -62.68 -20.28
CA PRO H 13 -24.67 -64.08 -20.32
C PRO H 13 -23.37 -64.33 -19.58
N VAL H 14 -23.27 -65.50 -18.96
CA VAL H 14 -22.05 -65.98 -18.31
C VAL H 14 -21.65 -67.26 -19.08
N PRO H 15 -20.44 -67.31 -19.61
CA PRO H 15 -20.07 -68.52 -20.34
C PRO H 15 -19.70 -69.71 -19.44
N GLU H 16 -19.67 -70.91 -20.03
CA GLU H 16 -19.27 -72.15 -19.37
C GLU H 16 -17.76 -72.23 -19.38
N LEU H 17 -17.13 -72.66 -18.29
CA LEU H 17 -15.64 -72.81 -18.29
C LEU H 17 -15.11 -73.56 -19.51
N ALA H 18 -15.80 -74.61 -19.92
CA ALA H 18 -15.44 -75.40 -21.10
C ALA H 18 -15.37 -74.54 -22.32
N ALA H 19 -16.37 -73.67 -22.45
CA ALA H 19 -16.51 -72.79 -23.60
C ALA H 19 -15.35 -71.83 -23.81
N LEU H 20 -14.68 -71.45 -22.72
CA LEU H 20 -13.66 -70.41 -22.76
C LEU H 20 -12.30 -70.82 -23.31
N PRO H 21 -11.51 -69.84 -23.81
CA PRO H 21 -10.14 -70.03 -24.22
C PRO H 21 -9.28 -70.66 -23.13
N ASP H 22 -8.20 -71.29 -23.57
CA ASP H 22 -7.33 -72.03 -22.67
C ASP H 22 -6.75 -71.18 -21.53
N ASP H 23 -6.20 -70.02 -21.87
CA ASP H 23 -5.56 -69.12 -20.88
C ASP H 23 -6.54 -68.57 -19.84
N ILE H 24 -7.75 -68.29 -20.31
CA ILE H 24 -8.83 -67.80 -19.47
C ILE H 24 -9.23 -68.90 -18.50
N ARG H 25 -9.51 -70.09 -19.03
CA ARG H 25 -9.86 -71.26 -18.18
C ARG H 25 -8.70 -71.60 -17.21
N GLN H 26 -7.45 -71.46 -17.68
CA GLN H 26 -6.23 -71.66 -16.88
C GLN H 26 -6.13 -70.69 -15.72
N ARG H 27 -6.48 -69.41 -15.98
CA ARG H 27 -6.47 -68.40 -14.91
C ARG H 27 -7.61 -68.68 -13.95
N ILE H 28 -8.74 -69.12 -14.46
CA ILE H 28 -9.88 -69.41 -13.59
C ILE H 28 -9.62 -70.66 -12.71
N LEU H 29 -9.04 -71.70 -13.31
CA LEU H 29 -8.71 -72.90 -12.56
C LEU H 29 -7.69 -72.59 -11.46
N GLU H 30 -6.70 -71.77 -11.79
CA GLU H 30 -5.69 -71.35 -10.81
C GLU H 30 -6.36 -70.82 -9.52
N VAL H 31 -7.39 -69.97 -9.67
CA VAL H 31 -8.07 -69.37 -8.51
C VAL H 31 -9.06 -70.33 -7.82
N GLN H 32 -9.74 -71.13 -8.62
CA GLN H 32 -10.65 -72.18 -8.15
C GLN H 32 -9.94 -73.03 -7.09
N ASP H 33 -8.70 -73.42 -7.42
CA ASP H 33 -7.87 -74.27 -6.57
C ASP H 33 -7.36 -73.58 -5.31
N LYS H 34 -6.88 -72.36 -5.44
CA LYS H 34 -6.38 -71.60 -4.30
C LYS H 34 -7.49 -71.24 -3.32
N ALA H 35 -8.64 -70.80 -3.84
CA ALA H 35 -9.76 -70.32 -3.01
C ALA H 35 -10.83 -71.35 -2.69
N GLY H 36 -10.97 -72.33 -3.56
CA GLY H 36 -12.00 -73.36 -3.40
C GLY H 36 -13.30 -72.96 -4.10
N PHE H 37 -13.29 -71.81 -4.76
CA PHE H 37 -14.43 -71.35 -5.53
C PHE H 37 -13.92 -70.30 -6.50
N VAL H 38 -14.77 -69.87 -7.42
CA VAL H 38 -14.36 -68.84 -8.36
C VAL H 38 -15.11 -67.53 -8.07
N PRO H 39 -14.36 -66.46 -7.73
CA PRO H 39 -15.08 -65.22 -7.56
C PRO H 39 -15.85 -64.90 -8.84
N ASN H 40 -17.04 -64.34 -8.70
CA ASN H 40 -17.86 -64.10 -9.87
C ASN H 40 -17.30 -63.11 -10.88
N VAL H 41 -16.39 -62.25 -10.45
CA VAL H 41 -15.79 -61.29 -11.34
C VAL H 41 -15.14 -61.97 -12.55
N PHE H 42 -14.51 -63.12 -12.37
CA PHE H 42 -13.84 -63.86 -13.45
C PHE H 42 -14.83 -64.38 -14.48
N LEU H 43 -15.90 -64.99 -13.96
CA LEU H 43 -16.91 -65.61 -14.81
C LEU H 43 -17.72 -64.61 -15.60
N THR H 44 -18.11 -63.53 -14.94
CA THR H 44 -18.98 -62.52 -15.55
C THR H 44 -18.26 -61.68 -16.60
N LEU H 45 -16.98 -61.40 -16.40
CA LEU H 45 -16.20 -60.64 -17.38
C LEU H 45 -15.67 -61.52 -18.51
N ALA H 46 -15.72 -62.83 -18.33
CA ALA H 46 -15.26 -63.75 -19.35
C ALA H 46 -16.26 -63.76 -20.51
N HIS H 47 -17.38 -63.06 -20.36
CA HIS H 47 -18.33 -62.84 -21.42
C HIS H 47 -17.62 -62.11 -22.55
N ARG H 48 -16.66 -61.27 -22.21
CA ARG H 48 -15.83 -60.56 -23.21
C ARG H 48 -14.38 -60.95 -22.99
N PRO H 49 -13.95 -62.06 -23.59
CA PRO H 49 -12.58 -62.52 -23.42
C PRO H 49 -11.46 -61.46 -23.49
N ASP H 50 -11.48 -60.56 -24.47
CA ASP H 50 -10.37 -59.61 -24.58
C ASP H 50 -10.25 -58.61 -23.42
N GLU H 51 -11.38 -58.30 -22.82
CA GLU H 51 -11.49 -57.33 -21.71
C GLU H 51 -11.10 -58.04 -20.41
N PHE H 52 -11.53 -59.29 -20.29
CA PHE H 52 -11.10 -60.18 -19.19
C PHE H 52 -9.57 -60.16 -19.14
N ARG H 53 -8.95 -60.45 -20.29
CA ARG H 53 -7.51 -60.51 -20.38
C ARG H 53 -6.80 -59.26 -19.94
N ALA H 54 -7.28 -58.12 -20.43
CA ALA H 54 -6.73 -56.82 -20.11
C ALA H 54 -7.10 -56.38 -18.68
N PHE H 55 -8.31 -56.68 -18.24
CA PHE H 55 -8.73 -56.38 -16.85
C PHE H 55 -7.79 -57.02 -15.85
N PHE H 56 -7.60 -58.34 -15.98
CA PHE H 56 -6.75 -59.09 -15.03
C PHE H 56 -5.26 -58.81 -15.14
N ALA H 57 -4.77 -58.56 -16.36
CA ALA H 57 -3.39 -58.08 -16.56
C ALA H 57 -3.15 -56.75 -15.83
N TYR H 58 -4.11 -55.82 -15.93
CA TYR H 58 -4.01 -54.55 -15.23
C TYR H 58 -4.06 -54.84 -13.74
N HIS H 59 -5.02 -55.63 -13.31
CA HIS H 59 -5.16 -55.98 -11.88
C HIS H 59 -3.86 -56.53 -11.28
N ASP H 60 -3.22 -57.45 -11.98
CA ASP H 60 -1.99 -58.08 -11.49
C ASP H 60 -0.88 -57.09 -11.39
N ALA H 61 -0.77 -56.22 -12.39
CA ALA H 61 0.26 -55.17 -12.40
C ALA H 61 0.18 -54.25 -11.16
N LEU H 62 -0.99 -54.12 -10.57
CA LEU H 62 -1.13 -53.25 -9.42
C LEU H 62 -1.07 -53.96 -8.07
N LEU H 64 -0.12 -57.31 -7.59
CA LEU H 64 0.91 -58.34 -7.40
C LEU H 64 2.33 -57.80 -7.44
N LYS H 65 2.50 -56.54 -7.78
CA LYS H 65 3.82 -55.92 -7.82
C LYS H 65 4.46 -55.83 -6.43
N ASP H 66 5.79 -55.70 -6.38
CA ASP H 66 6.50 -55.45 -5.13
C ASP H 66 6.36 -53.93 -4.92
N GLY H 67 6.05 -53.48 -3.72
CA GLY H 67 5.91 -52.05 -3.53
C GLY H 67 5.87 -51.60 -2.10
N GLY H 68 5.60 -50.31 -1.92
CA GLY H 68 5.54 -49.68 -0.62
C GLY H 68 4.24 -49.84 0.10
N LEU H 69 3.20 -50.28 -0.59
CA LEU H 69 1.93 -50.50 0.10
C LEU H 69 1.88 -51.99 0.35
N THR H 70 1.44 -52.36 1.55
CA THR H 70 1.28 -53.75 1.89
C THR H 70 0.02 -54.26 1.17
N LYS H 71 -0.06 -55.58 0.97
CA LYS H 71 -1.23 -56.20 0.34
C LYS H 71 -2.54 -55.74 0.98
N GLY H 72 -2.55 -55.61 2.30
CA GLY H 72 -3.75 -55.21 3.05
C GLY H 72 -4.12 -53.74 2.88
N GLU H 73 -3.10 -52.90 2.69
CA GLU H 73 -3.29 -51.47 2.42
C GLU H 73 -3.89 -51.26 1.04
N ARG H 74 -3.45 -52.05 0.07
CA ARG H 74 -4.01 -51.98 -1.28
C ARG H 74 -5.50 -52.33 -1.25
N GLU H 75 -5.85 -53.43 -0.59
CA GLU H 75 -7.24 -53.83 -0.41
C GLU H 75 -8.06 -52.76 0.35
N ILE H 77 -7.65 -49.43 0.27
CA ILE H 77 -7.90 -48.45 -0.78
C ILE H 77 -9.14 -48.86 -1.57
N VAL H 78 -9.18 -50.12 -1.99
CA VAL H 78 -10.31 -50.70 -2.72
C VAL H 78 -11.62 -50.65 -1.94
N VAL H 79 -11.60 -51.02 -0.67
CA VAL H 79 -12.84 -50.98 0.13
C VAL H 79 -13.33 -49.55 0.28
N ALA H 80 -12.45 -48.60 0.60
CA ALA H 80 -12.91 -47.22 0.82
C ALA H 80 -13.44 -46.57 -0.45
N THR H 81 -12.76 -46.77 -1.59
CA THR H 81 -13.24 -46.18 -2.84
C THR H 81 -14.50 -46.89 -3.40
N SER H 82 -14.57 -48.21 -3.25
CA SER H 82 -15.74 -48.93 -3.71
C SER H 82 -16.96 -48.51 -2.88
N ALA H 83 -16.77 -48.25 -1.59
CA ALA H 83 -17.89 -47.80 -0.74
C ALA H 83 -18.38 -46.47 -1.31
N ALA H 84 -17.43 -45.62 -1.72
CA ALA H 84 -17.71 -44.31 -2.33
C ALA H 84 -18.60 -44.41 -3.59
N ASN H 85 -18.35 -45.45 -4.42
CA ASN H 85 -19.10 -45.75 -5.63
C ASN H 85 -20.23 -46.72 -5.40
N GLN H 86 -20.48 -47.06 -4.13
CA GLN H 86 -21.54 -47.99 -3.76
C GLN H 86 -21.53 -49.25 -4.59
N CYS H 87 -20.35 -49.87 -4.66
CA CYS H 87 -20.19 -51.09 -5.41
C CYS H 87 -20.30 -52.31 -4.50
N LEU H 88 -21.49 -52.93 -4.47
CA LEU H 88 -21.75 -54.12 -3.67
C LEU H 88 -20.74 -55.23 -3.85
N TYR H 89 -20.44 -55.57 -5.11
CA TYR H 89 -19.49 -56.64 -5.37
C TYR H 89 -18.15 -56.35 -4.73
N CYS H 90 -17.52 -55.23 -5.09
CA CYS H 90 -16.16 -54.93 -4.64
C CYS H 90 -16.04 -54.62 -3.15
N VAL H 91 -17.04 -54.00 -2.56
CA VAL H 91 -16.97 -53.75 -1.10
C VAL H 91 -16.92 -55.07 -0.35
N VAL H 92 -17.88 -55.93 -0.65
CA VAL H 92 -18.01 -57.24 -0.02
C VAL H 92 -16.83 -58.19 -0.29
N ALA H 93 -16.41 -58.27 -1.55
CA ALA H 93 -15.36 -59.14 -1.98
C ALA H 93 -13.99 -58.79 -1.40
N HIS H 94 -13.58 -57.53 -1.56
CA HIS H 94 -12.31 -57.07 -1.06
C HIS H 94 -12.34 -56.81 0.40
N GLY H 95 -13.53 -56.63 0.94
CA GLY H 95 -13.75 -56.48 2.39
C GLY H 95 -13.29 -57.74 3.09
N ALA H 96 -13.68 -58.88 2.53
CA ALA H 96 -13.24 -60.19 3.03
C ALA H 96 -11.73 -60.34 2.93
N ILE H 97 -11.20 -59.97 1.78
CA ILE H 97 -9.77 -60.05 1.48
C ILE H 97 -8.90 -59.14 2.35
N LEU H 98 -9.43 -57.98 2.71
CA LEU H 98 -8.79 -57.05 3.61
C LEU H 98 -8.73 -57.64 5.01
N ARG H 99 -9.81 -58.30 5.43
CA ARG H 99 -9.86 -58.94 6.75
C ARG H 99 -8.82 -60.08 6.84
N ILE H 100 -8.64 -60.79 5.74
CA ILE H 100 -7.65 -61.86 5.71
C ILE H 100 -6.25 -61.27 5.86
N TYR H 101 -5.83 -60.45 4.90
CA TYR H 101 -4.50 -59.86 4.93
C TYR H 101 -4.18 -59.12 6.23
N GLU H 102 -5.08 -58.30 6.73
CA GLU H 102 -4.80 -57.55 7.96
C GLU H 102 -4.99 -58.32 9.26
N LYS H 103 -5.69 -59.45 9.20
CA LYS H 103 -6.01 -60.25 10.37
C LYS H 103 -6.76 -59.38 11.40
N LYS H 104 -7.62 -58.50 10.89
CA LYS H 104 -8.44 -57.58 11.68
C LYS H 104 -9.86 -57.77 11.11
N PRO H 105 -10.75 -58.45 11.86
CA PRO H 105 -12.08 -58.75 11.38
C PRO H 105 -13.05 -57.59 11.35
N LEU H 106 -12.78 -56.55 12.13
CA LEU H 106 -13.66 -55.39 12.19
C LEU H 106 -13.31 -54.28 11.18
N VAL H 107 -12.07 -54.23 10.73
CA VAL H 107 -11.61 -53.10 9.90
C VAL H 107 -12.36 -52.88 8.56
N ALA H 108 -12.65 -53.92 7.80
CA ALA H 108 -13.28 -53.74 6.49
C ALA H 108 -14.66 -53.08 6.59
N ASP H 109 -15.40 -53.38 7.65
CA ASP H 109 -16.71 -52.78 7.86
C ASP H 109 -16.54 -51.33 8.17
N GLN H 110 -15.56 -51.01 9.01
CA GLN H 110 -15.28 -49.64 9.37
C GLN H 110 -14.85 -48.86 8.11
N VAL H 111 -13.91 -49.40 7.35
CA VAL H 111 -13.47 -48.70 6.15
C VAL H 111 -14.62 -48.45 5.14
N ALA H 112 -15.49 -49.42 4.99
CA ALA H 112 -16.57 -49.33 4.05
C ALA H 112 -17.69 -48.39 4.49
N VAL H 113 -17.89 -48.25 5.79
CA VAL H 113 -18.96 -47.40 6.32
C VAL H 113 -18.50 -45.97 6.60
N ASN H 114 -17.34 -45.80 7.21
CA ASN H 114 -16.82 -44.46 7.51
C ASN H 114 -15.38 -44.63 7.92
N TYR H 115 -14.50 -44.60 6.93
CA TYR H 115 -13.08 -44.85 7.12
C TYR H 115 -12.42 -43.81 8.02
N LEU H 116 -13.10 -42.71 8.25
CA LEU H 116 -12.60 -41.69 9.16
C LEU H 116 -12.63 -42.18 10.60
N LYS H 117 -13.43 -43.21 10.89
CA LYS H 117 -13.50 -43.83 12.23
C LYS H 117 -12.96 -45.27 12.27
N ALA H 118 -12.25 -45.70 11.23
CA ALA H 118 -11.67 -47.04 11.21
C ALA H 118 -10.51 -47.11 12.18
N ASP H 119 -10.16 -48.32 12.62
CA ASP H 119 -9.05 -48.56 13.56
C ASP H 119 -7.78 -48.72 12.76
N ILE H 120 -7.28 -47.60 12.26
CA ILE H 120 -6.11 -47.56 11.40
C ILE H 120 -5.28 -46.35 11.80
N PRO H 121 -3.95 -46.42 11.65
CA PRO H 121 -3.13 -45.28 12.00
C PRO H 121 -3.23 -44.11 11.02
N PRO H 122 -2.84 -42.88 11.46
CA PRO H 122 -2.82 -41.67 10.60
C PRO H 122 -2.16 -41.84 9.23
N ARG H 123 -1.16 -42.68 9.12
CA ARG H 123 -0.50 -42.91 7.85
C ARG H 123 -1.48 -43.61 6.93
N GLN H 124 -2.34 -44.47 7.48
CA GLN H 124 -3.33 -45.19 6.66
C GLN H 124 -4.56 -44.33 6.33
N ARG H 125 -4.99 -43.52 7.28
CA ARG H 125 -6.03 -42.53 7.04
C ARG H 125 -5.60 -41.62 5.86
N ALA H 126 -4.42 -41.03 5.97
CA ALA H 126 -3.86 -40.18 4.94
C ALA H 126 -3.83 -40.83 3.55
N LEU H 128 -5.77 -43.06 2.54
CA LEU H 128 -7.15 -43.14 2.10
C LEU H 128 -7.68 -41.77 1.68
N ASP H 129 -7.44 -40.72 2.49
CA ASP H 129 -7.79 -39.33 2.11
C ASP H 129 -7.35 -39.02 0.67
N PHE H 130 -6.15 -39.43 0.30
CA PHE H 130 -5.61 -39.21 -1.03
C PHE H 130 -6.44 -40.01 -2.01
N ALA H 131 -6.57 -41.30 -1.77
CA ALA H 131 -7.34 -42.19 -2.62
C ALA H 131 -8.75 -41.63 -2.87
N LEU H 132 -9.42 -41.19 -1.82
CA LEU H 132 -10.71 -40.55 -1.97
C LEU H 132 -10.77 -39.30 -2.85
N LYS H 133 -9.67 -38.55 -2.96
CA LYS H 133 -9.57 -37.37 -3.84
C LYS H 133 -9.36 -37.82 -5.31
N VAL H 134 -8.51 -38.80 -5.51
CA VAL H 134 -8.33 -39.35 -6.85
C VAL H 134 -9.65 -39.93 -7.32
N CYS H 135 -10.42 -40.47 -6.40
CA CYS H 135 -11.68 -41.12 -6.72
C CYS H 135 -12.72 -40.08 -7.18
N LYS H 136 -13.08 -39.16 -6.27
CA LYS H 136 -14.11 -38.20 -6.49
C LYS H 136 -13.69 -36.85 -7.00
N ALA H 137 -12.42 -36.45 -6.88
CA ALA H 137 -11.99 -35.12 -7.35
C ALA H 137 -10.59 -35.06 -7.93
N SER H 138 -10.20 -36.03 -8.77
CA SER H 138 -8.82 -36.07 -9.30
C SER H 138 -8.36 -34.80 -10.01
N HIS H 139 -9.28 -34.05 -10.59
CA HIS H 139 -8.87 -32.87 -11.33
C HIS H 139 -8.21 -31.84 -10.42
N GLU H 140 -8.50 -31.94 -9.11
CA GLU H 140 -7.95 -31.07 -8.10
C GLU H 140 -6.64 -31.54 -7.46
N VAL H 141 -6.21 -32.74 -7.76
CA VAL H 141 -4.96 -33.26 -7.21
C VAL H 141 -3.81 -32.33 -7.53
N ASN H 142 -3.05 -31.96 -6.50
CA ASN H 142 -1.95 -31.02 -6.66
C ASN H 142 -0.72 -31.44 -5.86
N GLU H 143 0.32 -30.61 -5.90
CA GLU H 143 1.57 -30.92 -5.21
C GLU H 143 1.44 -31.02 -3.70
N ALA H 144 0.52 -30.30 -3.09
CA ALA H 144 0.32 -30.34 -1.65
C ALA H 144 -0.30 -31.66 -1.24
N ASP H 145 -0.98 -32.34 -2.17
CA ASP H 145 -1.55 -33.64 -1.88
C ASP H 145 -0.42 -34.65 -1.69
N PHE H 146 0.57 -34.61 -2.61
CA PHE H 146 1.73 -35.48 -2.53
C PHE H 146 2.57 -35.14 -1.31
N GLU H 147 2.65 -33.85 -0.97
CA GLU H 147 3.45 -33.38 0.15
C GLU H 147 2.88 -33.91 1.43
N ALA H 148 1.55 -33.97 1.51
CA ALA H 148 0.85 -34.54 2.68
C ALA H 148 1.21 -36.02 2.87
N LEU H 149 1.24 -36.77 1.77
CA LEU H 149 1.59 -38.16 1.86
C LEU H 149 3.04 -38.33 2.36
N ARG H 150 3.98 -37.60 1.74
CA ARG H 150 5.40 -37.65 2.10
C ARG H 150 5.68 -37.35 3.56
N GLU H 151 4.88 -36.50 4.17
CA GLU H 151 4.97 -36.22 5.62
C GLU H 151 4.52 -37.40 6.50
N HIS H 152 3.87 -38.38 5.89
CA HIS H 152 3.48 -39.61 6.56
C HIS H 152 4.41 -40.76 6.20
N GLY H 153 5.44 -40.51 5.39
CA GLY H 153 6.41 -41.53 5.08
C GLY H 153 6.31 -42.18 3.72
N PHE H 154 5.38 -41.73 2.89
CA PHE H 154 5.25 -42.31 1.57
C PHE H 154 6.23 -41.68 0.63
N THR H 155 6.45 -42.38 -0.48
CA THR H 155 7.26 -41.92 -1.56
C THR H 155 6.30 -41.53 -2.66
N ASP H 156 6.81 -40.81 -3.67
CA ASP H 156 5.99 -40.40 -4.81
C ASP H 156 5.53 -41.59 -5.60
N GLU H 157 6.37 -42.62 -5.65
CA GLU H 157 5.98 -43.86 -6.30
C GLU H 157 4.86 -44.56 -5.53
N ASP H 158 4.79 -44.44 -4.19
CA ASP H 158 3.67 -45.00 -3.44
C ASP H 158 2.40 -44.29 -3.81
N ALA H 159 2.48 -42.97 -3.94
CA ALA H 159 1.32 -42.13 -4.29
C ALA H 159 0.71 -42.55 -5.63
N TRP H 160 1.57 -42.82 -6.60
CA TRP H 160 1.10 -43.27 -7.86
C TRP H 160 0.38 -44.56 -7.62
N ASP H 161 0.96 -45.46 -6.84
CA ASP H 161 0.30 -46.73 -6.57
C ASP H 161 -1.10 -46.55 -6.03
N ILE H 162 -1.26 -45.63 -5.08
CA ILE H 162 -2.58 -45.38 -4.53
C ILE H 162 -3.53 -44.95 -5.63
N ALA H 163 -3.12 -43.92 -6.35
CA ALA H 163 -3.89 -43.36 -7.46
C ALA H 163 -4.29 -44.38 -8.49
N ALA H 164 -3.35 -45.23 -8.84
CA ALA H 164 -3.54 -46.27 -9.84
C ALA H 164 -4.55 -47.35 -9.41
N ILE H 165 -4.53 -47.66 -8.12
CA ILE H 165 -5.44 -48.67 -7.56
C ILE H 165 -6.82 -48.07 -7.65
N THR H 166 -6.93 -46.80 -7.26
CA THR H 166 -8.18 -46.06 -7.24
C THR H 166 -8.76 -45.95 -8.63
N ALA H 167 -7.92 -45.58 -9.59
CA ALA H 167 -8.32 -45.48 -10.99
C ALA H 167 -8.90 -46.81 -11.49
N PHE H 168 -8.08 -47.88 -11.42
CA PHE H 168 -8.47 -49.20 -11.88
C PHE H 168 -9.73 -49.72 -11.18
N PHE H 169 -9.78 -49.65 -9.85
CA PHE H 169 -11.00 -50.15 -9.18
C PHE H 169 -12.20 -49.30 -9.46
N GLY H 170 -11.96 -48.06 -9.84
CA GLY H 170 -13.02 -47.20 -10.34
C GLY H 170 -13.59 -47.81 -11.60
N LEU H 171 -12.72 -48.37 -12.45
CA LEU H 171 -13.18 -49.03 -13.64
C LEU H 171 -14.01 -50.25 -13.23
N SER H 172 -13.43 -51.07 -12.36
CA SER H 172 -14.07 -52.28 -11.89
C SER H 172 -15.42 -51.96 -11.26
N ASN H 173 -15.48 -50.93 -10.43
CA ASN H 173 -16.76 -50.59 -9.81
C ASN H 173 -17.82 -50.39 -10.89
N ARG H 174 -17.50 -49.59 -11.89
CA ARG H 174 -18.45 -49.29 -12.94
C ARG H 174 -18.90 -50.50 -13.71
N ALA H 176 -18.80 -53.80 -12.59
CA ALA H 176 -19.59 -54.48 -11.55
C ALA H 176 -21.00 -53.95 -11.40
N ASN H 177 -21.10 -52.64 -11.18
CA ASN H 177 -22.38 -51.97 -10.97
C ASN H 177 -23.30 -52.00 -12.19
N THR H 178 -22.72 -51.78 -13.36
CA THR H 178 -23.49 -51.78 -14.57
C THR H 178 -24.17 -53.14 -14.84
N ILE H 179 -23.42 -54.23 -14.69
CA ILE H 179 -23.96 -55.58 -14.95
C ILE H 179 -24.55 -56.25 -13.75
N GLY H 180 -24.52 -55.60 -12.61
CA GLY H 180 -25.06 -56.13 -11.37
C GLY H 180 -24.27 -57.32 -10.89
N ARG H 182 -22.66 -60.02 -8.89
CA ARG H 182 -23.05 -60.47 -7.54
C ARG H 182 -21.85 -61.00 -6.74
N PRO H 183 -21.67 -60.51 -5.50
CA PRO H 183 -20.57 -61.04 -4.70
C PRO H 183 -20.90 -62.46 -4.24
N ASN H 184 -19.90 -63.36 -4.26
CA ASN H 184 -20.09 -64.74 -3.81
C ASN H 184 -20.45 -64.80 -2.32
N ASP H 185 -21.31 -65.74 -1.94
CA ASP H 185 -21.73 -65.89 -0.53
C ASP H 185 -20.53 -66.04 0.38
N GLU H 186 -19.49 -66.74 -0.10
CA GLU H 186 -18.28 -67.00 0.67
C GLU H 186 -17.69 -65.74 1.26
N PHE H 187 -17.59 -64.71 0.43
CA PHE H 187 -17.00 -63.43 0.85
C PHE H 187 -17.66 -62.78 2.09
N PHE H 188 -18.95 -62.97 2.31
CA PHE H 188 -19.64 -62.28 3.41
C PHE H 188 -19.17 -62.67 4.81
N LEU H 189 -18.70 -63.90 4.99
CA LEU H 189 -18.24 -64.38 6.30
C LEU H 189 -16.73 -64.55 6.39
N GLY H 191 -12.99 -64.35 6.77
CA GLY H 191 -12.09 -63.48 7.51
C GLY H 191 -12.65 -62.88 8.77
N ARG H 192 -13.86 -63.27 9.18
CA ARG H 192 -14.51 -62.68 10.36
C ARG H 192 -14.26 -63.45 11.65
N VAL H 193 -13.94 -64.73 11.50
CA VAL H 193 -13.59 -65.61 12.61
C VAL H 193 -12.11 -65.91 12.39
N PRO H 194 -11.23 -65.46 13.30
CA PRO H 194 -9.78 -65.76 13.18
C PRO H 194 -9.41 -67.26 13.06
N LYS H 195 -8.20 -67.52 12.54
CA LYS H 195 -7.67 -68.89 12.34
C LYS H 195 -6.74 -69.33 13.48
N ALA I 6 9.98 -25.99 -23.16
CA ALA I 6 8.71 -26.77 -23.20
C ALA I 6 8.17 -26.98 -21.79
N HIS I 7 6.84 -26.92 -21.66
CA HIS I 7 6.18 -27.15 -20.38
C HIS I 7 6.33 -28.62 -20.03
N PRO I 8 6.32 -28.94 -18.71
CA PRO I 8 6.41 -30.36 -18.33
C PRO I 8 5.15 -31.11 -18.77
N ILE I 9 5.32 -32.35 -19.20
CA ILE I 9 4.18 -33.15 -19.65
C ILE I 9 3.54 -34.03 -18.55
N SER I 10 4.15 -34.04 -17.38
CA SER I 10 3.72 -34.87 -16.27
C SER I 10 4.45 -34.36 -15.07
N ARG I 11 3.96 -34.63 -13.85
CA ARG I 11 4.70 -34.29 -12.61
C ARG I 11 5.67 -35.45 -12.25
N TYR I 12 5.63 -36.53 -13.03
CA TYR I 12 6.38 -37.75 -12.79
C TYR I 12 7.48 -37.86 -13.83
N PRO I 13 8.47 -38.66 -13.58
CA PRO I 13 9.51 -38.79 -14.57
C PRO I 13 9.05 -39.36 -15.91
N VAL I 14 9.65 -38.88 -16.99
CA VAL I 14 9.33 -39.32 -18.33
C VAL I 14 10.56 -40.02 -18.83
N PRO I 15 10.46 -41.35 -19.03
CA PRO I 15 11.64 -42.06 -19.44
C PRO I 15 12.05 -41.72 -20.85
N GLU I 16 13.33 -41.92 -21.16
CA GLU I 16 13.84 -41.73 -22.51
C GLU I 16 13.48 -43.01 -23.23
N LEU I 17 13.07 -42.88 -24.51
CA LEU I 17 12.80 -44.04 -25.37
C LEU I 17 14.03 -44.96 -25.35
N ALA I 18 15.21 -44.36 -25.31
CA ALA I 18 16.48 -45.09 -25.18
C ALA I 18 16.47 -46.23 -24.16
N ALA I 19 15.91 -45.96 -22.97
CA ALA I 19 15.91 -46.87 -21.82
C ALA I 19 14.63 -47.70 -21.61
N LEU I 20 13.86 -47.90 -22.67
CA LEU I 20 12.59 -48.64 -22.56
C LEU I 20 12.66 -50.03 -23.16
N PRO I 21 11.88 -50.95 -22.60
CA PRO I 21 11.74 -52.24 -23.26
C PRO I 21 11.41 -52.05 -24.76
N ASP I 22 11.87 -52.95 -25.62
CA ASP I 22 11.67 -52.82 -27.09
C ASP I 22 10.23 -52.77 -27.52
N ASP I 23 9.41 -53.66 -26.98
CA ASP I 23 7.97 -53.67 -27.28
C ASP I 23 7.30 -52.31 -26.98
N ILE I 24 7.84 -51.58 -26.02
CA ILE I 24 7.31 -50.27 -25.65
C ILE I 24 7.83 -49.22 -26.60
N ARG I 25 9.12 -49.27 -26.92
CA ARG I 25 9.66 -48.36 -27.94
C ARG I 25 8.86 -48.55 -29.21
N GLN I 26 8.72 -49.81 -29.64
CA GLN I 26 7.99 -50.17 -30.86
C GLN I 26 6.69 -49.41 -31.04
N ARG I 27 5.80 -49.47 -30.04
CA ARG I 27 4.47 -48.82 -30.13
C ARG I 27 4.54 -47.27 -30.12
N ILE I 28 5.62 -46.76 -29.55
CA ILE I 28 5.90 -45.32 -29.52
C ILE I 28 6.40 -44.90 -30.92
N LEU I 29 7.47 -45.55 -31.39
CA LEU I 29 8.01 -45.29 -32.74
C LEU I 29 6.94 -45.54 -33.82
N GLU I 30 6.04 -46.50 -33.60
CA GLU I 30 4.91 -46.76 -34.51
C GLU I 30 3.97 -45.57 -34.55
N VAL I 31 3.61 -45.05 -33.37
CA VAL I 31 2.76 -43.86 -33.21
C VAL I 31 3.38 -42.69 -33.96
N GLN I 32 4.70 -42.53 -33.80
CA GLN I 32 5.49 -41.48 -34.45
C GLN I 32 5.34 -41.45 -36.00
N ASP I 33 5.03 -42.60 -36.64
CA ASP I 33 4.80 -42.65 -38.10
C ASP I 33 3.36 -42.32 -38.44
N LYS I 34 2.43 -43.16 -38.01
CA LYS I 34 1.01 -42.93 -38.32
C LYS I 34 0.42 -41.64 -37.71
N ALA I 35 1.26 -40.79 -37.11
CA ALA I 35 0.81 -39.53 -36.50
C ALA I 35 1.78 -38.35 -36.65
N GLY I 36 3.07 -38.62 -36.81
CA GLY I 36 4.06 -37.56 -36.92
C GLY I 36 4.56 -37.07 -35.59
N PHE I 37 3.95 -37.53 -34.50
CA PHE I 37 4.34 -37.15 -33.13
C PHE I 37 3.82 -38.23 -32.16
N VAL I 38 4.17 -38.08 -30.89
CA VAL I 38 3.79 -39.07 -29.89
C VAL I 38 2.92 -38.45 -28.80
N PRO I 39 1.62 -38.82 -28.76
CA PRO I 39 0.73 -38.33 -27.70
C PRO I 39 1.37 -38.57 -26.33
N ASN I 40 1.32 -37.56 -25.49
CA ASN I 40 1.95 -37.67 -24.17
C ASN I 40 1.44 -38.80 -23.30
N VAL I 41 0.28 -39.35 -23.61
CA VAL I 41 -0.21 -40.50 -22.82
C VAL I 41 0.79 -41.67 -22.88
N PHE I 42 1.43 -41.88 -24.04
CA PHE I 42 2.35 -42.98 -24.15
C PHE I 42 3.59 -42.77 -23.31
N LEU I 43 4.16 -41.58 -23.39
CA LEU I 43 5.42 -41.24 -22.73
C LEU I 43 5.31 -41.12 -21.20
N THR I 44 4.19 -40.60 -20.76
CA THR I 44 3.95 -40.43 -19.33
C THR I 44 3.68 -41.77 -18.64
N LEU I 45 2.84 -42.62 -19.25
CA LEU I 45 2.57 -43.94 -18.69
C LEU I 45 3.72 -44.93 -18.89
N ALA I 46 4.68 -44.63 -19.77
CA ALA I 46 5.89 -45.49 -19.95
C ALA I 46 6.82 -45.48 -18.71
N HIS I 47 6.53 -44.57 -17.77
CA HIS I 47 7.18 -44.59 -16.45
C HIS I 47 6.96 -45.96 -15.80
N ARG I 48 5.77 -46.54 -15.96
CA ARG I 48 5.45 -47.87 -15.44
C ARG I 48 5.09 -48.85 -16.60
N PRO I 49 6.10 -49.52 -17.22
CA PRO I 49 5.88 -50.42 -18.37
C PRO I 49 4.74 -51.44 -18.27
N ASP I 50 4.58 -52.06 -17.12
CA ASP I 50 3.51 -53.04 -16.93
C ASP I 50 2.12 -52.42 -17.00
N GLU I 51 2.00 -51.21 -16.49
CA GLU I 51 0.74 -50.50 -16.51
C GLU I 51 0.50 -50.01 -17.93
N PHE I 52 1.56 -49.53 -18.60
CA PHE I 52 1.51 -49.13 -20.02
C PHE I 52 0.89 -50.29 -20.83
N ARG I 53 1.51 -51.45 -20.76
CA ARG I 53 1.03 -52.64 -21.47
C ARG I 53 -0.43 -52.99 -21.17
N ALA I 54 -0.80 -53.03 -19.89
CA ALA I 54 -2.19 -53.33 -19.51
C ALA I 54 -3.16 -52.25 -19.98
N PHE I 55 -2.72 -51.00 -19.97
CA PHE I 55 -3.55 -49.83 -20.31
C PHE I 55 -3.85 -49.78 -21.79
N PHE I 56 -2.86 -50.02 -22.64
CA PHE I 56 -3.13 -49.90 -24.05
C PHE I 56 -3.86 -51.10 -24.59
N ALA I 57 -3.67 -52.27 -23.99
CA ALA I 57 -4.37 -53.47 -24.40
C ALA I 57 -5.83 -53.29 -24.16
N TYR I 58 -6.18 -52.72 -23.00
CA TYR I 58 -7.58 -52.51 -22.64
C TYR I 58 -8.17 -51.46 -23.57
N HIS I 59 -7.40 -50.40 -23.79
CA HIS I 59 -7.82 -49.37 -24.71
C HIS I 59 -8.10 -49.97 -26.11
N ASP I 60 -7.14 -50.71 -26.64
CA ASP I 60 -7.34 -51.35 -27.94
C ASP I 60 -8.51 -52.32 -27.97
N ALA I 61 -8.77 -52.98 -26.84
CA ALA I 61 -9.87 -53.95 -26.73
C ALA I 61 -11.25 -53.32 -26.87
N LEU I 62 -11.34 -52.06 -26.50
CA LEU I 62 -12.57 -51.33 -26.57
C LEU I 62 -12.65 -50.48 -27.85
N LEU I 64 -10.65 -50.46 -30.67
CA LEU I 64 -10.33 -51.05 -32.00
C LEU I 64 -11.19 -52.24 -32.40
N LYS I 65 -12.07 -52.73 -31.51
CA LYS I 65 -12.93 -53.88 -31.83
C LYS I 65 -13.96 -53.55 -32.91
N ASP I 66 -14.43 -54.57 -33.62
CA ASP I 66 -15.54 -54.42 -34.55
C ASP I 66 -16.74 -54.46 -33.59
N GLY I 67 -17.65 -53.48 -33.67
CA GLY I 67 -18.80 -53.42 -32.75
C GLY I 67 -19.94 -52.52 -33.19
N GLY I 68 -20.94 -52.35 -32.33
CA GLY I 68 -22.12 -51.55 -32.65
C GLY I 68 -21.95 -50.04 -32.63
N LEU I 69 -21.02 -49.54 -31.83
CA LEU I 69 -20.75 -48.11 -31.77
C LEU I 69 -19.73 -47.76 -32.85
N THR I 70 -19.90 -46.62 -33.52
CA THR I 70 -18.99 -46.16 -34.56
C THR I 70 -17.72 -45.62 -33.90
N LYS I 71 -16.61 -45.54 -34.62
CA LYS I 71 -15.37 -44.95 -34.07
C LYS I 71 -15.63 -43.58 -33.44
N GLY I 72 -16.38 -42.73 -34.15
CA GLY I 72 -16.70 -41.38 -33.69
C GLY I 72 -17.56 -41.37 -32.43
N GLU I 73 -18.51 -42.30 -32.36
CA GLU I 73 -19.40 -42.46 -31.22
C GLU I 73 -18.62 -42.89 -29.96
N ARG I 74 -17.57 -43.69 -30.16
CA ARG I 74 -16.70 -44.13 -29.07
C ARG I 74 -15.98 -42.95 -28.48
N GLU I 75 -15.44 -42.11 -29.34
CA GLU I 75 -14.78 -40.85 -28.93
C GLU I 75 -15.74 -39.87 -28.28
N ILE I 77 -18.21 -40.57 -26.41
CA ILE I 77 -18.39 -41.06 -25.04
C ILE I 77 -17.23 -40.60 -24.15
N VAL I 78 -16.02 -40.64 -24.70
CA VAL I 78 -14.85 -40.23 -23.96
C VAL I 78 -14.85 -38.74 -23.67
N VAL I 79 -15.15 -37.97 -24.70
CA VAL I 79 -15.12 -36.54 -24.55
C VAL I 79 -16.14 -36.12 -23.47
N ALA I 80 -17.35 -36.66 -23.52
CA ALA I 80 -18.40 -36.25 -22.58
C ALA I 80 -18.17 -36.67 -21.12
N THR I 81 -17.64 -37.87 -20.92
CA THR I 81 -17.38 -38.38 -19.58
C THR I 81 -16.13 -37.72 -18.99
N SER I 82 -15.14 -37.50 -19.84
CA SER I 82 -13.91 -36.79 -19.50
C SER I 82 -14.14 -35.35 -19.13
N ALA I 83 -15.08 -34.75 -19.84
CA ALA I 83 -15.48 -33.42 -19.58
C ALA I 83 -16.08 -33.37 -18.18
N ALA I 84 -16.83 -34.41 -17.82
CA ALA I 84 -17.47 -34.50 -16.48
C ALA I 84 -16.44 -34.71 -15.32
N ASN I 85 -15.31 -35.35 -15.64
CA ASN I 85 -14.17 -35.53 -14.75
C ASN I 85 -13.12 -34.43 -14.83
N GLN I 86 -13.45 -33.37 -15.56
CA GLN I 86 -12.57 -32.21 -15.81
C GLN I 86 -11.15 -32.63 -16.14
N CYS I 87 -11.06 -33.53 -17.11
CA CYS I 87 -9.78 -34.06 -17.52
C CYS I 87 -9.27 -33.32 -18.75
N LEU I 88 -8.44 -32.31 -18.49
CA LEU I 88 -7.84 -31.53 -19.55
C LEU I 88 -7.25 -32.40 -20.66
N TYR I 89 -6.41 -33.35 -20.32
CA TYR I 89 -5.75 -34.21 -21.32
C TYR I 89 -6.72 -34.94 -22.24
N CYS I 90 -7.66 -35.66 -21.67
CA CYS I 90 -8.56 -36.53 -22.44
C CYS I 90 -9.62 -35.80 -23.25
N VAL I 91 -10.09 -34.69 -22.73
CA VAL I 91 -11.09 -33.89 -23.41
C VAL I 91 -10.50 -33.31 -24.68
N VAL I 92 -9.31 -32.74 -24.53
CA VAL I 92 -8.59 -32.11 -25.64
C VAL I 92 -8.07 -33.11 -26.65
N ALA I 93 -7.46 -34.20 -26.19
CA ALA I 93 -6.93 -35.22 -27.08
C ALA I 93 -8.00 -35.98 -27.87
N HIS I 94 -9.06 -36.39 -27.18
CA HIS I 94 -10.19 -37.09 -27.80
C HIS I 94 -11.21 -36.15 -28.42
N GLY I 95 -11.11 -34.85 -28.13
CA GLY I 95 -11.95 -33.88 -28.82
C GLY I 95 -11.43 -33.85 -30.27
N ALA I 96 -10.11 -33.87 -30.40
CA ALA I 96 -9.43 -33.82 -31.70
C ALA I 96 -9.78 -35.02 -32.54
N ILE I 97 -9.57 -36.20 -31.98
CA ILE I 97 -9.87 -37.44 -32.67
C ILE I 97 -11.36 -37.52 -33.04
N LEU I 98 -12.22 -37.02 -32.17
CA LEU I 98 -13.65 -36.97 -32.46
C LEU I 98 -13.97 -36.13 -33.70
N ARG I 99 -13.29 -34.99 -33.83
CA ARG I 99 -13.46 -34.11 -34.99
C ARG I 99 -12.96 -34.79 -36.26
N ILE I 100 -11.82 -35.44 -36.17
CA ILE I 100 -11.26 -36.21 -37.29
C ILE I 100 -12.21 -37.33 -37.74
N TYR I 101 -12.83 -38.06 -36.82
CA TYR I 101 -13.74 -39.14 -37.22
C TYR I 101 -15.07 -38.67 -37.76
N GLU I 102 -15.73 -37.79 -37.02
CA GLU I 102 -17.01 -37.25 -37.46
C GLU I 102 -16.93 -36.28 -38.64
N LYS I 103 -15.75 -35.71 -38.89
CA LYS I 103 -15.55 -34.69 -39.95
C LYS I 103 -16.46 -33.50 -39.64
N LYS I 104 -16.59 -33.21 -38.34
CA LYS I 104 -17.43 -32.15 -37.81
C LYS I 104 -16.59 -31.39 -36.81
N PRO I 105 -15.97 -30.29 -37.25
CA PRO I 105 -15.11 -29.44 -36.43
C PRO I 105 -15.72 -28.82 -35.16
N LEU I 106 -17.05 -28.73 -35.07
CA LEU I 106 -17.67 -28.10 -33.91
C LEU I 106 -18.20 -29.07 -32.86
N VAL I 107 -18.37 -30.35 -33.21
CA VAL I 107 -19.06 -31.30 -32.33
C VAL I 107 -18.38 -31.58 -30.98
N ALA I 108 -17.05 -31.62 -30.96
CA ALA I 108 -16.33 -31.94 -29.75
C ALA I 108 -16.54 -30.86 -28.71
N ASP I 109 -16.34 -29.61 -29.10
CA ASP I 109 -16.57 -28.48 -28.19
C ASP I 109 -17.94 -28.56 -27.54
N GLN I 110 -18.96 -28.86 -28.34
CA GLN I 110 -20.35 -28.97 -27.88
C GLN I 110 -20.53 -30.10 -26.88
N VAL I 111 -19.93 -31.22 -27.21
CA VAL I 111 -19.95 -32.42 -26.38
C VAL I 111 -19.17 -32.17 -25.06
N ALA I 112 -18.14 -31.34 -25.11
CA ALA I 112 -17.37 -31.00 -23.95
C ALA I 112 -18.04 -30.01 -22.99
N VAL I 113 -18.84 -29.08 -23.50
CA VAL I 113 -19.42 -28.02 -22.66
C VAL I 113 -20.78 -28.44 -22.18
N ASN I 114 -21.59 -28.92 -23.10
CA ASN I 114 -22.93 -29.36 -22.78
C ASN I 114 -23.47 -30.27 -23.88
N TYR I 115 -23.10 -31.56 -23.86
CA TYR I 115 -23.53 -32.52 -24.90
C TYR I 115 -25.03 -32.48 -25.14
N LEU I 116 -25.81 -32.07 -24.14
CA LEU I 116 -27.24 -31.91 -24.30
C LEU I 116 -27.65 -30.98 -25.44
N LYS I 117 -26.79 -30.01 -25.77
CA LYS I 117 -27.02 -29.11 -26.88
C LYS I 117 -26.10 -29.37 -28.08
N ALA I 118 -25.45 -30.52 -28.13
CA ALA I 118 -24.53 -30.83 -29.23
C ALA I 118 -25.33 -31.18 -30.46
N ASP I 119 -24.76 -30.93 -31.65
CA ASP I 119 -25.46 -31.19 -32.92
C ASP I 119 -25.46 -32.66 -33.23
N ILE I 120 -26.24 -33.43 -32.48
CA ILE I 120 -26.27 -34.85 -32.64
C ILE I 120 -27.70 -35.31 -32.49
N PRO I 121 -28.06 -36.41 -33.18
CA PRO I 121 -29.43 -36.90 -33.08
C PRO I 121 -29.72 -37.53 -31.72
N PRO I 122 -31.01 -37.62 -31.33
CA PRO I 122 -31.44 -38.22 -30.05
C PRO I 122 -30.85 -39.59 -29.72
N ARG I 123 -30.51 -40.39 -30.74
CA ARG I 123 -29.89 -41.69 -30.52
C ARG I 123 -28.55 -41.55 -29.79
N GLN I 124 -27.74 -40.62 -30.26
CA GLN I 124 -26.42 -40.38 -29.68
C GLN I 124 -26.53 -39.66 -28.35
N ARG I 125 -27.57 -38.88 -28.15
CA ARG I 125 -27.79 -38.22 -26.87
C ARG I 125 -28.23 -39.25 -25.82
N ALA I 126 -29.08 -40.19 -26.23
CA ALA I 126 -29.57 -41.24 -25.35
C ALA I 126 -28.38 -42.06 -24.88
N LEU I 128 -25.28 -41.07 -24.66
CA LEU I 128 -24.44 -40.33 -23.74
C LEU I 128 -25.16 -40.14 -22.39
N ASP I 129 -26.50 -40.19 -22.38
CA ASP I 129 -27.22 -40.12 -21.11
C ASP I 129 -26.79 -41.32 -20.26
N PHE I 130 -26.64 -42.48 -20.92
CA PHE I 130 -26.25 -43.73 -20.27
C PHE I 130 -24.81 -43.61 -19.79
N ALA I 131 -23.88 -43.39 -20.74
CA ALA I 131 -22.48 -43.09 -20.44
C ALA I 131 -22.31 -42.22 -19.18
N LEU I 132 -23.06 -41.12 -19.08
CA LEU I 132 -22.98 -40.24 -17.92
C LEU I 132 -23.58 -40.83 -16.65
N LYS I 133 -24.49 -41.80 -16.80
CA LYS I 133 -25.03 -42.50 -15.63
C LYS I 133 -23.99 -43.47 -15.14
N VAL I 134 -23.33 -44.16 -16.05
CA VAL I 134 -22.30 -45.08 -15.65
C VAL I 134 -21.14 -44.29 -15.01
N CYS I 135 -20.83 -43.14 -15.61
CA CYS I 135 -19.75 -42.29 -15.17
C CYS I 135 -19.95 -41.83 -13.71
N LYS I 136 -21.10 -41.29 -13.38
CA LYS I 136 -21.30 -40.67 -12.05
C LYS I 136 -22.27 -41.36 -11.08
N ALA I 137 -23.11 -42.29 -11.55
CA ALA I 137 -24.04 -42.98 -10.68
C ALA I 137 -24.32 -44.40 -11.11
N SER I 138 -23.27 -45.15 -11.45
CA SER I 138 -23.40 -46.57 -11.88
C SER I 138 -24.19 -47.45 -10.89
N HIS I 139 -24.07 -47.17 -9.59
CA HIS I 139 -24.75 -47.98 -8.62
C HIS I 139 -26.26 -47.95 -8.83
N GLU I 140 -26.75 -46.92 -9.52
CA GLU I 140 -28.17 -46.77 -9.83
C GLU I 140 -28.58 -47.33 -11.19
N VAL I 141 -27.67 -47.89 -11.98
CA VAL I 141 -28.06 -48.40 -13.30
C VAL I 141 -29.02 -49.57 -13.15
N ASN I 142 -30.21 -49.45 -13.76
CA ASN I 142 -31.29 -50.45 -13.71
C ASN I 142 -31.82 -50.86 -15.11
N GLU I 143 -32.82 -51.76 -15.17
CA GLU I 143 -33.32 -52.23 -16.47
C GLU I 143 -33.92 -51.12 -17.36
N ALA I 144 -34.55 -50.14 -16.71
CA ALA I 144 -35.10 -49.00 -17.42
C ALA I 144 -34.06 -48.22 -18.26
N ASP I 145 -32.78 -48.27 -17.84
CA ASP I 145 -31.67 -47.61 -18.55
C ASP I 145 -31.28 -48.39 -19.80
N PHE I 146 -31.33 -49.71 -19.72
CA PHE I 146 -31.02 -50.56 -20.88
C PHE I 146 -32.22 -50.50 -21.83
N GLU I 147 -33.42 -50.45 -21.26
CA GLU I 147 -34.63 -50.30 -22.05
C GLU I 147 -34.60 -48.99 -22.87
N ALA I 148 -34.23 -47.89 -22.22
CA ALA I 148 -34.12 -46.62 -22.93
C ALA I 148 -33.23 -46.71 -24.17
N LEU I 149 -32.06 -47.34 -24.04
CA LEU I 149 -31.17 -47.47 -25.20
C LEU I 149 -31.75 -48.34 -26.29
N ARG I 150 -32.49 -49.37 -25.90
CA ARG I 150 -33.10 -50.29 -26.85
C ARG I 150 -34.11 -49.60 -27.75
N GLU I 151 -34.84 -48.64 -27.19
CA GLU I 151 -35.78 -47.84 -27.94
C GLU I 151 -35.13 -47.07 -29.09
N HIS I 152 -33.85 -46.72 -28.96
CA HIS I 152 -33.14 -46.05 -30.03
C HIS I 152 -32.38 -47.03 -30.92
N GLY I 153 -32.58 -48.32 -30.76
CA GLY I 153 -31.94 -49.29 -31.65
C GLY I 153 -30.64 -49.89 -31.17
N PHE I 154 -30.27 -49.61 -29.91
CA PHE I 154 -29.08 -50.21 -29.32
C PHE I 154 -29.49 -51.56 -28.80
N THR I 155 -28.50 -52.44 -28.71
CA THR I 155 -28.66 -53.78 -28.15
C THR I 155 -27.96 -53.71 -26.80
N ASP I 156 -28.08 -54.76 -26.00
CA ASP I 156 -27.45 -54.76 -24.69
C ASP I 156 -25.96 -54.90 -24.81
N GLU I 157 -25.52 -55.47 -25.92
CA GLU I 157 -24.11 -55.58 -26.13
C GLU I 157 -23.59 -54.16 -26.35
N ASP I 158 -24.30 -53.36 -27.13
CA ASP I 158 -23.89 -51.99 -27.36
C ASP I 158 -23.79 -51.30 -25.97
N ALA I 159 -24.80 -51.46 -25.13
CA ALA I 159 -24.76 -50.87 -23.76
C ALA I 159 -23.50 -51.26 -23.01
N TRP I 160 -23.12 -52.53 -23.08
CA TRP I 160 -21.88 -52.97 -22.40
C TRP I 160 -20.73 -52.14 -22.94
N ASP I 161 -20.57 -52.08 -24.26
CA ASP I 161 -19.52 -51.29 -24.87
C ASP I 161 -19.53 -49.83 -24.39
N ILE I 162 -20.71 -49.19 -24.35
CA ILE I 162 -20.80 -47.81 -23.81
C ILE I 162 -20.28 -47.75 -22.36
N ALA I 163 -20.70 -48.71 -21.55
CA ALA I 163 -20.33 -48.75 -20.12
C ALA I 163 -18.86 -49.03 -19.93
N ALA I 164 -18.32 -49.91 -20.77
CA ALA I 164 -16.93 -50.29 -20.65
C ALA I 164 -16.06 -49.10 -21.04
N ILE I 165 -16.49 -48.31 -22.02
CA ILE I 165 -15.72 -47.14 -22.44
C ILE I 165 -15.77 -46.12 -21.33
N THR I 166 -16.95 -45.95 -20.75
CA THR I 166 -17.08 -45.01 -19.64
C THR I 166 -16.15 -45.45 -18.51
N ALA I 167 -16.21 -46.72 -18.16
CA ALA I 167 -15.39 -47.31 -17.09
C ALA I 167 -13.87 -47.12 -17.28
N PHE I 168 -13.39 -47.45 -18.48
CA PHE I 168 -11.99 -47.34 -18.82
C PHE I 168 -11.46 -45.92 -18.86
N PHE I 169 -12.17 -45.01 -19.49
CA PHE I 169 -11.69 -43.65 -19.55
C PHE I 169 -11.82 -42.93 -18.21
N GLY I 170 -12.59 -43.48 -17.28
CA GLY I 170 -12.63 -42.96 -15.87
C GLY I 170 -11.28 -43.25 -15.24
N LEU I 171 -10.73 -44.44 -15.51
CA LEU I 171 -9.39 -44.85 -15.08
C LEU I 171 -8.37 -43.88 -15.68
N SER I 172 -8.42 -43.77 -17.01
CA SER I 172 -7.58 -42.89 -17.80
C SER I 172 -7.67 -41.44 -17.35
N ASN I 173 -8.88 -40.95 -17.04
CA ASN I 173 -9.03 -39.59 -16.56
C ASN I 173 -8.32 -39.41 -15.22
N ARG I 174 -8.58 -40.30 -14.26
CA ARG I 174 -7.97 -40.19 -12.93
C ARG I 174 -6.46 -40.25 -12.95
N ALA I 176 -4.56 -39.20 -15.60
CA ALA I 176 -4.24 -37.93 -16.23
C ALA I 176 -4.24 -36.81 -15.27
N ASN I 177 -5.34 -36.72 -14.54
CA ASN I 177 -5.56 -35.69 -13.55
C ASN I 177 -4.54 -35.73 -12.42
N THR I 178 -4.23 -36.93 -11.94
CA THR I 178 -3.29 -37.13 -10.83
C THR I 178 -1.83 -36.77 -11.22
N ILE I 179 -1.39 -37.18 -12.41
CA ILE I 179 -0.02 -36.87 -12.82
C ILE I 179 0.13 -35.55 -13.61
N GLY I 180 -0.97 -34.86 -13.89
CA GLY I 180 -0.91 -33.64 -14.68
C GLY I 180 -0.53 -33.89 -16.13
N ARG I 182 -0.24 -33.78 -19.87
CA ARG I 182 -0.43 -32.58 -20.69
C ARG I 182 -0.75 -32.90 -22.15
N PRO I 183 -1.87 -32.35 -22.65
CA PRO I 183 -2.21 -32.64 -24.04
C PRO I 183 -1.23 -32.01 -25.03
N ASN I 184 -0.80 -32.76 -26.03
CA ASN I 184 0.10 -32.21 -27.00
C ASN I 184 -0.51 -31.01 -27.71
N ASP I 185 0.32 -30.02 -28.03
CA ASP I 185 -0.10 -28.83 -28.76
C ASP I 185 -0.93 -29.19 -30.01
N GLU I 186 -0.45 -30.19 -30.76
CA GLU I 186 -1.11 -30.65 -31.97
C GLU I 186 -2.60 -30.96 -31.82
N PHE I 187 -3.01 -31.48 -30.67
CA PHE I 187 -4.41 -31.83 -30.48
C PHE I 187 -5.37 -30.64 -30.48
N PHE I 188 -4.89 -29.46 -30.11
CA PHE I 188 -5.79 -28.31 -29.93
C PHE I 188 -6.35 -27.79 -31.24
N LEU I 189 -5.61 -27.95 -32.33
CA LEU I 189 -6.01 -27.46 -33.63
C LEU I 189 -6.47 -28.56 -34.57
N GLY I 191 -8.22 -31.25 -36.70
CA GLY I 191 -9.63 -31.48 -37.08
C GLY I 191 -10.56 -30.27 -37.10
N ARG I 192 -10.02 -29.10 -36.77
CA ARG I 192 -10.79 -27.87 -36.79
C ARG I 192 -10.89 -27.26 -38.19
N VAL I 193 -10.04 -27.74 -39.10
CA VAL I 193 -10.07 -27.38 -40.53
C VAL I 193 -10.33 -28.66 -41.36
N PRO I 194 -11.53 -28.79 -41.98
CA PRO I 194 -11.79 -30.01 -42.81
C PRO I 194 -10.88 -30.16 -44.06
N ALA J 6 43.46 13.19 32.79
CA ALA J 6 42.69 14.42 32.43
C ALA J 6 42.78 14.71 30.93
N HIS J 7 41.72 15.34 30.41
CA HIS J 7 41.67 15.72 29.02
C HIS J 7 42.57 16.95 28.89
N PRO J 8 43.34 17.06 27.79
CA PRO J 8 44.14 18.23 27.50
C PRO J 8 43.28 19.48 27.49
N ILE J 9 43.83 20.58 27.98
CA ILE J 9 43.08 21.83 28.05
C ILE J 9 43.38 22.80 26.90
N SER J 10 44.30 22.41 26.00
CA SER J 10 44.66 23.22 24.84
C SER J 10 45.44 22.35 23.90
N ARG J 11 45.57 22.71 22.63
CA ARG J 11 46.43 21.93 21.72
C ARG J 11 47.84 22.48 21.82
N TYR J 12 47.98 23.65 22.45
CA TYR J 12 49.26 24.34 22.61
C TYR J 12 49.93 24.03 23.94
N PRO J 13 51.23 24.18 24.03
CA PRO J 13 51.88 23.96 25.30
C PRO J 13 51.24 24.82 26.37
N VAL J 14 51.18 24.28 27.57
CA VAL J 14 50.59 24.92 28.72
C VAL J 14 51.74 25.01 29.74
N PRO J 15 52.13 26.23 30.15
CA PRO J 15 53.26 26.34 31.05
C PRO J 15 52.99 25.96 32.52
N GLU J 16 54.08 25.54 33.19
CA GLU J 16 54.07 25.21 34.61
C GLU J 16 53.93 26.51 35.38
N LEU J 17 53.04 26.51 36.36
CA LEU J 17 52.75 27.73 37.12
C LEU J 17 54.00 28.34 37.76
N ALA J 18 55.00 27.49 38.02
CA ALA J 18 56.28 27.91 38.61
C ALA J 18 57.08 28.85 37.72
N ALA J 19 57.17 28.49 36.44
CA ALA J 19 57.96 29.27 35.46
C ALA J 19 57.31 30.56 34.95
N LEU J 20 56.21 30.99 35.56
CA LEU J 20 55.52 32.22 35.11
C LEU J 20 55.93 33.46 35.90
N PRO J 21 56.07 34.62 35.20
CA PRO J 21 56.35 35.87 35.90
C PRO J 21 55.45 36.06 37.13
N ASP J 22 55.98 36.70 38.17
CA ASP J 22 55.26 36.85 39.43
C ASP J 22 53.95 37.62 39.31
N ASP J 23 53.85 38.53 38.33
CA ASP J 23 52.61 39.31 38.14
C ASP J 23 51.45 38.41 37.70
N ILE J 24 51.78 37.49 36.79
CA ILE J 24 50.85 36.49 36.24
C ILE J 24 50.48 35.46 37.31
N ARG J 25 51.48 34.87 37.96
CA ARG J 25 51.23 33.91 39.04
C ARG J 25 50.32 34.53 40.08
N GLN J 26 50.48 35.83 40.33
CA GLN J 26 49.63 36.55 41.30
C GLN J 26 48.17 36.73 40.80
N ARG J 27 48.00 36.84 39.48
CA ARG J 27 46.65 36.97 38.93
C ARG J 27 45.95 35.63 39.12
N ILE J 28 46.68 34.58 38.78
CA ILE J 28 46.23 33.20 38.90
C ILE J 28 45.99 32.79 40.36
N LEU J 29 46.98 33.05 41.23
CA LEU J 29 46.83 32.73 42.67
C LEU J 29 45.57 33.39 43.19
N GLU J 30 45.39 34.65 42.82
CA GLU J 30 44.26 35.40 43.31
C GLU J 30 42.91 34.81 42.87
N VAL J 31 42.80 34.33 41.62
CA VAL J 31 41.52 33.77 41.14
C VAL J 31 41.16 32.46 41.85
N GLN J 32 42.17 31.61 42.11
CA GLN J 32 41.96 30.35 42.85
C GLN J 32 41.29 30.55 44.23
N ASP J 33 41.67 31.59 44.97
CA ASP J 33 41.01 31.86 46.23
C ASP J 33 39.53 32.13 45.89
N LYS J 34 39.31 32.91 44.83
CA LYS J 34 37.93 33.27 44.47
C LYS J 34 37.05 32.08 43.99
N ALA J 35 37.63 31.13 43.27
CA ALA J 35 36.87 30.02 42.64
C ALA J 35 37.21 28.59 43.09
N GLY J 36 38.27 28.42 43.85
CA GLY J 36 38.66 27.09 44.29
C GLY J 36 39.48 26.37 43.26
N PHE J 37 39.57 26.95 42.06
CA PHE J 37 40.37 26.37 40.96
C PHE J 37 40.71 27.52 40.06
N VAL J 38 41.53 27.23 39.06
CA VAL J 38 41.96 28.22 38.10
C VAL J 38 41.34 27.94 36.74
N PRO J 39 40.39 28.81 36.30
CA PRO J 39 39.80 28.66 34.96
C PRO J 39 40.89 28.43 33.89
N ASN J 40 40.67 27.52 32.95
CA ASN J 40 41.72 27.14 31.94
C ASN J 40 42.20 28.23 30.99
N VAL J 41 41.48 29.34 30.93
CA VAL J 41 41.87 30.48 30.10
C VAL J 41 43.20 31.08 30.59
N PHE J 42 43.33 31.29 31.90
CA PHE J 42 44.57 31.68 32.54
C PHE J 42 45.75 30.82 32.17
N LEU J 43 45.65 29.54 32.44
CA LEU J 43 46.73 28.59 32.18
C LEU J 43 47.07 28.48 30.70
N THR J 44 46.05 28.48 29.83
CA THR J 44 46.28 28.31 28.36
C THR J 44 46.92 29.53 27.72
N LEU J 45 46.45 30.71 28.10
CA LEU J 45 46.96 31.98 27.58
C LEU J 45 48.34 32.37 28.13
N ALA J 46 48.73 31.76 29.26
CA ALA J 46 50.07 32.02 29.84
C ALA J 46 51.17 31.52 28.89
N HIS J 47 50.80 30.69 27.90
CA HIS J 47 51.76 30.30 26.89
C HIS J 47 52.42 31.59 26.33
N ARG J 48 51.62 32.66 26.22
CA ARG J 48 52.07 33.98 25.73
C ARG J 48 51.79 35.09 26.76
N PRO J 49 52.70 35.29 27.72
CA PRO J 49 52.58 36.25 28.83
C PRO J 49 52.15 37.67 28.47
N ASP J 50 52.71 38.21 27.38
CA ASP J 50 52.37 39.58 26.94
C ASP J 50 50.91 39.73 26.54
N GLU J 51 50.39 38.68 25.92
CA GLU J 51 49.01 38.62 25.46
C GLU J 51 48.12 38.30 26.63
N PHE J 52 48.62 37.49 27.54
CA PHE J 52 47.93 37.19 28.80
C PHE J 52 47.62 38.51 29.48
N ARG J 53 48.64 39.34 29.65
CA ARG J 53 48.47 40.62 30.37
C ARG J 53 47.46 41.53 29.69
N ALA J 54 47.60 41.71 28.37
CA ALA J 54 46.69 42.54 27.56
C ALA J 54 45.27 41.98 27.53
N PHE J 55 45.13 40.67 27.44
CA PHE J 55 43.80 40.06 27.45
C PHE J 55 43.06 40.41 28.74
N PHE J 56 43.70 40.10 29.88
CA PHE J 56 43.05 40.30 31.18
C PHE J 56 42.89 41.76 31.59
N ALA J 57 43.76 42.62 31.07
CA ALA J 57 43.66 44.03 31.30
C ALA J 57 42.38 44.55 30.68
N TYR J 58 42.17 44.16 29.41
CA TYR J 58 40.99 44.54 28.64
C TYR J 58 39.79 43.94 29.33
N HIS J 59 39.85 42.65 29.65
CA HIS J 59 38.76 42.01 30.36
C HIS J 59 38.31 42.81 31.60
N ASP J 60 39.26 43.12 32.48
CA ASP J 60 39.00 43.92 33.69
C ASP J 60 38.39 45.31 33.41
N ALA J 61 38.80 45.91 32.30
CA ALA J 61 38.32 47.24 31.91
C ALA J 61 36.84 47.22 31.57
N LEU J 62 36.41 46.13 30.97
CA LEU J 62 35.04 45.97 30.57
C LEU J 62 34.17 45.33 31.67
N LEU J 64 34.83 44.92 35.07
CA LEU J 64 34.93 45.41 36.46
C LEU J 64 34.54 46.88 36.61
N LYS J 65 34.61 47.65 35.53
CA LYS J 65 34.24 49.06 35.59
C LYS J 65 32.85 49.28 36.15
N ASP J 66 32.67 50.41 36.80
CA ASP J 66 31.36 50.82 37.26
C ASP J 66 30.73 51.24 35.92
N GLY J 67 29.51 50.77 35.65
CA GLY J 67 28.83 51.10 34.39
C GLY J 67 27.33 50.91 34.50
N GLY J 68 26.65 51.10 33.38
CA GLY J 68 25.19 51.01 33.33
C GLY J 68 24.64 49.60 33.17
N LEU J 69 25.52 48.62 32.93
CA LEU J 69 25.10 47.21 32.77
C LEU J 69 25.45 46.47 34.04
N THR J 70 24.59 45.57 34.49
CA THR J 70 24.87 44.80 35.70
C THR J 70 25.91 43.77 35.31
N LYS J 71 26.56 43.19 36.30
CA LYS J 71 27.57 42.17 36.04
C LYS J 71 26.92 40.97 35.29
N GLY J 72 25.66 40.69 35.63
CA GLY J 72 24.89 39.59 35.02
C GLY J 72 24.61 39.87 33.55
N GLU J 73 24.18 41.10 33.26
CA GLU J 73 23.92 41.56 31.90
C GLU J 73 25.15 41.47 31.00
N ARG J 74 26.32 41.74 31.59
CA ARG J 74 27.57 41.65 30.86
C ARG J 74 27.79 40.21 30.46
N GLU J 75 27.52 39.32 31.40
CA GLU J 75 27.67 37.87 31.17
C GLU J 75 26.61 37.28 30.22
N ILE J 77 25.60 38.83 27.58
CA ILE J 77 26.16 39.26 26.29
C ILE J 77 27.20 38.26 25.86
N VAL J 78 28.03 37.86 26.81
CA VAL J 78 29.10 36.90 26.52
C VAL J 78 28.52 35.55 26.11
N VAL J 79 27.49 35.15 26.85
CA VAL J 79 26.83 33.86 26.64
C VAL J 79 26.15 33.84 25.27
N ALA J 80 25.31 34.84 25.00
CA ALA J 80 24.59 34.89 23.69
C ALA J 80 25.52 35.03 22.50
N THR J 81 26.55 35.87 22.61
CA THR J 81 27.47 36.05 21.51
C THR J 81 28.39 34.84 21.38
N SER J 82 28.86 34.28 22.49
CA SER J 82 29.72 33.06 22.39
C SER J 82 28.94 31.88 21.82
N ALA J 83 27.62 31.90 22.01
CA ALA J 83 26.74 30.90 21.47
C ALA J 83 26.75 31.04 19.95
N ALA J 84 26.69 32.26 19.47
CA ALA J 84 26.67 32.52 18.04
C ALA J 84 27.97 32.05 17.38
N ASN J 85 29.07 32.09 18.13
CA ASN J 85 30.39 31.64 17.66
C ASN J 85 30.71 30.20 18.00
N GLN J 86 29.73 29.48 18.56
CA GLN J 86 29.86 28.08 18.95
C GLN J 86 31.16 27.81 19.71
N CYS J 87 31.38 28.65 20.75
CA CYS J 87 32.57 28.59 21.59
C CYS J 87 32.22 27.86 22.86
N LEU J 88 32.80 26.66 22.95
CA LEU J 88 32.52 25.72 24.03
C LEU J 88 32.97 26.26 25.35
N TYR J 89 34.22 26.75 25.41
CA TYR J 89 34.74 27.30 26.65
C TYR J 89 33.91 28.49 27.13
N CYS J 90 33.71 29.48 26.29
CA CYS J 90 33.06 30.70 26.75
C CYS J 90 31.59 30.57 27.11
N VAL J 91 30.88 29.70 26.40
CA VAL J 91 29.48 29.48 26.71
C VAL J 91 29.33 28.85 28.09
N VAL J 92 30.12 27.81 28.32
CA VAL J 92 30.08 27.02 29.54
C VAL J 92 30.59 27.81 30.73
N ALA J 93 31.81 28.35 30.58
CA ALA J 93 32.46 29.13 31.62
C ALA J 93 31.59 30.28 32.08
N HIS J 94 31.13 31.11 31.16
CA HIS J 94 30.32 32.27 31.51
C HIS J 94 28.88 31.95 31.74
N GLY J 95 28.42 30.77 31.30
CA GLY J 95 27.05 30.38 31.59
C GLY J 95 26.95 30.26 33.10
N ALA J 96 27.96 29.62 33.67
CA ALA J 96 28.10 29.44 35.11
C ALA J 96 28.09 30.76 35.83
N ILE J 97 28.94 31.67 35.39
CA ILE J 97 29.10 32.98 36.02
C ILE J 97 27.80 33.77 35.95
N LEU J 98 27.10 33.66 34.82
CA LEU J 98 25.79 34.30 34.68
C LEU J 98 24.80 33.78 35.72
N ARG J 99 24.81 32.49 35.95
CA ARG J 99 23.93 31.90 36.97
C ARG J 99 24.24 32.39 38.39
N ILE J 100 25.52 32.52 38.72
CA ILE J 100 25.92 33.01 40.03
C ILE J 100 25.37 34.41 40.23
N TYR J 101 25.65 35.33 39.30
CA TYR J 101 25.18 36.72 39.44
C TYR J 101 23.68 36.83 39.50
N GLU J 102 23.03 36.25 38.51
CA GLU J 102 21.58 36.33 38.40
C GLU J 102 20.81 35.50 39.43
N LYS J 103 21.45 34.48 39.99
CA LYS J 103 20.78 33.55 40.91
C LYS J 103 19.52 33.00 40.19
N LYS J 104 19.73 32.51 38.97
CA LYS J 104 18.68 31.99 38.12
C LYS J 104 19.35 30.85 37.38
N PRO J 105 19.15 29.59 37.83
CA PRO J 105 19.85 28.44 37.23
C PRO J 105 19.45 28.02 35.83
N LEU J 106 18.33 28.54 35.31
CA LEU J 106 17.85 28.18 33.97
C LEU J 106 18.28 29.15 32.88
N VAL J 107 18.32 30.43 33.26
CA VAL J 107 18.56 31.56 32.35
C VAL J 107 19.69 31.43 31.32
N ALA J 108 20.79 30.81 31.71
CA ALA J 108 21.96 30.71 30.87
C ALA J 108 21.82 29.73 29.68
N ASP J 109 21.11 28.63 29.92
CA ASP J 109 20.89 27.62 28.88
C ASP J 109 19.97 28.25 27.87
N GLN J 110 18.98 28.97 28.38
CA GLN J 110 18.02 29.70 27.55
C GLN J 110 18.73 30.68 26.63
N VAL J 111 19.60 31.52 27.21
CA VAL J 111 20.34 32.53 26.46
C VAL J 111 21.28 31.91 25.39
N ALA J 112 21.89 30.79 25.76
CA ALA J 112 22.82 30.08 24.89
C ALA J 112 22.12 29.29 23.77
N VAL J 113 20.93 28.73 24.03
CA VAL J 113 20.22 27.98 22.99
C VAL J 113 19.38 28.92 22.15
N ASN J 114 18.64 29.81 22.81
CA ASN J 114 17.82 30.79 22.08
C ASN J 114 17.36 31.90 23.03
N TYR J 115 18.09 33.01 23.04
CA TYR J 115 17.84 34.18 23.87
C TYR J 115 16.50 34.83 23.62
N LEU J 116 15.96 34.64 22.43
CA LEU J 116 14.64 35.16 22.07
C LEU J 116 13.59 34.51 22.97
N LYS J 117 13.87 33.33 23.53
CA LYS J 117 12.95 32.68 24.45
C LYS J 117 13.42 32.58 25.91
N ALA J 118 14.32 33.48 26.33
CA ALA J 118 14.84 33.45 27.70
C ALA J 118 13.89 34.16 28.62
N ASP J 119 14.00 33.83 29.89
CA ASP J 119 13.17 34.44 30.93
C ASP J 119 13.73 35.82 31.29
N ILE J 120 13.69 36.77 30.35
CA ILE J 120 14.29 38.10 30.52
C ILE J 120 13.34 39.15 29.97
N PRO J 121 13.34 40.37 30.57
CA PRO J 121 12.48 41.43 30.08
C PRO J 121 12.95 41.96 28.72
N PRO J 122 12.10 42.73 28.01
CA PRO J 122 12.47 43.24 26.68
C PRO J 122 13.76 44.08 26.66
N ARG J 123 14.00 44.83 27.74
CA ARG J 123 15.22 45.64 27.88
C ARG J 123 16.45 44.81 27.65
N GLN J 124 16.49 43.62 28.22
CA GLN J 124 17.64 42.76 28.08
C GLN J 124 17.67 42.07 26.72
N ARG J 125 16.49 41.79 26.15
CA ARG J 125 16.42 41.20 24.81
C ARG J 125 16.99 42.19 23.81
N ALA J 126 16.58 43.45 23.94
CA ALA J 126 17.05 44.55 23.10
C ALA J 126 18.55 44.66 23.20
N LEU J 128 20.60 42.39 23.90
CA LEU J 128 21.19 41.22 23.24
C LEU J 128 20.98 41.21 21.73
N ASP J 129 19.94 41.88 21.23
CA ASP J 129 19.74 42.03 19.78
C ASP J 129 20.87 42.88 19.24
N PHE J 130 21.19 43.96 19.96
CA PHE J 130 22.29 44.85 19.58
C PHE J 130 23.59 44.08 19.69
N ALA J 131 23.85 43.45 20.82
CA ALA J 131 25.07 42.64 20.90
C ALA J 131 25.20 41.72 19.68
N LEU J 132 24.11 41.03 19.32
CA LEU J 132 24.14 40.10 18.18
C LEU J 132 24.39 40.77 16.82
N LYS J 133 24.04 42.04 16.68
CA LYS J 133 24.30 42.77 15.43
C LYS J 133 25.79 43.18 15.34
N VAL J 134 26.39 43.55 16.46
CA VAL J 134 27.80 43.91 16.54
C VAL J 134 28.60 42.62 16.28
N CYS J 135 28.11 41.56 16.88
CA CYS J 135 28.72 40.27 16.76
C CYS J 135 28.84 39.80 15.31
N LYS J 136 27.74 39.79 14.59
CA LYS J 136 27.69 39.24 13.23
C LYS J 136 27.53 40.24 12.09
N ALA J 137 27.03 41.46 12.37
CA ALA J 137 26.84 42.45 11.32
C ALA J 137 27.16 43.90 11.73
N SER J 138 28.32 44.14 12.34
CA SER J 138 28.68 45.49 12.89
C SER J 138 28.76 46.58 11.87
N HIS J 139 29.16 46.22 10.65
CA HIS J 139 29.25 47.17 9.59
C HIS J 139 27.91 47.82 9.21
N GLU J 140 26.80 47.26 9.68
CA GLU J 140 25.46 47.80 9.45
C GLU J 140 24.90 48.54 10.63
N VAL J 141 25.68 48.65 11.70
CA VAL J 141 25.27 49.35 12.90
C VAL J 141 25.02 50.81 12.51
N ASN J 142 23.84 51.32 12.82
CA ASN J 142 23.42 52.69 12.47
C ASN J 142 22.73 53.39 13.66
N GLU J 143 22.28 54.63 13.49
CA GLU J 143 21.64 55.38 14.59
C GLU J 143 20.31 54.76 15.07
N ALA J 144 19.62 54.06 14.17
CA ALA J 144 18.40 53.33 14.51
C ALA J 144 18.64 52.25 15.60
N ASP J 145 19.80 51.59 15.54
CA ASP J 145 20.20 50.59 16.52
C ASP J 145 20.42 51.23 17.87
N PHE J 146 21.11 52.37 17.87
CA PHE J 146 21.31 53.14 19.12
C PHE J 146 19.95 53.69 19.61
N GLU J 147 19.11 54.23 18.72
CA GLU J 147 17.76 54.67 19.12
C GLU J 147 16.95 53.55 19.81
N ALA J 148 16.95 52.35 19.21
CA ALA J 148 16.25 51.21 19.79
C ALA J 148 16.69 50.98 21.23
N LEU J 149 17.99 51.01 21.48
CA LEU J 149 18.46 50.87 22.86
C LEU J 149 17.99 52.02 23.75
N ARG J 150 18.01 53.25 23.24
CA ARG J 150 17.59 54.39 24.06
C ARG J 150 16.13 54.29 24.54
N GLU J 151 15.28 53.61 23.76
CA GLU J 151 13.88 53.41 24.13
C GLU J 151 13.71 52.54 25.37
N HIS J 152 14.69 51.67 25.62
CA HIS J 152 14.65 50.79 26.78
C HIS J 152 15.43 51.33 28.00
N GLY J 153 15.85 52.60 27.94
CA GLY J 153 16.56 53.23 29.05
C GLY J 153 18.08 53.27 28.94
N PHE J 154 18.65 52.57 27.97
CA PHE J 154 20.11 52.59 27.83
C PHE J 154 20.56 53.95 27.29
N THR J 155 21.80 54.33 27.62
CA THR J 155 22.40 55.55 27.11
C THR J 155 23.41 55.06 26.08
N ASP J 156 24.02 55.96 25.31
CA ASP J 156 25.00 55.56 24.28
C ASP J 156 26.29 55.03 24.89
N GLU J 157 26.53 55.39 26.14
CA GLU J 157 27.69 54.88 26.83
C GLU J 157 27.42 53.42 27.15
N ASP J 158 26.17 53.09 27.49
CA ASP J 158 25.78 51.69 27.68
C ASP J 158 25.97 50.95 26.34
N ALA J 159 25.48 51.54 25.25
CA ALA J 159 25.69 50.93 23.89
C ALA J 159 27.15 50.60 23.63
N TRP J 160 28.04 51.53 23.98
CA TRP J 160 29.47 51.31 23.84
C TRP J 160 29.91 50.06 24.63
N ASP J 161 29.52 50.00 25.90
CA ASP J 161 29.82 48.86 26.74
C ASP J 161 29.34 47.52 26.17
N ILE J 162 28.13 47.52 25.58
CA ILE J 162 27.54 46.31 25.02
C ILE J 162 28.39 45.89 23.82
N ALA J 163 28.79 46.86 23.00
CA ALA J 163 29.61 46.56 21.83
C ALA J 163 31.05 46.21 22.24
N ALA J 164 31.56 46.85 23.30
CA ALA J 164 32.92 46.57 23.73
C ALA J 164 33.04 45.11 24.17
N ILE J 165 32.12 44.70 25.03
CA ILE J 165 32.07 43.32 25.51
C ILE J 165 31.91 42.36 24.32
N THR J 166 30.99 42.66 23.42
CA THR J 166 30.78 41.81 22.26
C THR J 166 32.05 41.65 21.45
N ALA J 167 32.75 42.76 21.18
CA ALA J 167 33.97 42.75 20.38
C ALA J 167 35.11 42.01 21.07
N PHE J 168 35.29 42.28 22.37
CA PHE J 168 36.33 41.63 23.16
C PHE J 168 36.12 40.15 23.29
N PHE J 169 34.91 39.74 23.56
CA PHE J 169 34.67 38.34 23.54
C PHE J 169 34.72 37.59 22.24
N GLY J 170 34.62 38.32 21.16
CA GLY J 170 34.80 37.76 19.83
C GLY J 170 36.24 37.32 19.82
N LEU J 171 37.15 38.19 20.25
CA LEU J 171 38.58 37.85 20.34
C LEU J 171 38.79 36.58 21.19
N SER J 172 38.15 36.58 22.36
CA SER J 172 38.16 35.50 23.34
C SER J 172 37.64 34.22 22.70
N ASN J 173 36.45 34.31 22.08
CA ASN J 173 35.85 33.16 21.43
C ASN J 173 36.75 32.56 20.39
N ARG J 174 37.48 33.38 19.65
CA ARG J 174 38.35 32.88 18.55
C ARG J 174 39.70 32.26 19.00
N ALA J 176 40.10 30.72 22.12
CA ALA J 176 39.57 29.47 22.69
C ALA J 176 39.23 28.42 21.63
N ASN J 177 38.51 28.83 20.59
CA ASN J 177 38.16 27.93 19.51
C ASN J 177 39.39 27.44 18.77
N THR J 178 40.36 28.32 18.52
CA THR J 178 41.59 27.94 17.78
C THR J 178 42.53 26.96 18.52
N ILE J 179 42.65 27.18 19.83
CA ILE J 179 43.53 26.37 20.66
C ILE J 179 42.82 25.14 21.30
N GLY J 180 41.52 25.01 21.09
CA GLY J 180 40.79 23.93 21.70
C GLY J 180 40.64 24.17 23.21
N ARG J 182 39.69 24.08 26.63
CA ARG J 182 38.70 23.22 27.28
C ARG J 182 38.11 23.83 28.57
N PRO J 183 36.77 23.91 28.67
CA PRO J 183 36.22 24.44 29.93
C PRO J 183 36.36 23.49 31.12
N ASN J 184 36.57 24.08 32.29
CA ASN J 184 36.72 23.34 33.54
C ASN J 184 35.41 22.68 34.00
N ASP J 185 35.53 21.47 34.54
CA ASP J 185 34.37 20.70 35.04
C ASP J 185 33.51 21.48 36.03
N GLU J 186 34.17 22.22 36.91
CA GLU J 186 33.44 22.95 37.96
C GLU J 186 32.37 23.86 37.38
N PHE J 187 32.65 24.43 36.21
CA PHE J 187 31.70 25.36 35.52
C PHE J 187 30.40 24.71 35.07
N PHE J 188 30.49 23.45 34.64
CA PHE J 188 29.33 22.71 34.14
C PHE J 188 28.16 22.63 35.11
N LEU J 189 28.41 22.40 36.40
CA LEU J 189 27.33 22.31 37.41
C LEU J 189 27.20 23.58 38.26
N GLY J 191 26.43 26.83 40.02
CA GLY J 191 25.34 27.78 39.95
C GLY J 191 24.00 27.21 39.59
N ARG J 192 23.90 25.90 39.46
CA ARG J 192 22.63 25.24 39.16
C ARG J 192 21.85 24.76 40.38
N VAL J 193 22.37 25.02 41.60
CA VAL J 193 21.71 24.59 42.85
C VAL J 193 22.34 25.24 44.09
N ARG K 4 -10.56 35.26 -18.32
CA ARG K 4 -11.01 36.55 -18.92
C ARG K 4 -9.86 37.35 -19.53
N PRO K 5 -9.53 38.51 -18.92
CA PRO K 5 -8.43 39.35 -19.41
C PRO K 5 -7.09 38.81 -18.91
N ALA K 6 -6.04 39.06 -19.69
CA ALA K 6 -4.73 38.56 -19.36
C ALA K 6 -4.07 39.26 -18.16
N HIS K 7 -3.06 38.58 -17.61
CA HIS K 7 -2.23 39.08 -16.49
C HIS K 7 -1.16 39.97 -17.09
N PRO K 8 -0.76 41.05 -16.36
CA PRO K 8 0.31 41.90 -16.86
C PRO K 8 1.57 41.06 -17.07
N ILE K 9 2.23 41.28 -18.22
CA ILE K 9 3.42 40.52 -18.55
C ILE K 9 4.70 41.24 -18.15
N SER K 10 4.54 42.42 -17.55
CA SER K 10 5.64 43.26 -17.14
C SER K 10 5.10 44.31 -16.20
N ARG K 11 5.98 44.88 -15.42
CA ARG K 11 5.65 45.97 -14.48
C ARG K 11 5.72 47.31 -15.24
N TYR K 12 6.44 47.28 -16.35
CA TYR K 12 6.70 48.43 -17.20
C TYR K 12 5.83 48.43 -18.47
N PRO K 13 5.74 49.59 -19.14
CA PRO K 13 5.00 49.61 -20.41
C PRO K 13 5.52 48.56 -21.36
N VAL K 14 4.65 48.10 -22.24
CA VAL K 14 5.01 47.17 -23.32
C VAL K 14 4.56 47.86 -24.62
N PRO K 15 5.48 48.00 -25.58
CA PRO K 15 5.09 48.67 -26.81
C PRO K 15 4.27 47.80 -27.77
N GLU K 16 3.36 48.43 -28.53
CA GLU K 16 2.62 47.72 -29.59
C GLU K 16 3.66 47.53 -30.69
N LEU K 17 3.71 46.32 -31.26
CA LEU K 17 4.67 45.96 -32.32
C LEU K 17 4.76 47.09 -33.32
N ALA K 18 3.59 47.59 -33.73
CA ALA K 18 3.43 48.73 -34.64
C ALA K 18 4.38 49.92 -34.43
N ALA K 19 4.65 50.30 -33.17
CA ALA K 19 5.53 51.44 -32.89
C ALA K 19 7.05 51.12 -32.86
N LEU K 20 7.42 49.85 -32.89
CA LEU K 20 8.83 49.45 -32.80
C LEU K 20 9.58 49.53 -34.13
N PRO K 21 10.90 49.79 -34.08
CA PRO K 21 11.80 49.78 -35.26
C PRO K 21 11.59 48.55 -36.14
N ASP K 22 11.73 48.72 -37.46
CA ASP K 22 11.50 47.59 -38.40
C ASP K 22 12.46 46.37 -38.17
N ASP K 23 13.66 46.59 -37.64
CA ASP K 23 14.58 45.46 -37.32
C ASP K 23 14.08 44.67 -36.08
N ILE K 24 13.61 45.40 -35.07
CA ILE K 24 13.03 44.82 -33.87
C ILE K 24 11.79 44.02 -34.23
N ARG K 25 10.86 44.65 -34.96
CA ARG K 25 9.63 43.97 -35.41
C ARG K 25 9.96 42.77 -36.32
N GLN K 26 11.05 42.86 -37.08
CA GLN K 26 11.48 41.73 -37.92
C GLN K 26 11.85 40.51 -37.06
N ARG K 27 12.38 40.73 -35.85
CA ARG K 27 12.72 39.59 -34.99
C ARG K 27 11.47 39.01 -34.34
N ILE K 28 10.64 39.89 -33.83
CA ILE K 28 9.41 39.47 -33.15
C ILE K 28 8.49 38.67 -34.12
N LEU K 29 8.49 39.05 -35.40
CA LEU K 29 7.70 38.32 -36.43
C LEU K 29 8.42 37.00 -36.73
N GLU K 30 9.75 37.02 -36.79
CA GLU K 30 10.53 35.80 -37.07
C GLU K 30 10.30 34.71 -35.98
N VAL K 31 10.33 35.12 -34.71
CA VAL K 31 10.04 34.17 -33.61
C VAL K 31 8.59 33.69 -33.65
N GLN K 32 7.62 34.61 -33.86
CA GLN K 32 6.21 34.19 -33.88
C GLN K 32 5.89 33.14 -34.94
N ASP K 33 6.49 33.26 -36.13
CA ASP K 33 6.27 32.29 -37.19
C ASP K 33 6.77 30.92 -36.75
N LYS K 34 7.95 30.91 -36.15
CA LYS K 34 8.57 29.67 -35.68
C LYS K 34 7.88 29.04 -34.47
N ALA K 35 7.27 29.86 -33.61
CA ALA K 35 6.66 29.36 -32.38
C ALA K 35 5.14 29.48 -32.29
N GLY K 36 4.50 30.27 -33.13
CA GLY K 36 3.06 30.49 -33.01
C GLY K 36 2.67 31.49 -31.89
N PHE K 37 3.67 32.04 -31.18
CA PHE K 37 3.42 33.05 -30.15
C PHE K 37 4.73 33.79 -29.91
N VAL K 38 4.65 34.89 -29.17
CA VAL K 38 5.82 35.69 -28.85
C VAL K 38 6.16 35.57 -27.36
N PRO K 39 7.33 34.95 -27.04
CA PRO K 39 7.79 34.89 -25.66
C PRO K 39 7.86 36.30 -25.10
N ASN K 40 7.27 36.49 -23.91
CA ASN K 40 7.20 37.82 -23.30
C ASN K 40 8.54 38.54 -23.13
N VAL K 41 9.67 37.83 -23.09
CA VAL K 41 10.96 38.51 -22.99
C VAL K 41 11.15 39.51 -24.12
N PHE K 42 10.70 39.19 -25.35
CA PHE K 42 10.86 40.08 -26.51
C PHE K 42 10.05 41.37 -26.34
N LEU K 43 8.76 41.19 -26.07
CA LEU K 43 7.86 42.31 -25.96
C LEU K 43 8.25 43.20 -24.82
N THR K 44 8.52 42.62 -23.67
CA THR K 44 8.82 43.38 -22.43
C THR K 44 10.13 44.19 -22.52
N LEU K 45 11.19 43.60 -23.10
CA LEU K 45 12.44 44.34 -23.29
C LEU K 45 12.41 45.37 -24.44
N ALA K 46 11.43 45.27 -25.33
CA ALA K 46 11.29 46.23 -26.44
C ALA K 46 11.05 47.69 -25.94
N HIS K 47 10.65 47.83 -24.66
CA HIS K 47 10.49 49.13 -23.97
C HIS K 47 11.81 49.93 -23.98
N ARG K 48 12.96 49.22 -24.01
CA ARG K 48 14.28 49.80 -24.16
C ARG K 48 14.93 49.19 -25.41
N PRO K 49 14.57 49.69 -26.61
CA PRO K 49 15.09 49.15 -27.89
C PRO K 49 16.59 48.91 -28.02
N ASP K 50 17.45 49.81 -27.57
CA ASP K 50 18.92 49.54 -27.67
C ASP K 50 19.35 48.33 -26.83
N GLU K 51 18.69 48.17 -25.68
CA GLU K 51 18.98 47.09 -24.73
C GLU K 51 18.49 45.79 -25.34
N PHE K 52 17.28 45.80 -25.90
CA PHE K 52 16.73 44.68 -26.68
C PHE K 52 17.76 44.20 -27.72
N ARG K 53 18.32 45.13 -28.47
CA ARG K 53 19.28 44.74 -29.53
C ARG K 53 20.54 44.09 -28.99
N ALA K 54 21.04 44.59 -27.87
CA ALA K 54 22.28 44.07 -27.27
C ALA K 54 22.00 42.73 -26.62
N PHE K 55 20.85 42.64 -25.99
CA PHE K 55 20.48 41.44 -25.28
C PHE K 55 20.37 40.26 -26.25
N PHE K 56 19.57 40.42 -27.29
CA PHE K 56 19.36 39.34 -28.24
C PHE K 56 20.57 39.05 -29.10
N ALA K 57 21.46 40.00 -29.22
CA ALA K 57 22.71 39.79 -29.92
C ALA K 57 23.61 38.91 -29.04
N TYR K 58 23.63 39.20 -27.74
CA TYR K 58 24.44 38.43 -26.81
C TYR K 58 23.83 37.03 -26.71
N HIS K 59 22.53 36.95 -26.55
CA HIS K 59 21.86 35.65 -26.52
C HIS K 59 22.34 34.80 -27.72
N ASP K 60 22.17 35.36 -28.91
CA ASP K 60 22.54 34.67 -30.13
C ASP K 60 23.98 34.22 -30.12
N ALA K 61 24.92 35.10 -29.79
CA ALA K 61 26.36 34.72 -29.76
C ALA K 61 26.66 33.42 -28.98
N LEU K 62 25.97 33.25 -27.86
CA LEU K 62 26.19 32.13 -26.97
C LEU K 62 25.37 30.86 -27.30
N LEU K 64 23.69 30.14 -30.20
CA LEU K 64 23.66 29.72 -31.61
C LEU K 64 25.02 29.32 -32.20
N LYS K 65 26.11 29.42 -31.44
CA LYS K 65 27.44 29.02 -31.94
C LYS K 65 27.48 27.50 -32.09
N ASP K 66 28.22 26.99 -33.08
CA ASP K 66 28.35 25.52 -33.23
C ASP K 66 29.55 25.13 -32.36
N GLY K 67 29.31 25.13 -31.03
CA GLY K 67 30.35 24.87 -30.02
C GLY K 67 30.40 23.46 -29.46
N GLY K 68 30.99 23.31 -28.27
CA GLY K 68 31.14 22.01 -27.60
C GLY K 68 29.98 21.60 -26.70
N LEU K 69 29.09 22.54 -26.40
CA LEU K 69 27.91 22.27 -25.59
C LEU K 69 26.70 22.16 -26.52
N THR K 70 25.89 21.10 -26.37
CA THR K 70 24.69 20.88 -27.20
C THR K 70 23.56 21.87 -26.86
N LYS K 71 22.62 22.06 -27.78
CA LYS K 71 21.53 23.00 -27.54
C LYS K 71 20.85 22.67 -26.20
N GLY K 72 20.63 21.39 -25.92
CA GLY K 72 19.98 20.99 -24.67
C GLY K 72 20.82 21.20 -23.42
N GLU K 73 22.13 20.92 -23.54
CA GLU K 73 23.09 21.12 -22.44
C GLU K 73 23.12 22.58 -22.02
N ARG K 74 23.19 23.48 -23.00
CA ARG K 74 23.13 24.94 -22.75
C ARG K 74 21.85 25.37 -22.02
N GLU K 75 20.73 24.70 -22.32
CA GLU K 75 19.46 24.98 -21.64
C GLU K 75 19.41 24.48 -20.17
N ILE K 77 21.97 24.54 -18.23
CA ILE K 77 22.73 25.58 -17.56
C ILE K 77 21.78 26.71 -17.20
N VAL K 78 20.96 27.12 -18.16
CA VAL K 78 20.00 28.21 -17.92
C VAL K 78 19.02 27.90 -16.82
N VAL K 79 18.45 26.69 -16.84
CA VAL K 79 17.42 26.27 -15.88
C VAL K 79 17.95 26.12 -14.45
N ALA K 80 19.10 25.42 -14.33
CA ALA K 80 19.79 25.17 -13.07
C ALA K 80 20.16 26.48 -12.40
N THR K 81 20.79 27.36 -13.17
CA THR K 81 21.18 28.67 -12.61
C THR K 81 19.97 29.60 -12.39
N SER K 82 18.98 29.58 -13.30
CA SER K 82 17.81 30.44 -13.13
C SER K 82 17.03 30.03 -11.88
N ALA K 83 17.07 28.74 -11.57
CA ALA K 83 16.41 28.22 -10.39
C ALA K 83 17.14 28.71 -9.16
N ALA K 84 18.46 28.76 -9.25
CA ALA K 84 19.34 29.28 -8.19
C ALA K 84 19.04 30.73 -7.86
N ASN K 85 18.57 31.46 -8.86
CA ASN K 85 18.17 32.87 -8.71
C ASN K 85 16.70 33.06 -8.62
N GLN K 86 15.95 31.98 -8.57
CA GLN K 86 14.49 31.99 -8.42
C GLN K 86 13.77 32.86 -9.42
N CYS K 87 14.21 32.71 -10.66
CA CYS K 87 13.68 33.49 -11.74
C CYS K 87 12.58 32.70 -12.43
N LEU K 88 11.34 33.06 -12.10
CA LEU K 88 10.16 32.42 -12.64
C LEU K 88 10.11 32.35 -14.21
N TYR K 89 10.31 33.47 -14.87
CA TYR K 89 10.24 33.49 -16.31
C TYR K 89 11.16 32.44 -16.87
N CYS K 90 12.45 32.58 -16.59
CA CYS K 90 13.49 31.77 -17.20
C CYS K 90 13.44 30.31 -16.92
N VAL K 91 13.00 29.97 -15.71
CA VAL K 91 12.92 28.56 -15.33
C VAL K 91 11.86 27.87 -16.18
N VAL K 92 10.70 28.50 -16.30
CA VAL K 92 9.59 27.96 -17.05
C VAL K 92 9.85 28.08 -18.58
N ALA K 93 10.35 29.22 -19.00
CA ALA K 93 10.57 29.47 -20.38
C ALA K 93 11.53 28.44 -20.88
N HIS K 94 12.73 28.39 -20.28
CA HIS K 94 13.78 27.43 -20.70
C HIS K 94 13.57 26.02 -20.27
N GLY K 95 12.71 25.81 -19.28
CA GLY K 95 12.35 24.46 -18.85
C GLY K 95 11.73 23.77 -20.04
N ALA K 96 10.79 24.48 -20.67
CA ALA K 96 10.07 24.00 -21.88
C ALA K 96 11.00 23.73 -23.04
N ILE K 97 11.97 24.61 -23.19
CA ILE K 97 12.92 24.54 -24.29
C ILE K 97 13.88 23.40 -23.99
N LEU K 98 14.17 23.16 -22.70
CA LEU K 98 15.04 22.05 -22.34
C LEU K 98 14.35 20.73 -22.71
N ARG K 99 13.10 20.59 -22.27
CA ARG K 99 12.31 19.42 -22.56
C ARG K 99 12.19 19.13 -24.05
N ILE K 100 12.10 20.19 -24.84
CA ILE K 100 11.96 20.07 -26.30
C ILE K 100 13.29 19.65 -26.92
N TYR K 101 14.39 20.30 -26.58
CA TYR K 101 15.68 19.89 -27.14
C TYR K 101 16.13 18.46 -26.73
N GLU K 102 15.92 18.11 -25.47
CA GLU K 102 16.29 16.79 -24.97
C GLU K 102 15.27 15.71 -25.23
N LYS K 103 14.03 16.09 -25.51
CA LYS K 103 12.95 15.12 -25.66
C LYS K 103 12.98 14.22 -24.40
N LYS K 104 12.85 14.88 -23.24
CA LYS K 104 12.86 14.28 -21.90
C LYS K 104 11.89 15.13 -21.07
N PRO K 105 10.62 14.72 -20.94
CA PRO K 105 9.61 15.52 -20.26
C PRO K 105 9.83 15.78 -18.77
N LEU K 106 10.64 14.96 -18.14
CA LEU K 106 10.85 15.04 -16.72
C LEU K 106 12.06 15.83 -16.33
N VAL K 107 13.04 15.91 -17.21
CA VAL K 107 14.34 16.47 -16.87
C VAL K 107 14.43 17.95 -16.50
N ALA K 108 13.54 18.78 -17.04
CA ALA K 108 13.64 20.18 -16.74
C ALA K 108 13.25 20.41 -15.30
N ASP K 109 12.22 19.71 -14.84
CA ASP K 109 11.73 19.80 -13.44
C ASP K 109 12.77 19.37 -12.43
N GLN K 110 13.51 18.33 -12.80
CA GLN K 110 14.56 17.78 -11.96
C GLN K 110 15.70 18.78 -11.82
N VAL K 111 16.16 19.28 -12.96
CA VAL K 111 17.24 20.25 -13.01
C VAL K 111 16.85 21.53 -12.27
N ALA K 112 15.57 21.87 -12.31
CA ALA K 112 15.08 23.06 -11.66
C ALA K 112 15.03 22.91 -10.13
N VAL K 113 14.47 21.80 -9.63
CA VAL K 113 14.25 21.60 -8.19
C VAL K 113 15.50 21.17 -7.40
N ASN K 114 16.29 20.27 -8.01
CA ASN K 114 17.56 19.79 -7.50
C ASN K 114 18.34 19.03 -8.60
N TYR K 115 19.19 19.69 -9.37
CA TYR K 115 19.88 19.02 -10.50
C TYR K 115 20.78 17.90 -10.07
N LEU K 116 21.03 17.79 -8.75
CA LEU K 116 21.84 16.72 -8.19
C LEU K 116 21.13 15.38 -8.28
N LYS K 117 19.82 15.41 -8.57
CA LYS K 117 19.01 14.20 -8.71
C LYS K 117 18.36 14.04 -10.09
N ALA K 118 18.77 14.86 -11.05
CA ALA K 118 18.21 14.81 -12.39
C ALA K 118 18.75 13.59 -13.13
N ASP K 119 18.02 13.12 -14.14
CA ASP K 119 18.44 11.96 -14.92
C ASP K 119 19.42 12.40 -15.96
N ILE K 120 20.65 12.66 -15.52
CA ILE K 120 21.69 13.08 -16.44
C ILE K 120 22.97 12.39 -16.04
N PRO K 121 23.88 12.21 -17.00
CA PRO K 121 25.15 11.64 -16.63
C PRO K 121 26.05 12.58 -15.82
N PRO K 122 27.06 12.02 -15.12
CA PRO K 122 28.08 12.76 -14.38
C PRO K 122 28.75 13.89 -15.15
N ARG K 123 28.95 13.71 -16.46
CA ARG K 123 29.55 14.74 -17.31
C ARG K 123 28.66 15.99 -17.29
N GLN K 124 27.34 15.82 -17.45
CA GLN K 124 26.41 16.96 -17.44
C GLN K 124 26.17 17.54 -16.01
N ARG K 125 26.35 16.73 -14.97
CA ARG K 125 26.20 17.22 -13.60
C ARG K 125 27.44 18.08 -13.29
N ALA K 126 28.60 17.56 -13.66
CA ALA K 126 29.85 18.29 -13.50
C ALA K 126 29.80 19.68 -14.17
N LEU K 128 27.07 21.39 -14.66
CA LEU K 128 26.15 22.21 -13.84
C LEU K 128 26.79 22.63 -12.51
N ASP K 129 27.74 21.81 -12.02
CA ASP K 129 28.45 22.12 -10.77
C ASP K 129 29.29 23.38 -10.98
N PHE K 130 29.96 23.45 -12.11
CA PHE K 130 30.76 24.60 -12.48
C PHE K 130 29.87 25.81 -12.71
N ALA K 131 28.80 25.62 -13.48
CA ALA K 131 27.88 26.74 -13.72
C ALA K 131 27.36 27.32 -12.39
N LEU K 132 27.05 26.44 -11.44
CA LEU K 132 26.56 26.89 -10.14
C LEU K 132 27.62 27.63 -9.39
N LYS K 133 28.89 27.28 -9.61
CA LYS K 133 29.98 28.01 -8.96
C LYS K 133 30.11 29.41 -9.55
N VAL K 134 30.10 29.50 -10.89
CA VAL K 134 30.16 30.76 -11.59
C VAL K 134 28.96 31.62 -11.20
N CYS K 135 27.81 30.99 -11.06
CA CYS K 135 26.60 31.69 -10.71
C CYS K 135 26.66 32.30 -9.28
N LYS K 136 27.09 31.55 -8.27
CA LYS K 136 27.09 32.06 -6.89
C LYS K 136 28.43 32.45 -6.27
N ALA K 137 29.53 31.91 -6.77
CA ALA K 137 30.85 32.16 -6.18
C ALA K 137 31.94 32.24 -7.24
N SER K 138 31.69 33.04 -8.26
CA SER K 138 32.64 33.15 -9.40
C SER K 138 34.05 33.55 -8.99
N HIS K 139 34.16 34.37 -7.94
CA HIS K 139 35.48 34.84 -7.46
C HIS K 139 36.39 33.71 -6.93
N GLU K 140 35.82 32.52 -6.72
CA GLU K 140 36.54 31.36 -6.24
C GLU K 140 36.96 30.42 -7.35
N VAL K 141 36.55 30.70 -8.59
CA VAL K 141 36.91 29.85 -9.75
C VAL K 141 38.42 29.76 -9.85
N ASN K 142 38.94 28.54 -9.85
CA ASN K 142 40.39 28.27 -9.91
C ASN K 142 40.71 27.15 -10.91
N GLU K 143 41.97 26.77 -11.02
CA GLU K 143 42.38 25.72 -11.99
C GLU K 143 41.81 24.34 -11.66
N ALA K 144 41.54 24.09 -10.38
CA ALA K 144 40.92 22.84 -9.93
C ALA K 144 39.55 22.66 -10.58
N ASP K 145 38.82 23.77 -10.76
CA ASP K 145 37.50 23.76 -11.39
C ASP K 145 37.57 23.41 -12.89
N PHE K 146 38.55 24.00 -13.58
CA PHE K 146 38.73 23.72 -15.00
C PHE K 146 39.17 22.29 -15.19
N GLU K 147 40.12 21.82 -14.38
CA GLU K 147 40.63 20.44 -14.53
C GLU K 147 39.55 19.42 -14.19
N ALA K 148 38.64 19.75 -13.27
CA ALA K 148 37.51 18.86 -12.95
C ALA K 148 36.63 18.63 -14.14
N LEU K 149 36.44 19.66 -14.94
CA LEU K 149 35.68 19.56 -16.17
C LEU K 149 36.50 18.82 -17.22
N ARG K 150 37.80 19.09 -17.29
CA ARG K 150 38.66 18.37 -18.25
C ARG K 150 38.66 16.86 -18.04
N GLU K 151 38.42 16.43 -16.79
CA GLU K 151 38.33 15.03 -16.44
C GLU K 151 37.13 14.35 -17.10
N HIS K 152 36.09 15.12 -17.41
CA HIS K 152 34.89 14.60 -18.05
C HIS K 152 34.85 14.81 -19.54
N GLY K 153 35.96 15.27 -20.12
CA GLY K 153 36.07 15.45 -21.57
C GLY K 153 35.79 16.84 -22.09
N PHE K 154 35.65 17.81 -21.19
CA PHE K 154 35.38 19.21 -21.58
C PHE K 154 36.69 19.91 -21.87
N THR K 155 36.65 20.89 -22.77
CA THR K 155 37.82 21.71 -23.07
C THR K 155 37.63 23.02 -22.34
N ASP K 156 38.68 23.82 -22.25
CA ASP K 156 38.61 25.12 -21.58
C ASP K 156 37.65 26.05 -22.30
N GLU K 157 37.50 25.85 -23.61
CA GLU K 157 36.57 26.64 -24.38
C GLU K 157 35.14 26.26 -24.03
N ASP K 158 34.91 24.98 -23.72
CA ASP K 158 33.58 24.58 -23.26
C ASP K 158 33.28 25.28 -21.92
N ALA K 159 34.30 25.35 -21.07
CA ALA K 159 34.19 26.01 -19.76
C ALA K 159 33.85 27.49 -19.90
N TRP K 160 34.41 28.15 -20.92
CA TRP K 160 34.13 29.57 -21.15
C TRP K 160 32.64 29.68 -21.48
N ASP K 161 32.19 28.82 -22.41
CA ASP K 161 30.80 28.77 -22.84
C ASP K 161 29.89 28.55 -21.63
N ILE K 162 30.25 27.62 -20.74
CA ILE K 162 29.42 27.35 -19.55
C ILE K 162 29.29 28.63 -18.75
N ALA K 163 30.46 29.21 -18.47
CA ALA K 163 30.59 30.45 -17.71
C ALA K 163 29.86 31.65 -18.31
N ALA K 164 29.91 31.76 -19.64
CA ALA K 164 29.27 32.83 -20.38
C ALA K 164 27.76 32.76 -20.36
N ILE K 165 27.25 31.56 -20.52
CA ILE K 165 25.81 31.32 -20.49
C ILE K 165 25.35 31.64 -19.06
N THR K 166 26.12 31.21 -18.07
CA THR K 166 25.79 31.50 -16.68
C THR K 166 25.77 33.01 -16.44
N ALA K 167 26.85 33.69 -16.78
CA ALA K 167 26.97 35.14 -16.65
C ALA K 167 25.81 35.92 -17.30
N PHE K 168 25.53 35.56 -18.55
CA PHE K 168 24.49 36.22 -19.32
C PHE K 168 23.10 35.97 -18.81
N PHE K 169 22.79 34.73 -18.47
CA PHE K 169 21.48 34.45 -17.98
C PHE K 169 21.30 34.95 -16.55
N GLY K 170 22.37 35.33 -15.84
CA GLY K 170 22.22 36.03 -14.52
C GLY K 170 21.72 37.45 -14.77
N LEU K 171 22.16 38.04 -15.89
CA LEU K 171 21.71 39.35 -16.33
C LEU K 171 20.23 39.18 -16.67
N SER K 172 19.94 38.22 -17.55
CA SER K 172 18.56 37.90 -17.89
C SER K 172 17.67 37.74 -16.61
N ASN K 173 18.12 36.94 -15.66
CA ASN K 173 17.37 36.66 -14.44
C ASN K 173 17.02 37.90 -13.66
N ARG K 174 18.00 38.78 -13.52
CA ARG K 174 17.85 40.02 -12.75
C ARG K 174 16.87 40.96 -13.40
N ALA K 176 14.42 40.08 -15.60
CA ALA K 176 13.14 39.39 -15.53
C ALA K 176 12.53 39.58 -14.15
N ASN K 177 13.33 39.34 -13.10
CA ASN K 177 12.83 39.51 -11.72
C ASN K 177 12.50 40.93 -11.32
N THR K 178 13.21 41.91 -11.89
CA THR K 178 12.99 43.30 -11.51
C THR K 178 11.65 43.84 -12.05
N ILE K 179 11.42 43.56 -13.34
CA ILE K 179 10.23 44.03 -14.02
C ILE K 179 9.04 43.08 -13.83
N GLY K 180 9.26 41.92 -13.20
CA GLY K 180 8.20 40.92 -13.04
C GLY K 180 7.76 40.30 -14.35
N ARG K 182 6.52 37.97 -16.97
CA ARG K 182 5.63 36.80 -16.82
C ARG K 182 5.86 35.79 -17.93
N PRO K 183 6.07 34.50 -17.57
CA PRO K 183 6.26 33.45 -18.59
C PRO K 183 4.94 33.16 -19.27
N ASN K 184 5.01 32.95 -20.58
CA ASN K 184 3.83 32.71 -21.39
C ASN K 184 3.17 31.39 -21.00
N ASP K 185 1.83 31.39 -20.95
CA ASP K 185 1.07 30.18 -20.67
C ASP K 185 1.60 28.96 -21.46
N GLU K 186 1.98 29.19 -22.72
CA GLU K 186 2.46 28.14 -23.60
C GLU K 186 3.61 27.34 -23.00
N PHE K 187 4.62 28.04 -22.51
CA PHE K 187 5.78 27.37 -21.91
C PHE K 187 5.47 26.34 -20.78
N PHE K 188 4.42 26.55 -19.99
CA PHE K 188 4.13 25.66 -18.88
C PHE K 188 3.82 24.22 -19.30
N LEU K 189 3.07 24.06 -20.38
CA LEU K 189 2.67 22.71 -20.84
C LEU K 189 3.56 22.18 -21.96
N GLY K 191 6.37 20.63 -24.28
CA GLY K 191 7.42 19.58 -24.12
C GLY K 191 7.12 18.40 -23.18
N ARG K 192 5.96 18.42 -22.53
CA ARG K 192 5.60 17.38 -21.57
C ARG K 192 5.03 16.09 -22.21
N VAL K 193 4.67 16.14 -23.49
CA VAL K 193 4.21 14.96 -24.21
C VAL K 193 5.10 14.82 -25.46
N PRO K 194 5.85 13.71 -25.56
CA PRO K 194 6.76 13.47 -26.71
C PRO K 194 6.19 13.76 -28.10
N ALA L 6 55.92 40.92 -16.43
CA ALA L 6 54.46 41.26 -16.52
C ALA L 6 53.59 40.05 -16.24
N HIS L 7 52.62 40.26 -15.35
CA HIS L 7 51.71 39.20 -14.95
C HIS L 7 50.70 39.00 -16.07
N PRO L 8 50.19 37.77 -16.23
CA PRO L 8 49.16 37.55 -17.25
C PRO L 8 47.89 38.28 -16.86
N ILE L 9 47.12 38.65 -17.86
CA ILE L 9 45.91 39.45 -17.71
C ILE L 9 44.62 38.66 -17.87
N SER L 10 44.79 37.38 -18.14
CA SER L 10 43.70 36.46 -18.32
C SER L 10 44.30 35.07 -18.25
N ARG L 11 43.41 34.14 -17.96
CA ARG L 11 43.71 32.72 -17.88
C ARG L 11 43.74 32.14 -19.31
N TYR L 12 42.96 32.75 -20.21
CA TYR L 12 42.82 32.35 -21.61
C TYR L 12 43.69 33.21 -22.51
N PRO L 13 43.86 32.80 -23.79
CA PRO L 13 44.61 33.58 -24.77
C PRO L 13 44.16 35.00 -24.97
N VAL L 14 45.13 35.87 -25.18
CA VAL L 14 44.87 37.27 -25.50
C VAL L 14 45.35 37.40 -26.97
N PRO L 15 44.41 37.60 -27.92
CA PRO L 15 44.79 37.73 -29.33
C PRO L 15 45.50 39.06 -29.69
N GLU L 16 46.44 38.97 -30.63
CA GLU L 16 47.21 40.14 -31.10
C GLU L 16 46.29 41.12 -31.83
N LEU L 17 46.47 42.40 -31.56
CA LEU L 17 45.62 43.44 -32.13
C LEU L 17 45.69 43.42 -33.68
N ALA L 18 46.82 42.96 -34.22
CA ALA L 18 46.95 42.82 -35.67
C ALA L 18 46.42 41.44 -36.15
N ALA L 19 45.56 40.81 -35.36
CA ALA L 19 44.93 39.54 -35.73
C ALA L 19 43.41 39.59 -35.58
N LEU L 20 42.88 40.77 -35.27
CA LEU L 20 41.45 40.93 -34.93
C LEU L 20 40.60 41.60 -35.98
N PRO L 21 39.28 41.37 -35.90
CA PRO L 21 38.35 42.06 -36.78
C PRO L 21 38.60 43.57 -36.81
N ASP L 22 38.57 44.13 -38.02
CA ASP L 22 38.87 45.53 -38.21
C ASP L 22 38.02 46.44 -37.29
N ASP L 23 36.75 46.10 -37.07
CA ASP L 23 35.85 46.91 -36.19
C ASP L 23 36.19 46.84 -34.69
N ILE L 24 36.81 45.72 -34.30
CA ILE L 24 37.26 45.49 -32.94
C ILE L 24 38.57 46.25 -32.80
N ARG L 25 39.51 46.07 -33.74
CA ARG L 25 40.74 46.86 -33.76
C ARG L 25 40.46 48.36 -33.62
N GLN L 26 39.44 48.81 -34.35
CA GLN L 26 39.02 50.23 -34.34
C GLN L 26 38.59 50.71 -32.96
N ARG L 27 37.75 49.92 -32.29
CA ARG L 27 37.24 50.26 -30.94
C ARG L 27 38.39 50.28 -29.92
N ILE L 28 39.34 49.35 -30.06
CA ILE L 28 40.55 49.30 -29.22
C ILE L 28 41.44 50.51 -29.48
N LEU L 29 41.86 50.70 -30.74
CA LEU L 29 42.68 51.87 -31.10
C LEU L 29 42.01 53.15 -30.60
N GLU L 30 40.68 53.21 -30.71
CA GLU L 30 39.93 54.37 -30.28
C GLU L 30 40.14 54.57 -28.76
N VAL L 31 39.93 53.53 -27.94
CA VAL L 31 40.13 53.67 -26.47
C VAL L 31 41.60 53.97 -26.14
N GLN L 32 42.53 53.35 -26.88
CA GLN L 32 43.95 53.55 -26.71
C GLN L 32 44.32 55.04 -26.71
N ASP L 33 43.76 55.79 -27.65
CA ASP L 33 44.00 57.23 -27.73
C ASP L 33 43.31 57.98 -26.59
N LYS L 34 42.03 57.74 -26.38
CA LYS L 34 41.30 58.43 -25.32
C LYS L 34 41.90 58.26 -23.92
N ALA L 35 42.30 57.04 -23.57
CA ALA L 35 42.80 56.71 -22.21
C ALA L 35 44.31 56.67 -22.00
N GLY L 36 45.07 56.41 -23.07
CA GLY L 36 46.51 56.30 -22.98
C GLY L 36 46.99 54.86 -22.81
N PHE L 37 46.06 53.93 -22.78
CA PHE L 37 46.34 52.48 -22.64
C PHE L 37 45.02 51.80 -22.94
N VAL L 38 45.07 50.49 -23.20
CA VAL L 38 43.89 49.65 -23.48
C VAL L 38 43.52 48.84 -22.24
N PRO L 39 42.44 49.21 -21.51
CA PRO L 39 41.98 48.42 -20.37
C PRO L 39 41.90 46.96 -20.75
N ASN L 40 42.35 46.10 -19.84
CA ASN L 40 42.46 44.67 -20.12
C ASN L 40 41.16 43.93 -20.49
N VAL L 41 40.01 44.55 -20.21
CA VAL L 41 38.74 43.96 -20.64
C VAL L 41 38.68 43.80 -22.17
N PHE L 42 39.10 44.84 -22.89
CA PHE L 42 39.04 44.83 -24.36
C PHE L 42 39.86 43.70 -24.91
N LEU L 43 41.08 43.58 -24.41
CA LEU L 43 42.07 42.60 -24.91
C LEU L 43 41.74 41.16 -24.59
N THR L 44 41.15 40.96 -23.40
CA THR L 44 40.79 39.65 -22.89
C THR L 44 39.52 39.09 -23.54
N LEU L 45 38.48 39.93 -23.67
CA LEU L 45 37.25 39.50 -24.32
C LEU L 45 37.36 39.33 -25.84
N ALA L 46 38.37 39.97 -26.44
CA ALA L 46 38.64 39.87 -27.88
C ALA L 46 38.91 38.44 -28.32
N HIS L 47 39.22 37.57 -27.35
CA HIS L 47 39.41 36.14 -27.59
C HIS L 47 38.16 35.58 -28.25
N ARG L 48 37.00 36.09 -27.81
CA ARG L 48 35.70 35.71 -28.34
C ARG L 48 35.03 36.96 -28.97
N PRO L 49 35.36 37.26 -30.25
CA PRO L 49 34.88 38.48 -30.94
C PRO L 49 33.37 38.74 -30.99
N ASP L 50 32.55 37.71 -31.13
CA ASP L 50 31.11 37.91 -31.19
C ASP L 50 30.55 38.36 -29.84
N GLU L 51 31.22 37.92 -28.78
CA GLU L 51 30.82 38.25 -27.41
C GLU L 51 31.28 39.68 -27.10
N PHE L 52 32.54 39.97 -27.47
CA PHE L 52 33.12 41.31 -27.39
C PHE L 52 32.10 42.36 -27.88
N ARG L 53 31.64 42.17 -29.11
CA ARG L 53 30.72 43.10 -29.76
C ARG L 53 29.47 43.38 -28.92
N ALA L 54 28.80 42.29 -28.53
CA ALA L 54 27.56 42.34 -27.76
C ALA L 54 27.76 42.92 -26.35
N PHE L 55 28.89 42.55 -25.75
CA PHE L 55 29.29 43.02 -24.43
C PHE L 55 29.39 44.53 -24.43
N PHE L 56 30.14 45.03 -25.40
CA PHE L 56 30.39 46.45 -25.50
C PHE L 56 29.17 47.22 -25.99
N ALA L 57 28.41 46.62 -26.89
CA ALA L 57 27.18 47.22 -27.32
C ALA L 57 26.26 47.39 -26.10
N TYR L 58 26.13 46.37 -25.26
CA TYR L 58 25.22 46.47 -24.09
C TYR L 58 25.78 47.51 -23.12
N HIS L 59 27.09 47.46 -22.92
CA HIS L 59 27.77 48.42 -22.07
C HIS L 59 27.53 49.87 -22.48
N ASP L 60 27.73 50.14 -23.76
CA ASP L 60 27.54 51.46 -24.32
C ASP L 60 26.09 51.88 -24.19
N ALA L 61 25.19 50.95 -24.49
CA ALA L 61 23.76 51.19 -24.43
C ALA L 61 23.25 51.64 -23.05
N LEU L 62 23.95 51.25 -21.97
CA LEU L 62 23.58 51.61 -20.58
C LEU L 62 24.44 52.74 -19.98
N LEU L 64 26.59 54.98 -21.71
CA LEU L 64 26.71 56.18 -22.52
C LEU L 64 25.37 56.91 -22.77
N LYS L 65 24.25 56.19 -22.74
CA LYS L 65 22.94 56.79 -22.99
C LYS L 65 22.70 58.05 -22.16
N ASP L 66 21.78 58.90 -22.62
CA ASP L 66 21.40 60.08 -21.86
C ASP L 66 20.35 59.45 -20.94
N GLY L 67 20.35 59.81 -19.66
CA GLY L 67 19.40 59.21 -18.71
C GLY L 67 19.41 59.94 -17.40
N GLY L 68 18.57 59.50 -16.46
CA GLY L 68 18.47 60.16 -15.14
C GLY L 68 19.66 59.99 -14.22
N LEU L 69 20.39 58.89 -14.36
CA LEU L 69 21.56 58.64 -13.50
C LEU L 69 22.76 59.38 -14.05
N THR L 70 23.50 60.06 -13.18
CA THR L 70 24.67 60.81 -13.63
C THR L 70 25.76 59.81 -14.01
N LYS L 71 26.81 60.25 -14.69
CA LYS L 71 27.91 59.37 -15.08
C LYS L 71 28.55 58.75 -13.82
N GLY L 72 28.76 59.57 -12.81
CA GLY L 72 29.38 59.14 -11.55
C GLY L 72 28.53 58.17 -10.74
N GLU L 73 27.21 58.39 -10.76
CA GLU L 73 26.26 57.52 -10.08
C GLU L 73 26.27 56.14 -10.71
N ARG L 74 26.33 56.08 -12.05
CA ARG L 74 26.37 54.81 -12.77
C ARG L 74 27.56 53.96 -12.36
N GLU L 75 28.72 54.59 -12.19
CA GLU L 75 29.94 53.88 -11.80
C GLU L 75 29.88 53.46 -10.31
N ILE L 77 27.27 52.43 -8.68
CA ILE L 77 26.54 51.17 -8.72
C ILE L 77 27.46 50.03 -9.17
N VAL L 78 28.29 50.27 -10.18
CA VAL L 78 29.18 49.19 -10.62
C VAL L 78 30.11 48.79 -9.46
N VAL L 79 30.74 49.77 -8.82
CA VAL L 79 31.71 49.52 -7.74
C VAL L 79 31.09 48.79 -6.57
N ALA L 80 29.89 49.18 -6.19
CA ALA L 80 29.20 48.58 -5.05
C ALA L 80 28.82 47.13 -5.34
N THR L 81 28.29 46.88 -6.53
CA THR L 81 27.86 45.55 -6.87
C THR L 81 29.03 44.63 -7.21
N SER L 82 30.15 45.19 -7.65
CA SER L 82 31.32 44.38 -8.05
C SER L 82 32.03 43.91 -6.82
N ALA L 83 32.01 44.77 -5.79
CA ALA L 83 32.56 44.45 -4.50
C ALA L 83 31.75 43.30 -3.91
N ALA L 84 30.44 43.36 -4.04
CA ALA L 84 29.55 42.30 -3.54
C ALA L 84 29.83 40.95 -4.15
N ASN L 85 30.34 40.95 -5.39
CA ASN L 85 30.73 39.78 -6.15
C ASN L 85 32.25 39.51 -6.11
N GLN L 86 32.95 40.28 -5.30
CA GLN L 86 34.37 40.15 -5.09
C GLN L 86 35.17 40.11 -6.39
N CYS L 87 34.81 41.03 -7.26
CA CYS L 87 35.40 41.11 -8.57
C CYS L 87 36.49 42.17 -8.59
N LEU L 88 37.73 41.73 -8.47
CA LEU L 88 38.94 42.57 -8.44
C LEU L 88 39.03 43.52 -9.62
N TYR L 89 38.87 42.99 -10.84
CA TYR L 89 38.97 43.83 -12.05
C TYR L 89 37.97 45.01 -12.07
N CYS L 90 36.69 44.74 -11.92
CA CYS L 90 35.69 45.80 -11.99
C CYS L 90 35.67 46.74 -10.83
N VAL L 91 36.05 46.28 -9.63
CA VAL L 91 36.05 47.19 -8.48
C VAL L 91 37.17 48.21 -8.66
N VAL L 92 38.36 47.73 -8.96
CA VAL L 92 39.52 48.60 -9.13
C VAL L 92 39.38 49.56 -10.31
N ALA L 93 38.96 49.02 -11.46
CA ALA L 93 38.81 49.77 -12.70
C ALA L 93 37.74 50.87 -12.64
N HIS L 94 36.57 50.52 -12.15
CA HIS L 94 35.45 51.49 -12.06
C HIS L 94 35.56 52.41 -10.85
N GLY L 95 36.45 52.07 -9.92
CA GLY L 95 36.70 52.91 -8.76
C GLY L 95 37.49 54.07 -9.30
N ALA L 96 38.39 53.77 -10.26
CA ALA L 96 39.23 54.78 -10.89
C ALA L 96 38.34 55.82 -11.54
N ILE L 97 37.42 55.34 -12.38
CA ILE L 97 36.47 56.17 -13.12
C ILE L 97 35.50 56.90 -12.17
N LEU L 98 35.00 56.21 -11.15
CA LEU L 98 34.14 56.85 -10.14
C LEU L 98 34.86 58.06 -9.55
N ARG L 99 36.09 57.88 -9.08
CA ARG L 99 36.86 59.00 -8.50
C ARG L 99 36.96 60.17 -9.45
N ILE L 100 37.16 59.85 -10.73
CA ILE L 100 37.26 60.87 -11.79
C ILE L 100 35.95 61.63 -11.97
N TYR L 101 34.87 60.92 -12.28
CA TYR L 101 33.61 61.61 -12.51
C TYR L 101 33.15 62.38 -11.28
N GLU L 102 33.19 61.77 -10.11
CA GLU L 102 32.75 62.48 -8.88
C GLU L 102 33.76 63.51 -8.39
N LYS L 103 35.01 63.42 -8.86
CA LYS L 103 36.10 64.30 -8.42
C LYS L 103 36.25 64.19 -6.88
N LYS L 104 36.03 62.98 -6.37
CA LYS L 104 36.08 62.62 -4.95
C LYS L 104 37.02 61.43 -4.80
N PRO L 105 38.28 61.70 -4.38
CA PRO L 105 39.26 60.60 -4.31
C PRO L 105 38.99 59.51 -3.27
N LEU L 106 38.15 59.76 -2.28
CA LEU L 106 37.90 58.81 -1.21
C LEU L 106 36.70 57.88 -1.43
N VAL L 107 35.68 58.39 -2.13
CA VAL L 107 34.39 57.73 -2.28
C VAL L 107 34.41 56.33 -2.86
N ALA L 108 35.28 56.03 -3.83
CA ALA L 108 35.32 54.69 -4.41
C ALA L 108 35.71 53.63 -3.37
N ASP L 109 36.76 53.89 -2.59
CA ASP L 109 37.20 52.96 -1.53
C ASP L 109 36.10 52.73 -0.51
N GLN L 110 35.40 53.79 -0.17
CA GLN L 110 34.31 53.73 0.77
C GLN L 110 33.16 52.88 0.22
N VAL L 111 32.80 53.06 -1.04
CA VAL L 111 31.71 52.30 -1.66
C VAL L 111 32.03 50.81 -1.84
N ALA L 112 33.30 50.51 -2.12
CA ALA L 112 33.81 49.14 -2.26
C ALA L 112 33.85 48.36 -0.96
N VAL L 113 34.23 49.04 0.12
CA VAL L 113 34.39 48.42 1.41
C VAL L 113 33.10 48.36 2.18
N ASN L 114 32.34 49.44 2.19
CA ASN L 114 31.06 49.46 2.91
C ASN L 114 30.33 50.72 2.49
N TYR L 115 29.64 50.66 1.37
CA TYR L 115 28.81 51.75 0.90
C TYR L 115 27.95 52.43 1.95
N LEU L 116 27.53 51.72 2.95
CA LEU L 116 26.70 52.33 4.02
C LEU L 116 27.38 53.47 4.76
N LYS L 117 28.70 53.55 4.69
CA LYS L 117 29.45 54.61 5.33
C LYS L 117 30.27 55.44 4.34
N ALA L 118 29.88 55.43 3.07
CA ALA L 118 30.54 56.27 2.06
C ALA L 118 29.99 57.70 2.17
N ASP L 119 30.78 58.66 1.72
CA ASP L 119 30.43 60.10 1.76
C ASP L 119 29.58 60.46 0.56
N ILE L 120 28.35 59.96 0.57
CA ILE L 120 27.37 60.16 -0.48
C ILE L 120 26.06 60.57 0.20
N PRO L 121 25.16 61.27 -0.52
CA PRO L 121 23.87 61.67 0.07
C PRO L 121 22.85 60.53 0.10
N PRO L 122 21.79 60.65 0.90
CA PRO L 122 20.76 59.61 0.99
C PRO L 122 20.17 59.11 -0.32
N ARG L 123 19.90 60.01 -1.25
CA ARG L 123 19.38 59.57 -2.56
C ARG L 123 20.35 58.56 -3.18
N GLN L 124 21.64 58.79 -2.97
CA GLN L 124 22.66 57.87 -3.47
C GLN L 124 22.81 56.57 -2.62
N ARG L 125 22.60 56.64 -1.30
CA ARG L 125 22.63 55.46 -0.46
C ARG L 125 21.49 54.53 -0.93
N ALA L 126 20.29 55.11 -1.04
CA ALA L 126 19.07 54.43 -1.52
C ALA L 126 19.22 53.89 -2.95
N LEU L 128 21.93 52.77 -4.25
CA LEU L 128 22.74 51.56 -4.04
C LEU L 128 22.04 50.42 -3.27
N ASP L 129 21.20 50.77 -2.29
CA ASP L 129 20.42 49.77 -1.58
C ASP L 129 19.59 48.96 -2.56
N PHE L 130 19.01 49.64 -3.55
CA PHE L 130 18.19 48.97 -4.55
C PHE L 130 19.07 48.11 -5.46
N ALA L 131 20.23 48.64 -5.85
CA ALA L 131 21.20 47.91 -6.68
C ALA L 131 21.69 46.61 -6.02
N LEU L 132 22.00 46.69 -4.73
CA LEU L 132 22.40 45.52 -3.99
C LEU L 132 21.27 44.50 -3.89
N LYS L 133 20.02 44.95 -3.78
CA LYS L 133 18.89 44.02 -3.80
C LYS L 133 18.73 43.33 -5.17
N VAL L 134 18.95 44.05 -6.27
CA VAL L 134 18.86 43.43 -7.61
C VAL L 134 20.06 42.50 -7.81
N CYS L 135 21.14 42.86 -7.16
CA CYS L 135 22.35 42.10 -7.27
C CYS L 135 22.21 40.73 -6.60
N LYS L 136 21.77 40.73 -5.33
CA LYS L 136 21.71 39.52 -4.54
C LYS L 136 20.34 38.89 -4.25
N ALA L 137 19.24 39.62 -4.42
CA ALA L 137 17.92 39.10 -4.07
C ALA L 137 16.83 39.68 -4.94
N SER L 138 17.06 39.62 -6.27
CA SER L 138 16.18 40.26 -7.25
C SER L 138 14.83 39.66 -7.36
N HIS L 139 14.70 38.40 -6.96
CA HIS L 139 13.40 37.72 -6.95
C HIS L 139 12.46 38.36 -5.90
N GLU L 140 13.01 39.11 -4.93
CA GLU L 140 12.20 39.77 -3.86
C GLU L 140 11.80 41.21 -4.15
N VAL L 141 12.21 41.72 -5.32
CA VAL L 141 11.94 43.08 -5.73
C VAL L 141 10.43 43.28 -5.80
N ASN L 142 9.96 44.37 -5.23
CA ASN L 142 8.54 44.64 -5.20
C ASN L 142 8.27 46.13 -5.30
N GLU L 143 6.99 46.47 -5.40
CA GLU L 143 6.58 47.87 -5.52
C GLU L 143 7.12 48.82 -4.45
N ALA L 144 7.27 48.36 -3.22
CA ALA L 144 7.85 49.21 -2.18
C ALA L 144 9.31 49.56 -2.48
N ASP L 145 10.00 48.73 -3.27
CA ASP L 145 11.39 49.03 -3.65
C ASP L 145 11.44 50.21 -4.61
N PHE L 146 10.36 50.36 -5.34
CA PHE L 146 10.28 51.41 -6.31
C PHE L 146 9.79 52.68 -5.66
N GLU L 147 8.81 52.55 -4.81
CA GLU L 147 8.28 53.69 -4.08
C GLU L 147 9.42 54.34 -3.27
N ALA L 148 10.31 53.52 -2.73
CA ALA L 148 11.47 53.99 -1.96
C ALA L 148 12.37 54.89 -2.78
N LEU L 149 12.64 54.45 -4.01
CA LEU L 149 13.47 55.20 -4.95
C LEU L 149 12.84 56.51 -5.39
N ARG L 150 11.53 56.47 -5.61
CA ARG L 150 10.78 57.68 -5.95
C ARG L 150 10.77 58.67 -4.79
N GLU L 151 10.62 58.22 -3.55
CA GLU L 151 10.74 59.14 -2.42
C GLU L 151 12.05 59.98 -2.44
N HIS L 152 13.08 59.51 -3.15
CA HIS L 152 14.35 60.25 -3.31
C HIS L 152 14.48 60.88 -4.71
N GLY L 153 13.37 60.95 -5.43
CA GLY L 153 13.31 61.61 -6.70
C GLY L 153 13.56 60.82 -7.96
N PHE L 154 14.00 59.56 -7.85
CA PHE L 154 14.23 58.76 -9.05
C PHE L 154 12.90 58.42 -9.68
N THR L 155 12.91 58.12 -10.97
CA THR L 155 11.73 57.69 -11.70
C THR L 155 11.78 56.18 -11.84
N ASP L 156 10.69 55.56 -12.28
CA ASP L 156 10.72 54.11 -12.51
C ASP L 156 11.68 53.82 -13.67
N GLU L 157 11.92 54.81 -14.52
CA GLU L 157 12.88 54.64 -15.60
C GLU L 157 14.31 54.72 -15.06
N ASP L 158 14.51 55.43 -13.94
CA ASP L 158 15.82 55.45 -13.29
C ASP L 158 16.05 54.10 -12.61
N ALA L 159 14.96 53.53 -12.07
CA ALA L 159 15.03 52.23 -11.39
C ALA L 159 15.47 51.17 -12.37
N TRP L 160 14.86 51.20 -13.55
CA TRP L 160 15.21 50.27 -14.64
C TRP L 160 16.68 50.42 -14.89
N ASP L 161 17.14 51.66 -14.97
CA ASP L 161 18.55 51.98 -15.25
C ASP L 161 19.56 51.38 -14.25
N ILE L 162 19.24 51.56 -12.97
CA ILE L 162 20.01 51.05 -11.85
C ILE L 162 20.03 49.54 -11.88
N ALA L 163 18.87 48.96 -12.14
CA ALA L 163 18.76 47.53 -12.21
C ALA L 163 19.50 47.00 -13.41
N ALA L 164 19.35 47.67 -14.55
CA ALA L 164 19.99 47.20 -15.81
C ALA L 164 21.52 47.22 -15.74
N ILE L 165 22.07 48.20 -15.04
CA ILE L 165 23.52 48.33 -14.86
C ILE L 165 24.02 47.19 -13.99
N THR L 166 23.29 46.95 -12.89
CA THR L 166 23.57 45.90 -11.96
C THR L 166 23.52 44.54 -12.65
N ALA L 167 22.45 44.32 -13.39
CA ALA L 167 22.30 43.09 -14.17
C ALA L 167 23.47 42.92 -15.11
N PHE L 168 23.88 43.97 -15.81
CA PHE L 168 24.96 43.81 -16.81
C PHE L 168 26.30 43.60 -16.14
N PHE L 169 26.57 44.37 -15.09
CA PHE L 169 27.85 44.22 -14.41
C PHE L 169 27.98 42.95 -13.58
N GLY L 170 26.86 42.24 -13.34
CA GLY L 170 26.96 40.85 -12.84
C GLY L 170 27.56 39.96 -13.98
N LEU L 171 27.09 40.16 -15.20
CA LEU L 171 27.64 39.38 -16.34
C LEU L 171 29.15 39.64 -16.46
N SER L 172 29.53 40.91 -16.43
CA SER L 172 30.93 41.30 -16.48
C SER L 172 31.71 40.70 -15.31
N ASN L 173 31.20 40.94 -14.09
CA ASN L 173 31.82 40.37 -12.88
C ASN L 173 32.09 38.88 -13.01
N ARG L 174 31.12 38.11 -13.47
CA ARG L 174 31.29 36.66 -13.58
C ARG L 174 32.28 36.25 -14.65
N ALA L 176 34.90 38.27 -15.72
CA ALA L 176 36.20 38.69 -15.23
C ALA L 176 36.70 37.73 -14.18
N ASN L 177 35.83 37.38 -13.20
CA ASN L 177 36.21 36.43 -12.15
C ASN L 177 36.56 35.05 -12.73
N THR L 178 35.72 34.54 -13.63
CA THR L 178 35.99 33.24 -14.24
C THR L 178 37.30 33.16 -15.02
N ILE L 179 37.62 34.18 -15.81
CA ILE L 179 38.85 34.12 -16.65
C ILE L 179 40.07 34.78 -16.02
N GLY L 180 39.92 35.32 -14.81
CA GLY L 180 41.02 35.93 -14.10
C GLY L 180 41.54 37.22 -14.73
N ARG L 182 42.76 40.72 -15.11
CA ARG L 182 43.61 41.55 -14.26
C ARG L 182 43.44 43.03 -14.57
N PRO L 183 43.10 43.85 -13.55
CA PRO L 183 42.96 45.28 -13.77
C PRO L 183 44.31 45.94 -13.99
N ASN L 184 44.37 46.84 -14.98
CA ASN L 184 45.61 47.52 -15.35
C ASN L 184 46.17 48.34 -14.21
N ASP L 185 47.49 48.42 -14.10
CA ASP L 185 48.16 49.21 -13.06
C ASP L 185 47.68 50.66 -12.98
N GLU L 186 47.39 51.24 -14.15
CA GLU L 186 46.88 52.62 -14.28
C GLU L 186 45.66 52.90 -13.38
N PHE L 187 44.72 51.96 -13.38
CA PHE L 187 43.51 52.11 -12.59
C PHE L 187 43.73 52.24 -11.08
N PHE L 188 44.82 51.67 -10.56
CA PHE L 188 45.05 51.67 -9.14
C PHE L 188 45.32 53.03 -8.54
N LEU L 189 45.99 53.90 -9.29
CA LEU L 189 46.35 55.26 -8.82
C LEU L 189 45.49 56.38 -9.41
N GLY L 191 42.83 59.04 -10.43
CA GLY L 191 41.78 59.75 -9.71
C GLY L 191 41.97 60.06 -8.24
N ARG L 192 43.10 59.67 -7.70
CA ARG L 192 43.40 59.84 -6.27
C ARG L 192 44.04 61.18 -5.92
N VAL L 193 44.75 61.75 -6.90
CA VAL L 193 45.39 63.05 -6.77
C VAL L 193 44.46 64.05 -7.48
N PRO L 194 43.73 64.89 -6.73
CA PRO L 194 42.77 65.76 -7.42
C PRO L 194 43.42 67.00 -8.06
#